data_4HAE
# 
_entry.id   4HAE 
# 
_audit_conform.dict_name       mmcif_pdbx.dic 
_audit_conform.dict_version    5.397 
_audit_conform.dict_location   http://mmcif.pdb.org/dictionaries/ascii/mmcif_pdbx.dic 
# 
loop_
_database_2.database_id 
_database_2.database_code 
_database_2.pdbx_database_accession 
_database_2.pdbx_DOI 
PDB   4HAE         pdb_00004hae 10.2210/pdb4hae/pdb 
RCSB  RCSB075220   ?            ?                   
WWPDB D_1000075220 ?            ?                   
# 
loop_
_pdbx_audit_revision_history.ordinal 
_pdbx_audit_revision_history.data_content_type 
_pdbx_audit_revision_history.major_revision 
_pdbx_audit_revision_history.minor_revision 
_pdbx_audit_revision_history.revision_date 
1 'Structure model' 1 0 2012-10-10 
2 'Structure model' 1 1 2017-11-15 
3 'Structure model' 1 2 2023-09-20 
4 'Structure model' 1 3 2024-10-30 
# 
_pdbx_audit_revision_details.ordinal             1 
_pdbx_audit_revision_details.revision_ordinal    1 
_pdbx_audit_revision_details.data_content_type   'Structure model' 
_pdbx_audit_revision_details.provider            repository 
_pdbx_audit_revision_details.type                'Initial release' 
_pdbx_audit_revision_details.description         ? 
_pdbx_audit_revision_details.details             ? 
# 
loop_
_pdbx_audit_revision_group.ordinal 
_pdbx_audit_revision_group.revision_ordinal 
_pdbx_audit_revision_group.data_content_type 
_pdbx_audit_revision_group.group 
1 2 'Structure model' 'Refinement description' 
2 3 'Structure model' 'Data collection'        
3 3 'Structure model' 'Database references'    
4 3 'Structure model' 'Derived calculations'   
5 3 'Structure model' 'Refinement description' 
6 4 'Structure model' 'Structure summary'      
# 
loop_
_pdbx_audit_revision_category.ordinal 
_pdbx_audit_revision_category.revision_ordinal 
_pdbx_audit_revision_category.data_content_type 
_pdbx_audit_revision_category.category 
1 2 'Structure model' software                      
2 3 'Structure model' chem_comp_atom                
3 3 'Structure model' chem_comp_bond                
4 3 'Structure model' database_2                    
5 3 'Structure model' pdbx_initial_refinement_model 
6 3 'Structure model' struct_ref_seq_dif            
7 3 'Structure model' struct_site                   
8 4 'Structure model' pdbx_entry_details            
9 4 'Structure model' pdbx_modification_feature     
# 
loop_
_pdbx_audit_revision_item.ordinal 
_pdbx_audit_revision_item.revision_ordinal 
_pdbx_audit_revision_item.data_content_type 
_pdbx_audit_revision_item.item 
1 3 'Structure model' '_database_2.pdbx_DOI'                
2 3 'Structure model' '_database_2.pdbx_database_accession' 
3 3 'Structure model' '_struct_ref_seq_dif.details'         
4 3 'Structure model' '_struct_site.pdbx_auth_asym_id'      
5 3 'Structure model' '_struct_site.pdbx_auth_comp_id'      
6 3 'Structure model' '_struct_site.pdbx_auth_seq_id'       
# 
_pdbx_database_status.entry_id                        4HAE 
_pdbx_database_status.status_code                     REL 
_pdbx_database_status.deposit_site                    RCSB 
_pdbx_database_status.process_site                    RCSB 
_pdbx_database_status.recvd_initial_deposition_date   2012-09-26 
_pdbx_database_status.status_code_sf                  REL 
_pdbx_database_status.status_code_mr                  ? 
_pdbx_database_status.SG_entry                        Y 
_pdbx_database_status.status_code_cs                  ? 
_pdbx_database_status.methods_development_category    ? 
_pdbx_database_status.pdb_format_compatible           Y 
_pdbx_database_status.status_code_nmr_data            ? 
# 
loop_
_audit_author.name 
_audit_author.pdbx_ordinal 
'Qin, S.'                              1  
'Dombrovski, L.'                       2  
'Tempel, W.'                           3  
'Dong, A.'                             4  
'Xu, C.'                               5  
'Bountra, C.'                          6  
'Arrowsmith, C.H.'                     7  
'Edwards, A.M.'                        8  
'Min, J.'                              9  
'Wu, H.'                               10 
'Structural Genomics Consortium (SGC)' 11 
# 
_citation.id                        primary 
_citation.title                     'Crystal structure of the CDYL2-chromodomain' 
_citation.journal_abbrev            'To be Published' 
_citation.journal_volume            ? 
_citation.page_first                ? 
_citation.page_last                 ? 
_citation.year                      ? 
_citation.journal_id_ASTM           ? 
_citation.country                   ? 
_citation.journal_id_ISSN           ? 
_citation.journal_id_CSD            0353 
_citation.book_publisher            ? 
_citation.pdbx_database_id_PubMed   ? 
_citation.pdbx_database_id_DOI      ? 
# 
loop_
_citation_author.citation_id 
_citation_author.name 
_citation_author.ordinal 
_citation_author.identifier_ORCID 
primary 'Qin, S.'          1  ? 
primary 'Dombrovski, L.'   2  ? 
primary 'Tempel, W.'       3  ? 
primary 'Dong, A.'         4  ? 
primary 'Xu, C.'           5  ? 
primary 'Bountra, C.'      6  ? 
primary 'Arrowsmith, C.H.' 7  ? 
primary 'Edwards, A.M.'    8  ? 
primary 'Min, J.'          9  ? 
primary 'Wu, H.'           10 ? 
# 
loop_
_entity.id 
_entity.type 
_entity.src_method 
_entity.pdbx_description 
_entity.formula_weight 
_entity.pdbx_number_of_molecules 
_entity.pdbx_ec 
_entity.pdbx_mutation 
_entity.pdbx_fragment 
_entity.details 
1 polymer     man 'Chromodomain Y-like protein 2' 9838.924 1  ? ? ? ? 
2 non-polymer syn 'SULFATE ION'                   96.063   1  ? ? ? ? 
3 non-polymer syn 'UNKNOWN ATOM OR ION'           ?        7  ? ? ? ? 
4 water       nat water                           18.015   22 ? ? ? ? 
# 
_entity_name_com.entity_id   1 
_entity_name_com.name        'CDY-like 2' 
# 
_entity_poly.entity_id                      1 
_entity_poly.type                           'polypeptide(L)' 
_entity_poly.nstd_linkage                   no 
_entity_poly.nstd_monomer                   no 
_entity_poly.pdbx_seq_one_letter_code       
;MHHHHHHSSGRENLYFQGASGDLYEVERIVDKRKNKKGKWEYLIRWKGYGSTEDTWEPEHHLLHCEEFIDEFNGLHMSKD
K
;
_entity_poly.pdbx_seq_one_letter_code_can   
;MHHHHHHSSGRENLYFQGASGDLYEVERIVDKRKNKKGKWEYLIRWKGYGSTEDTWEPEHHLLHCEEFIDEFNGLHMSKD
K
;
_entity_poly.pdbx_strand_id                 A 
_entity_poly.pdbx_target_identifier         ? 
# 
loop_
_pdbx_entity_nonpoly.entity_id 
_pdbx_entity_nonpoly.name 
_pdbx_entity_nonpoly.comp_id 
2 'SULFATE ION'         SO4 
3 'UNKNOWN ATOM OR ION' UNX 
4 water                 HOH 
# 
loop_
_entity_poly_seq.entity_id 
_entity_poly_seq.num 
_entity_poly_seq.mon_id 
_entity_poly_seq.hetero 
1 1  MET n 
1 2  HIS n 
1 3  HIS n 
1 4  HIS n 
1 5  HIS n 
1 6  HIS n 
1 7  HIS n 
1 8  SER n 
1 9  SER n 
1 10 GLY n 
1 11 ARG n 
1 12 GLU n 
1 13 ASN n 
1 14 LEU n 
1 15 TYR n 
1 16 PHE n 
1 17 GLN n 
1 18 GLY n 
1 19 ALA n 
1 20 SER n 
1 21 GLY n 
1 22 ASP n 
1 23 LEU n 
1 24 TYR n 
1 25 GLU n 
1 26 VAL n 
1 27 GLU n 
1 28 ARG n 
1 29 ILE n 
1 30 VAL n 
1 31 ASP n 
1 32 LYS n 
1 33 ARG n 
1 34 LYS n 
1 35 ASN n 
1 36 LYS n 
1 37 LYS n 
1 38 GLY n 
1 39 LYS n 
1 40 TRP n 
1 41 GLU n 
1 42 TYR n 
1 43 LEU n 
1 44 ILE n 
1 45 ARG n 
1 46 TRP n 
1 47 LYS n 
1 48 GLY n 
1 49 TYR n 
1 50 GLY n 
1 51 SER n 
1 52 THR n 
1 53 GLU n 
1 54 ASP n 
1 55 THR n 
1 56 TRP n 
1 57 GLU n 
1 58 PRO n 
1 59 GLU n 
1 60 HIS n 
1 61 HIS n 
1 62 LEU n 
1 63 LEU n 
1 64 HIS n 
1 65 CYS n 
1 66 GLU n 
1 67 GLU n 
1 68 PHE n 
1 69 ILE n 
1 70 ASP n 
1 71 GLU n 
1 72 PHE n 
1 73 ASN n 
1 74 GLY n 
1 75 LEU n 
1 76 HIS n 
1 77 MET n 
1 78 SER n 
1 79 LYS n 
1 80 ASP n 
1 81 LYS n 
# 
_entity_src_gen.entity_id                          1 
_entity_src_gen.pdbx_src_id                        1 
_entity_src_gen.pdbx_alt_source_flag               sample 
_entity_src_gen.pdbx_seq_type                      ? 
_entity_src_gen.pdbx_beg_seq_num                   ? 
_entity_src_gen.pdbx_end_seq_num                   ? 
_entity_src_gen.gene_src_common_name               human 
_entity_src_gen.gene_src_genus                     ? 
_entity_src_gen.pdbx_gene_src_gene                 CDYL2 
_entity_src_gen.gene_src_species                   ? 
_entity_src_gen.gene_src_strain                    ? 
_entity_src_gen.gene_src_tissue                    ? 
_entity_src_gen.gene_src_tissue_fraction           ? 
_entity_src_gen.gene_src_details                   ? 
_entity_src_gen.pdbx_gene_src_fragment             ? 
_entity_src_gen.pdbx_gene_src_scientific_name      'Homo sapiens' 
_entity_src_gen.pdbx_gene_src_ncbi_taxonomy_id     9606 
_entity_src_gen.pdbx_gene_src_variant              ? 
_entity_src_gen.pdbx_gene_src_cell_line            ? 
_entity_src_gen.pdbx_gene_src_atcc                 ? 
_entity_src_gen.pdbx_gene_src_organ                ? 
_entity_src_gen.pdbx_gene_src_organelle            ? 
_entity_src_gen.pdbx_gene_src_cell                 ? 
_entity_src_gen.pdbx_gene_src_cellular_location    ? 
_entity_src_gen.host_org_common_name               ? 
_entity_src_gen.pdbx_host_org_scientific_name      'Escherichia coli' 
_entity_src_gen.pdbx_host_org_ncbi_taxonomy_id     469008 
_entity_src_gen.host_org_genus                     ? 
_entity_src_gen.pdbx_host_org_gene                 ? 
_entity_src_gen.pdbx_host_org_organ                ? 
_entity_src_gen.host_org_species                   ? 
_entity_src_gen.pdbx_host_org_tissue               ? 
_entity_src_gen.pdbx_host_org_tissue_fraction      ? 
_entity_src_gen.pdbx_host_org_strain               'BL21(DE3)-V2R-pRARE2' 
_entity_src_gen.pdbx_host_org_variant              ? 
_entity_src_gen.pdbx_host_org_cell_line            ? 
_entity_src_gen.pdbx_host_org_atcc                 ? 
_entity_src_gen.pdbx_host_org_culture_collection   ? 
_entity_src_gen.pdbx_host_org_cell                 ? 
_entity_src_gen.pdbx_host_org_organelle            ? 
_entity_src_gen.pdbx_host_org_cellular_location    ? 
_entity_src_gen.pdbx_host_org_vector_type          plasmid 
_entity_src_gen.pdbx_host_org_vector               ? 
_entity_src_gen.host_org_details                   ? 
_entity_src_gen.expression_system_id               ? 
_entity_src_gen.plasmid_name                       pET28-MHL 
_entity_src_gen.plasmid_details                    ? 
_entity_src_gen.pdbx_description                   ? 
# 
loop_
_chem_comp.id 
_chem_comp.type 
_chem_comp.mon_nstd_flag 
_chem_comp.name 
_chem_comp.pdbx_synonyms 
_chem_comp.formula 
_chem_comp.formula_weight 
ALA 'L-peptide linking' y ALANINE               ? 'C3 H7 N O2'     89.093  
ARG 'L-peptide linking' y ARGININE              ? 'C6 H15 N4 O2 1' 175.209 
ASN 'L-peptide linking' y ASPARAGINE            ? 'C4 H8 N2 O3'    132.118 
ASP 'L-peptide linking' y 'ASPARTIC ACID'       ? 'C4 H7 N O4'     133.103 
CYS 'L-peptide linking' y CYSTEINE              ? 'C3 H7 N O2 S'   121.158 
GLN 'L-peptide linking' y GLUTAMINE             ? 'C5 H10 N2 O3'   146.144 
GLU 'L-peptide linking' y 'GLUTAMIC ACID'       ? 'C5 H9 N O4'     147.129 
GLY 'peptide linking'   y GLYCINE               ? 'C2 H5 N O2'     75.067  
HIS 'L-peptide linking' y HISTIDINE             ? 'C6 H10 N3 O2 1' 156.162 
HOH non-polymer         . WATER                 ? 'H2 O'           18.015  
ILE 'L-peptide linking' y ISOLEUCINE            ? 'C6 H13 N O2'    131.173 
LEU 'L-peptide linking' y LEUCINE               ? 'C6 H13 N O2'    131.173 
LYS 'L-peptide linking' y LYSINE                ? 'C6 H15 N2 O2 1' 147.195 
MET 'L-peptide linking' y METHIONINE            ? 'C5 H11 N O2 S'  149.211 
PHE 'L-peptide linking' y PHENYLALANINE         ? 'C9 H11 N O2'    165.189 
PRO 'L-peptide linking' y PROLINE               ? 'C5 H9 N O2'     115.130 
SER 'L-peptide linking' y SERINE                ? 'C3 H7 N O3'     105.093 
SO4 non-polymer         . 'SULFATE ION'         ? 'O4 S -2'        96.063  
THR 'L-peptide linking' y THREONINE             ? 'C4 H9 N O3'     119.119 
TRP 'L-peptide linking' y TRYPTOPHAN            ? 'C11 H12 N2 O2'  204.225 
TYR 'L-peptide linking' y TYROSINE              ? 'C9 H11 N O3'    181.189 
UNX non-polymer         . 'UNKNOWN ATOM OR ION' ? ?                ?       
VAL 'L-peptide linking' y VALINE                ? 'C5 H11 N O2'    117.146 
# 
loop_
_pdbx_poly_seq_scheme.asym_id 
_pdbx_poly_seq_scheme.entity_id 
_pdbx_poly_seq_scheme.seq_id 
_pdbx_poly_seq_scheme.mon_id 
_pdbx_poly_seq_scheme.ndb_seq_num 
_pdbx_poly_seq_scheme.pdb_seq_num 
_pdbx_poly_seq_scheme.auth_seq_num 
_pdbx_poly_seq_scheme.pdb_mon_id 
_pdbx_poly_seq_scheme.auth_mon_id 
_pdbx_poly_seq_scheme.pdb_strand_id 
_pdbx_poly_seq_scheme.pdb_ins_code 
_pdbx_poly_seq_scheme.hetero 
A 1 1  MET 1  -16 ?  ?   ?   A . n 
A 1 2  HIS 2  -15 ?  ?   ?   A . n 
A 1 3  HIS 3  -14 ?  ?   ?   A . n 
A 1 4  HIS 4  -13 ?  ?   ?   A . n 
A 1 5  HIS 5  -12 ?  ?   ?   A . n 
A 1 6  HIS 6  -11 ?  ?   ?   A . n 
A 1 7  HIS 7  -10 ?  ?   ?   A . n 
A 1 8  SER 8  -9  ?  ?   ?   A . n 
A 1 9  SER 9  -8  ?  ?   ?   A . n 
A 1 10 GLY 10 -7  ?  ?   ?   A . n 
A 1 11 ARG 11 -6  ?  ?   ?   A . n 
A 1 12 GLU 12 -5  -5 GLU GLU A . n 
A 1 13 ASN 13 -4  -4 ASN ASN A . n 
A 1 14 LEU 14 -3  -3 LEU LEU A . n 
A 1 15 TYR 15 -2  -2 TYR TYR A . n 
A 1 16 PHE 16 -1  -1 PHE PHE A . n 
A 1 17 GLN 17 0   0  GLN GLN A . n 
A 1 18 GLY 18 1   1  GLY GLY A . n 
A 1 19 ALA 19 2   2  ALA ALA A . n 
A 1 20 SER 20 3   3  SER SER A . n 
A 1 21 GLY 21 4   4  GLY GLY A . n 
A 1 22 ASP 22 5   5  ASP ASP A . n 
A 1 23 LEU 23 6   6  LEU LEU A . n 
A 1 24 TYR 24 7   7  TYR TYR A . n 
A 1 25 GLU 25 8   8  GLU GLU A . n 
A 1 26 VAL 26 9   9  VAL VAL A . n 
A 1 27 GLU 27 10  10 GLU GLU A . n 
A 1 28 ARG 28 11  11 ARG ARG A . n 
A 1 29 ILE 29 12  12 ILE ILE A . n 
A 1 30 VAL 30 13  13 VAL VAL A . n 
A 1 31 ASP 31 14  14 ASP ASP A . n 
A 1 32 LYS 32 15  15 LYS LYS A . n 
A 1 33 ARG 33 16  16 ARG ARG A . n 
A 1 34 LYS 34 17  17 LYS LYS A . n 
A 1 35 ASN 35 18  18 ASN ASN A . n 
A 1 36 LYS 36 19  19 LYS LYS A . n 
A 1 37 LYS 37 20  20 LYS LYS A . n 
A 1 38 GLY 38 21  21 GLY GLY A . n 
A 1 39 LYS 39 22  22 LYS LYS A . n 
A 1 40 TRP 40 23  23 TRP TRP A . n 
A 1 41 GLU 41 24  24 GLU GLU A . n 
A 1 42 TYR 42 25  25 TYR TYR A . n 
A 1 43 LEU 43 26  26 LEU LEU A . n 
A 1 44 ILE 44 27  27 ILE ILE A . n 
A 1 45 ARG 45 28  28 ARG ARG A . n 
A 1 46 TRP 46 29  29 TRP TRP A . n 
A 1 47 LYS 47 30  30 LYS LYS A . n 
A 1 48 GLY 48 31  31 GLY GLY A . n 
A 1 49 TYR 49 32  32 TYR TYR A . n 
A 1 50 GLY 50 33  33 GLY GLY A . n 
A 1 51 SER 51 34  34 SER SER A . n 
A 1 52 THR 52 35  35 THR THR A . n 
A 1 53 GLU 53 36  36 GLU GLU A . n 
A 1 54 ASP 54 37  37 ASP ASP A . n 
A 1 55 THR 55 38  38 THR THR A . n 
A 1 56 TRP 56 39  39 TRP TRP A . n 
A 1 57 GLU 57 40  40 GLU GLU A . n 
A 1 58 PRO 58 41  41 PRO PRO A . n 
A 1 59 GLU 59 42  42 GLU GLU A . n 
A 1 60 HIS 60 43  43 HIS HIS A . n 
A 1 61 HIS 61 44  44 HIS HIS A . n 
A 1 62 LEU 62 45  45 LEU LEU A . n 
A 1 63 LEU 63 46  46 LEU LEU A . n 
A 1 64 HIS 64 47  47 HIS HIS A . n 
A 1 65 CYS 65 48  48 CYS CYS A . n 
A 1 66 GLU 66 49  49 GLU GLU A . n 
A 1 67 GLU 67 50  50 GLU GLU A . n 
A 1 68 PHE 68 51  51 PHE PHE A . n 
A 1 69 ILE 69 52  52 ILE ILE A . n 
A 1 70 ASP 70 53  53 ASP ASP A . n 
A 1 71 GLU 71 54  54 GLU GLU A . n 
A 1 72 PHE 72 55  55 PHE PHE A . n 
A 1 73 ASN 73 56  56 ASN ASN A . n 
A 1 74 GLY 74 57  57 GLY GLY A . n 
A 1 75 LEU 75 58  58 LEU LEU A . n 
A 1 76 HIS 76 59  59 HIS HIS A . n 
A 1 77 MET 77 60  60 MET MET A . n 
A 1 78 SER 78 61  ?  ?   ?   A . n 
A 1 79 LYS 79 62  ?  ?   ?   A . n 
A 1 80 ASP 80 63  ?  ?   ?   A . n 
A 1 81 LYS 81 64  ?  ?   ?   A . n 
# 
loop_
_pdbx_nonpoly_scheme.asym_id 
_pdbx_nonpoly_scheme.entity_id 
_pdbx_nonpoly_scheme.mon_id 
_pdbx_nonpoly_scheme.ndb_seq_num 
_pdbx_nonpoly_scheme.pdb_seq_num 
_pdbx_nonpoly_scheme.auth_seq_num 
_pdbx_nonpoly_scheme.pdb_mon_id 
_pdbx_nonpoly_scheme.auth_mon_id 
_pdbx_nonpoly_scheme.pdb_strand_id 
_pdbx_nonpoly_scheme.pdb_ins_code 
B 2 SO4 1  101 1  SO4 SO4 A . 
C 3 UNX 1  102 1  UNX UNX A . 
D 3 UNX 1  103 3  UNX UNX A . 
E 3 UNX 1  104 4  UNX UNX A . 
F 3 UNX 1  105 6  UNX UNX A . 
G 3 UNX 1  106 7  UNX UNX A . 
H 3 UNX 1  107 8  UNX UNX A . 
I 3 UNX 1  108 9  UNX UNX A . 
J 4 HOH 1  201 1  HOH HOH A . 
J 4 HOH 2  202 2  HOH HOH A . 
J 4 HOH 3  203 3  HOH HOH A . 
J 4 HOH 4  204 5  HOH HOH A . 
J 4 HOH 5  205 6  HOH HOH A . 
J 4 HOH 6  206 7  HOH HOH A . 
J 4 HOH 7  207 8  HOH HOH A . 
J 4 HOH 8  208 9  HOH HOH A . 
J 4 HOH 9  209 10 HOH HOH A . 
J 4 HOH 10 210 11 HOH HOH A . 
J 4 HOH 11 211 13 HOH HOH A . 
J 4 HOH 12 212 14 HOH HOH A . 
J 4 HOH 13 213 15 HOH HOH A . 
J 4 HOH 14 214 16 HOH HOH A . 
J 4 HOH 15 215 17 HOH HOH A . 
J 4 HOH 16 216 18 HOH HOH A . 
J 4 HOH 17 217 19 HOH HOH A . 
J 4 HOH 18 218 20 HOH HOH A . 
J 4 HOH 19 219 21 HOH HOH A . 
J 4 HOH 20 220 22 HOH HOH A . 
J 4 HOH 21 221 23 HOH HOH A . 
J 4 HOH 22 222 25 HOH HOH A . 
# 
loop_
_pdbx_unobs_or_zero_occ_atoms.id 
_pdbx_unobs_or_zero_occ_atoms.PDB_model_num 
_pdbx_unobs_or_zero_occ_atoms.polymer_flag 
_pdbx_unobs_or_zero_occ_atoms.occupancy_flag 
_pdbx_unobs_or_zero_occ_atoms.auth_asym_id 
_pdbx_unobs_or_zero_occ_atoms.auth_comp_id 
_pdbx_unobs_or_zero_occ_atoms.auth_seq_id 
_pdbx_unobs_or_zero_occ_atoms.PDB_ins_code 
_pdbx_unobs_or_zero_occ_atoms.auth_atom_id 
_pdbx_unobs_or_zero_occ_atoms.label_alt_id 
_pdbx_unobs_or_zero_occ_atoms.label_asym_id 
_pdbx_unobs_or_zero_occ_atoms.label_comp_id 
_pdbx_unobs_or_zero_occ_atoms.label_seq_id 
_pdbx_unobs_or_zero_occ_atoms.label_atom_id 
1  1 Y 1 A GLU -5 ? CG  ? A GLU 12 CG  
2  1 Y 1 A GLU -5 ? CD  ? A GLU 12 CD  
3  1 Y 1 A GLU -5 ? OE1 ? A GLU 12 OE1 
4  1 Y 1 A GLU -5 ? OE2 ? A GLU 12 OE2 
5  1 Y 1 A LYS 20 ? CE  ? A LYS 37 CE  
6  1 Y 1 A LYS 20 ? NZ  ? A LYS 37 NZ  
7  1 Y 1 A LYS 22 ? CE  ? A LYS 39 CE  
8  1 Y 1 A LYS 22 ? NZ  ? A LYS 39 NZ  
9  1 Y 1 A LYS 30 ? CE  ? A LYS 47 CE  
10 1 Y 1 A LYS 30 ? NZ  ? A LYS 47 NZ  
11 1 Y 1 A LEU 45 ? CD1 ? A LEU 62 CD1 
12 1 Y 1 A LEU 45 ? CD2 ? A LEU 62 CD2 
13 1 Y 1 A GLU 49 ? CG  ? A GLU 66 CG  
14 1 Y 1 A GLU 49 ? CD  ? A GLU 66 CD  
15 1 Y 1 A GLU 49 ? OE1 ? A GLU 66 OE1 
16 1 Y 1 A GLU 49 ? OE2 ? A GLU 66 OE2 
17 1 Y 1 A GLU 54 ? CG  ? A GLU 71 CG  
18 1 Y 1 A GLU 54 ? CD  ? A GLU 71 CD  
19 1 Y 1 A GLU 54 ? OE1 ? A GLU 71 OE1 
20 1 Y 1 A GLU 54 ? OE2 ? A GLU 71 OE2 
21 1 Y 1 A PHE 55 ? CD1 ? A PHE 72 CD1 
22 1 Y 1 A PHE 55 ? CD2 ? A PHE 72 CD2 
23 1 Y 1 A PHE 55 ? CE1 ? A PHE 72 CE1 
24 1 Y 1 A PHE 55 ? CE2 ? A PHE 72 CE2 
25 1 Y 1 A PHE 55 ? CZ  ? A PHE 72 CZ  
26 1 Y 1 A ASN 56 ? CG  ? A ASN 73 CG  
27 1 Y 1 A ASN 56 ? OD1 ? A ASN 73 OD1 
28 1 Y 1 A ASN 56 ? ND2 ? A ASN 73 ND2 
29 1 Y 1 A MET 60 ? CG  ? A MET 77 CG  
30 1 Y 1 A MET 60 ? SD  ? A MET 77 SD  
31 1 Y 1 A MET 60 ? CE  ? A MET 77 CE  
# 
loop_
_software.pdbx_ordinal 
_software.name 
_software.version 
_software.date 
_software.type 
_software.contact_author 
_software.contact_author_email 
_software.classification 
_software.location 
_software.language 
_software.citation_id 
1 DENZO       .        ?                package 'Zbyszek Otwinowski' hkl@hkl-xray.com            'data reduction'  
http://www.hkl-xray.com/                     ?          ? 
2 SCALEPACK   .        ?                package 'Zbyszek Otwinowski' hkl@hkl-xray.com            'data scaling'    
http://www.hkl-xray.com/                     ?          ? 
3 PHASER      .        ?                program 'Randy J. Read'      cimr-phaser@lists.cam.ac.uk phasing           
http://www-structmed.cimr.cam.ac.uk/phaser/  ?          ? 
4 REFMAC      5.7.0027 ?                program 'Garib N. Murshudov' garib@ysbl.york.ac.uk       refinement        
http://www.ccp4.ac.uk/dist/html/refmac5.html Fortran_77 ? 
5 PDB_EXTRACT 3.11     'August 3, 2011' package PDB                  deposit@deposit.rcsb.org    'data extraction' 
http://sw-tools.pdb.org/apps/PDB_EXTRACT/    C++        ? 
# 
_cell.entry_id           4HAE 
_cell.length_a           60.358 
_cell.length_b           60.358 
_cell.length_c           89.896 
_cell.angle_alpha        90.000 
_cell.angle_beta         90.000 
_cell.angle_gamma        120.000 
_cell.pdbx_unique_axis   ? 
_cell.Z_PDB              12 
_cell.length_a_esd       ? 
_cell.length_b_esd       ? 
_cell.length_c_esd       ? 
_cell.angle_alpha_esd    ? 
_cell.angle_beta_esd     ? 
_cell.angle_gamma_esd    ? 
# 
_symmetry.entry_id                         4HAE 
_symmetry.space_group_name_H-M             'P 61 2 2' 
_symmetry.Int_Tables_number                178 
_symmetry.pdbx_full_space_group_name_H-M   ? 
_symmetry.cell_setting                     ? 
_symmetry.space_group_name_Hall            ? 
# 
_exptl.crystals_number   1 
_exptl.entry_id          4HAE 
_exptl.method            'X-RAY DIFFRACTION' 
# 
_exptl_crystal.id                    1 
_exptl_crystal.density_percent_sol   48.80 
_exptl_crystal.density_Matthews      2.40 
_exptl_crystal.density_meas          ? 
_exptl_crystal.description           ? 
_exptl_crystal.F_000                 ? 
_exptl_crystal.preparation           ? 
# 
_exptl_crystal_grow.crystal_id      1 
_exptl_crystal_grow.method          'VAPOR DIFFUSION, SITTING DROP' 
_exptl_crystal_grow.pH              8.5 
_exptl_crystal_grow.temp            291 
_exptl_crystal_grow.pdbx_details    
'25% PEG3350, 0.2M magnesium chloride, 0.1M TRIS, pH 8.5, vapor diffusion, sitting drop, temperature 291K' 
_exptl_crystal_grow.temp_details    ? 
_exptl_crystal_grow.pdbx_pH_range   ? 
# 
_diffrn.id                     1 
_diffrn.ambient_temp           100 
_diffrn.ambient_temp_details   ? 
_diffrn.crystal_id             1 
# 
_diffrn_detector.diffrn_id              1 
_diffrn_detector.detector               CCD 
_diffrn_detector.type                   ? 
_diffrn_detector.pdbx_collection_date   2012-07-29 
_diffrn_detector.details                ? 
# 
_diffrn_radiation.diffrn_id                        1 
_diffrn_radiation.pdbx_diffrn_protocol             'SINGLE WAVELENGTH' 
_diffrn_radiation.monochromator                    ? 
_diffrn_radiation.wavelength_id                    1 
_diffrn_radiation.pdbx_monochromatic_or_laue_m_l   M 
_diffrn_radiation.pdbx_scattering_type             x-ray 
# 
_diffrn_radiation_wavelength.id           1 
_diffrn_radiation_wavelength.wavelength   0.97931 
_diffrn_radiation_wavelength.wt           1.0 
# 
_diffrn_source.diffrn_id                   1 
_diffrn_source.source                      SYNCHROTRON 
_diffrn_source.type                        'APS BEAMLINE 19-ID' 
_diffrn_source.pdbx_wavelength_list        0.97931 
_diffrn_source.pdbx_wavelength             ? 
_diffrn_source.pdbx_synchrotron_site       APS 
_diffrn_source.pdbx_synchrotron_beamline   19-ID 
# 
_reflns.entry_id                     4HAE 
_reflns.d_resolution_high            2.000 
_reflns.d_resolution_low             50.000 
_reflns.number_obs                   7008 
_reflns.pdbx_Rmerge_I_obs            0.090 
_reflns.pdbx_netI_over_sigmaI        9.600 
_reflns.pdbx_chi_squared             1.744 
_reflns.pdbx_redundancy              19.400 
_reflns.percent_possible_obs         99.800 
_reflns.observed_criterion_sigma_F   ? 
_reflns.observed_criterion_sigma_I   ? 
_reflns.number_all                   ? 
_reflns.pdbx_Rsym_value              ? 
_reflns.B_iso_Wilson_estimate        ? 
_reflns.R_free_details               ? 
_reflns.limit_h_max                  ? 
_reflns.limit_h_min                  ? 
_reflns.limit_k_max                  ? 
_reflns.limit_k_min                  ? 
_reflns.limit_l_max                  ? 
_reflns.limit_l_min                  ? 
_reflns.observed_criterion_F_max     ? 
_reflns.observed_criterion_F_min     ? 
_reflns.pdbx_scaling_rejects         ? 
_reflns.pdbx_ordinal                 1 
_reflns.pdbx_diffrn_id               1 
# 
loop_
_reflns_shell.d_res_high 
_reflns_shell.d_res_low 
_reflns_shell.number_measured_obs 
_reflns_shell.number_measured_all 
_reflns_shell.number_unique_obs 
_reflns_shell.Rmerge_I_obs 
_reflns_shell.meanI_over_sigI_obs 
_reflns_shell.pdbx_Rsym_value 
_reflns_shell.pdbx_chi_squared 
_reflns_shell.pdbx_redundancy 
_reflns_shell.percent_possible_obs 
_reflns_shell.number_unique_all 
_reflns_shell.percent_possible_all 
_reflns_shell.pdbx_ordinal 
_reflns_shell.pdbx_diffrn_id 
2.000 2.030  ? ? ? 0.958 ? ? 1.232 19.900 ? 333 100.000 1  1 
2.030 2.070  ? ? ? 0.700 ? ? 0.911 20.800 ? 336 100.000 2  1 
2.070 2.110  ? ? ? 0.549 ? ? 0.905 20.800 ? 331 100.000 3  1 
2.110 2.150  ? ? ? 0.487 ? ? 0.946 20.700 ? 359 99.700  4  1 
2.150 2.200  ? ? ? 0.438 ? ? 0.979 20.900 ? 322 100.000 5  1 
2.200 2.250  ? ? ? 0.375 ? ? 1.054 20.900 ? 349 100.000 6  1 
2.250 2.310  ? ? ? 0.352 ? ? 1.048 20.700 ? 345 100.000 7  1 
2.310 2.370  ? ? ? 0.277 ? ? 1.157 20.600 ? 334 100.000 8  1 
2.370 2.440  ? ? ? 0.236 ? ? 1.188 20.900 ? 341 100.000 9  1 
2.440 2.520  ? ? ? 0.218 ? ? 1.227 20.500 ? 347 100.000 10 1 
2.520 2.610  ? ? ? 0.175 ? ? 1.408 20.700 ? 345 100.000 11 1 
2.610 2.710  ? ? ? 0.155 ? ? 1.456 20.400 ? 344 100.000 12 1 
2.710 2.840  ? ? ? 0.124 ? ? 1.639 20.400 ? 346 100.000 13 1 
2.840 2.990  ? ? ? 0.099 ? ? 2.009 20.000 ? 350 100.000 14 1 
2.990 3.170  ? ? ? 0.084 ? ? 2.211 19.500 ? 355 100.000 15 1 
3.170 3.420  ? ? ? 0.073 ? ? 2.809 18.800 ? 350 100.000 16 1 
3.420 3.760  ? ? ? 0.067 ? ? 3.364 17.300 ? 360 98.400  17 1 
3.760 4.310  ? ? ? 0.064 ? ? 3.590 15.700 ? 367 99.200  18 1 
4.310 5.430  ? ? ? 0.057 ? ? 3.252 14.900 ? 368 99.500  19 1 
5.430 50.000 ? ? ? 0.060 ? ? 3.682 15.200 ? 426 99.100  20 1 
# 
_refine.entry_id                                 4HAE 
_refine.ls_d_res_high                            2.0000 
_refine.ls_d_res_low                             34.1000 
_refine.pdbx_ls_sigma_F                          0.000 
_refine.pdbx_data_cutoff_high_absF               ? 
_refine.pdbx_data_cutoff_low_absF                ? 
_refine.ls_percent_reflns_obs                    99.5900 
_refine.ls_number_reflns_obs                     6972 
_refine.ls_number_reflns_all                     ? 
_refine.pdbx_ls_cross_valid_method               THROUGHOUT 
_refine.pdbx_R_Free_selection_details            RANDOM 
_refine.details                                  'HYDROGENS HAVE BEEN ADDED IN THE RIDING POSITIONS' 
_refine.ls_R_factor_all                          ? 
_refine.ls_R_factor_obs                          0.2181 
_refine.ls_R_factor_R_work                       0.2163 
_refine.ls_wR_factor_R_work                      0.2144 
_refine.ls_R_factor_R_free                       0.2508 
_refine.ls_wR_factor_R_free                      0.2458 
_refine.ls_percent_reflns_R_free                 4.6000 
_refine.ls_number_reflns_R_free                  322 
_refine.ls_R_factor_R_free_error                 ? 
_refine.B_iso_mean                               56.8114 
_refine.solvent_model_param_bsol                 ? 
_refine.solvent_model_param_ksol                 ? 
_refine.pdbx_isotropic_thermal_model             ? 
_refine.aniso_B[1][1]                            -1.5700 
_refine.aniso_B[2][2]                            -1.5700 
_refine.aniso_B[3][3]                            2.3500 
_refine.aniso_B[1][2]                            -0.7800 
_refine.aniso_B[1][3]                            0.0000 
_refine.aniso_B[2][3]                            0.0000 
_refine.correlation_coeff_Fo_to_Fc               0.9500 
_refine.correlation_coeff_Fo_to_Fc_free          0.9110 
_refine.overall_SU_R_Cruickshank_DPI             0.1596 
_refine.overall_SU_R_free                        0.1498 
_refine.pdbx_overall_ESU_R                       0.1600 
_refine.pdbx_overall_ESU_R_Free                  0.1500 
_refine.overall_SU_ML                            0.1230 
_refine.overall_SU_B                             8.7890 
_refine.solvent_model_details                    MASK 
_refine.pdbx_solvent_vdw_probe_radii             1.2000 
_refine.pdbx_solvent_ion_probe_radii             0.8000 
_refine.pdbx_solvent_shrinkage_radii             0.8000 
_refine.ls_number_parameters                     ? 
_refine.ls_number_restraints                     ? 
_refine.pdbx_starting_model                      
'model of protein in slightly different crystal form, itself based on molecular replacement with PDB entry 3LWE.' 
_refine.pdbx_method_to_determine_struct          'MOLECULAR REPLACEMENT' 
_refine.pdbx_stereochemistry_target_values       'MAXIMUM LIKELIHOOD' 
_refine.pdbx_stereochem_target_val_spec_case     ? 
_refine.overall_FOM_work_R_set                   0.7951 
_refine.B_iso_max                                165.270 
_refine.B_iso_min                                28.130 
_refine.pdbx_overall_phase_error                 ? 
_refine.occupancy_max                            1.000 
_refine.occupancy_min                            0.500 
_refine.pdbx_ls_sigma_I                          ? 
_refine.ls_redundancy_reflns_obs                 ? 
_refine.ls_R_factor_R_free_error_details         ? 
_refine.pdbx_data_cutoff_high_rms_absF           ? 
_refine.overall_FOM_free_R_set                   ? 
_refine.pdbx_diffrn_id                           1 
_refine.pdbx_refine_id                           'X-RAY DIFFRACTION' 
_refine.pdbx_TLS_residual_ADP_flag               ? 
_refine.pdbx_overall_SU_R_free_Cruickshank_DPI   ? 
_refine.pdbx_overall_SU_R_Blow_DPI               ? 
_refine.pdbx_overall_SU_R_free_Blow_DPI          ? 
# 
_refine_hist.pdbx_refine_id                   'X-RAY DIFFRACTION' 
_refine_hist.cycle_id                         LAST 
_refine_hist.pdbx_number_atoms_protein        536 
_refine_hist.pdbx_number_atoms_nucleic_acid   0 
_refine_hist.pdbx_number_atoms_ligand         12 
_refine_hist.number_atoms_solvent             22 
_refine_hist.number_atoms_total               570 
_refine_hist.d_res_high                       2.0000 
_refine_hist.d_res_low                        34.1000 
# 
loop_
_refine_ls_restr.type 
_refine_ls_restr.number 
_refine_ls_restr.dev_ideal 
_refine_ls_restr.dev_ideal_target 
_refine_ls_restr.weight 
_refine_ls_restr.pdbx_restraint_function 
_refine_ls_restr.pdbx_refine_id 
r_bond_refined_d       560  0.014  0.020  ? ? 'X-RAY DIFFRACTION' 
r_bond_other_d         480  0.002  0.020  ? ? 'X-RAY DIFFRACTION' 
r_angle_refined_deg    758  1.306  1.916  ? ? 'X-RAY DIFFRACTION' 
r_angle_other_deg      1105 0.704  3.000  ? ? 'X-RAY DIFFRACTION' 
r_dihedral_angle_1_deg 65   5.779  5.000  ? ? 'X-RAY DIFFRACTION' 
r_dihedral_angle_2_deg 30   23.445 23.667 ? ? 'X-RAY DIFFRACTION' 
r_dihedral_angle_3_deg 89   12.549 15.000 ? ? 'X-RAY DIFFRACTION' 
r_dihedral_angle_4_deg 3    10.395 15.000 ? ? 'X-RAY DIFFRACTION' 
r_chiral_restr         75   0.088  0.200  ? ? 'X-RAY DIFFRACTION' 
r_gen_planes_refined   633  0.005  0.020  ? ? 'X-RAY DIFFRACTION' 
r_gen_planes_other     142  0.001  0.020  ? ? 'X-RAY DIFFRACTION' 
# 
_refine_ls_shell.d_res_high                       2.000 
_refine_ls_shell.d_res_low                        2.0530 
_refine_ls_shell.pdbx_total_number_of_bins_used   20 
_refine_ls_shell.percent_reflns_obs               97.3500 
_refine_ls_shell.number_reflns_R_work             456 
_refine_ls_shell.R_factor_all                     ? 
_refine_ls_shell.R_factor_R_work                  0.2560 
_refine_ls_shell.R_factor_R_free                  0.3540 
_refine_ls_shell.percent_reflns_R_free            ? 
_refine_ls_shell.number_reflns_R_free             22 
_refine_ls_shell.R_factor_R_free_error            ? 
_refine_ls_shell.number_reflns_all                478 
_refine_ls_shell.number_reflns_obs                ? 
_refine_ls_shell.redundancy_reflns_obs            ? 
_refine_ls_shell.pdbx_refine_id                   'X-RAY DIFFRACTION' 
# 
_struct.entry_id                  4HAE 
_struct.title                     'Crystal structure of the CDYL2-chromodomain' 
_struct.pdbx_model_details        ? 
_struct.pdbx_CASP_flag            ? 
_struct.pdbx_model_type_details   ? 
# 
_struct_keywords.entry_id        4HAE 
_struct_keywords.text            'chromodomain, PROTEIN BINDING, Structural Genomics Consortium, SGC' 
_struct_keywords.pdbx_keywords   'PROTEIN BINDING' 
# 
loop_
_struct_asym.id 
_struct_asym.pdbx_blank_PDB_chainid_flag 
_struct_asym.pdbx_modified 
_struct_asym.entity_id 
_struct_asym.details 
A N N 1 ? 
B N N 2 ? 
C N N 3 ? 
D N N 3 ? 
E N N 3 ? 
F N N 3 ? 
G N N 3 ? 
H N N 3 ? 
I N N 3 ? 
J N N 4 ? 
# 
_struct_ref.id                         1 
_struct_ref.db_name                    UNP 
_struct_ref.db_code                    CDYL2_HUMAN 
_struct_ref.pdbx_db_accession          Q8N8U2 
_struct_ref.entity_id                  1 
_struct_ref.pdbx_seq_one_letter_code   ASGDLYEVERIVDKRKNKKGKWEYLIRWKGYGSTEDTWEPEHHLLHCEEFIDEFNGLHMSKDK 
_struct_ref.pdbx_align_begin           2 
_struct_ref.pdbx_db_isoform            ? 
# 
_struct_ref_seq.align_id                      1 
_struct_ref_seq.ref_id                        1 
_struct_ref_seq.pdbx_PDB_id_code              4HAE 
_struct_ref_seq.pdbx_strand_id                A 
_struct_ref_seq.seq_align_beg                 19 
_struct_ref_seq.pdbx_seq_align_beg_ins_code   ? 
_struct_ref_seq.seq_align_end                 81 
_struct_ref_seq.pdbx_seq_align_end_ins_code   ? 
_struct_ref_seq.pdbx_db_accession             Q8N8U2 
_struct_ref_seq.db_align_beg                  2 
_struct_ref_seq.pdbx_db_align_beg_ins_code    ? 
_struct_ref_seq.db_align_end                  64 
_struct_ref_seq.pdbx_db_align_end_ins_code    ? 
_struct_ref_seq.pdbx_auth_seq_align_beg       2 
_struct_ref_seq.pdbx_auth_seq_align_end       64 
# 
loop_
_struct_ref_seq_dif.align_id 
_struct_ref_seq_dif.pdbx_pdb_id_code 
_struct_ref_seq_dif.mon_id 
_struct_ref_seq_dif.pdbx_pdb_strand_id 
_struct_ref_seq_dif.seq_num 
_struct_ref_seq_dif.pdbx_pdb_ins_code 
_struct_ref_seq_dif.pdbx_seq_db_name 
_struct_ref_seq_dif.pdbx_seq_db_accession_code 
_struct_ref_seq_dif.db_mon_id 
_struct_ref_seq_dif.pdbx_seq_db_seq_num 
_struct_ref_seq_dif.details 
_struct_ref_seq_dif.pdbx_auth_seq_num 
_struct_ref_seq_dif.pdbx_ordinal 
1 4HAE MET A 1  ? UNP Q8N8U2 ? ? 'expression tag' -16 1  
1 4HAE HIS A 2  ? UNP Q8N8U2 ? ? 'expression tag' -15 2  
1 4HAE HIS A 3  ? UNP Q8N8U2 ? ? 'expression tag' -14 3  
1 4HAE HIS A 4  ? UNP Q8N8U2 ? ? 'expression tag' -13 4  
1 4HAE HIS A 5  ? UNP Q8N8U2 ? ? 'expression tag' -12 5  
1 4HAE HIS A 6  ? UNP Q8N8U2 ? ? 'expression tag' -11 6  
1 4HAE HIS A 7  ? UNP Q8N8U2 ? ? 'expression tag' -10 7  
1 4HAE SER A 8  ? UNP Q8N8U2 ? ? 'expression tag' -9  8  
1 4HAE SER A 9  ? UNP Q8N8U2 ? ? 'expression tag' -8  9  
1 4HAE GLY A 10 ? UNP Q8N8U2 ? ? 'expression tag' -7  10 
1 4HAE ARG A 11 ? UNP Q8N8U2 ? ? 'expression tag' -6  11 
1 4HAE GLU A 12 ? UNP Q8N8U2 ? ? 'expression tag' -5  12 
1 4HAE ASN A 13 ? UNP Q8N8U2 ? ? 'expression tag' -4  13 
1 4HAE LEU A 14 ? UNP Q8N8U2 ? ? 'expression tag' -3  14 
1 4HAE TYR A 15 ? UNP Q8N8U2 ? ? 'expression tag' -2  15 
1 4HAE PHE A 16 ? UNP Q8N8U2 ? ? 'expression tag' -1  16 
1 4HAE GLN A 17 ? UNP Q8N8U2 ? ? 'expression tag' 0   17 
1 4HAE GLY A 18 ? UNP Q8N8U2 ? ? 'expression tag' 1   18 
# 
_pdbx_struct_assembly.id                   1 
_pdbx_struct_assembly.details              software_defined_assembly 
_pdbx_struct_assembly.method_details       PISA 
_pdbx_struct_assembly.oligomeric_details   dimeric 
_pdbx_struct_assembly.oligomeric_count     2 
# 
loop_
_pdbx_struct_assembly_prop.biol_id 
_pdbx_struct_assembly_prop.type 
_pdbx_struct_assembly_prop.value 
_pdbx_struct_assembly_prop.details 
1 'ABSA (A^2)' 720   ? 
1 MORE         -37   ? 
1 'SSA (A^2)'  10500 ? 
# 
_pdbx_struct_assembly_gen.assembly_id       1 
_pdbx_struct_assembly_gen.oper_expression   1,2 
_pdbx_struct_assembly_gen.asym_id_list      A,B,C,D,E,F,G,H,I,J 
# 
loop_
_pdbx_struct_oper_list.id 
_pdbx_struct_oper_list.type 
_pdbx_struct_oper_list.name 
_pdbx_struct_oper_list.symmetry_operation 
_pdbx_struct_oper_list.matrix[1][1] 
_pdbx_struct_oper_list.matrix[1][2] 
_pdbx_struct_oper_list.matrix[1][3] 
_pdbx_struct_oper_list.vector[1] 
_pdbx_struct_oper_list.matrix[2][1] 
_pdbx_struct_oper_list.matrix[2][2] 
_pdbx_struct_oper_list.matrix[2][3] 
_pdbx_struct_oper_list.vector[2] 
_pdbx_struct_oper_list.matrix[3][1] 
_pdbx_struct_oper_list.matrix[3][2] 
_pdbx_struct_oper_list.matrix[3][3] 
_pdbx_struct_oper_list.vector[3] 
1 'identity operation'         1_555 x,y,z          1.0000000000  0.0000000000 0.0000000000 0.0000000000  0.0000000000 1.0000000000  0.0000000000 0.0000000000   0.0000000000 0.0000000000 1.0000000000 0.0000000000 
2 'crystal symmetry operation' 9_554 -x,-x+y,-z-1/3 -0.5895455213 0.3575923217 0.7242677749 14.2203639006 0.3575923217 -0.6884617535 0.6309898140 -24.2021515337 0.7242677749 0.6309898140 0.2780072748 3.8904002125 
# 
_struct_biol.id        1 
_struct_biol.details   'AUTHORS STATE THAT THE BIOLOGICAL UNIT HAS NOT BEEN DETERMINED.' 
# 
_struct_conf.conf_type_id            HELX_P 
_struct_conf.id                      HELX_P1 
_struct_conf.pdbx_PDB_helix_id       1 
_struct_conf.beg_label_comp_id       GLY 
_struct_conf.beg_label_asym_id       A 
_struct_conf.beg_label_seq_id        50 
_struct_conf.pdbx_beg_PDB_ins_code   ? 
_struct_conf.end_label_comp_id       ASP 
_struct_conf.end_label_asym_id       A 
_struct_conf.end_label_seq_id        54 
_struct_conf.pdbx_end_PDB_ins_code   ? 
_struct_conf.beg_auth_comp_id        GLY 
_struct_conf.beg_auth_asym_id        A 
_struct_conf.beg_auth_seq_id         33 
_struct_conf.end_auth_comp_id        ASP 
_struct_conf.end_auth_asym_id        A 
_struct_conf.end_auth_seq_id         37 
_struct_conf.pdbx_PDB_helix_class    5 
_struct_conf.details                 ? 
_struct_conf.pdbx_PDB_helix_length   5 
# 
_struct_conf_type.id          HELX_P 
_struct_conf_type.criteria    ? 
_struct_conf_type.reference   ? 
# 
_struct_conn.id                            disulf1 
_struct_conn.conn_type_id                  disulf 
_struct_conn.pdbx_leaving_atom_flag        ? 
_struct_conn.pdbx_PDB_id                   ? 
_struct_conn.ptnr1_label_asym_id           A 
_struct_conn.ptnr1_label_comp_id           CYS 
_struct_conn.ptnr1_label_seq_id            65 
_struct_conn.ptnr1_label_atom_id           SG 
_struct_conn.pdbx_ptnr1_label_alt_id       ? 
_struct_conn.pdbx_ptnr1_PDB_ins_code       ? 
_struct_conn.pdbx_ptnr1_standard_comp_id   ? 
_struct_conn.ptnr1_symmetry                1_555 
_struct_conn.ptnr2_label_asym_id           A 
_struct_conn.ptnr2_label_comp_id           CYS 
_struct_conn.ptnr2_label_seq_id            65 
_struct_conn.ptnr2_label_atom_id           SG 
_struct_conn.pdbx_ptnr2_label_alt_id       ? 
_struct_conn.pdbx_ptnr2_PDB_ins_code       ? 
_struct_conn.ptnr1_auth_asym_id            A 
_struct_conn.ptnr1_auth_comp_id            CYS 
_struct_conn.ptnr1_auth_seq_id             48 
_struct_conn.ptnr2_auth_asym_id            A 
_struct_conn.ptnr2_auth_comp_id            CYS 
_struct_conn.ptnr2_auth_seq_id             48 
_struct_conn.ptnr2_symmetry                10_664 
_struct_conn.pdbx_ptnr3_label_atom_id      ? 
_struct_conn.pdbx_ptnr3_label_seq_id       ? 
_struct_conn.pdbx_ptnr3_label_comp_id      ? 
_struct_conn.pdbx_ptnr3_label_asym_id      ? 
_struct_conn.pdbx_ptnr3_label_alt_id       ? 
_struct_conn.pdbx_ptnr3_PDB_ins_code       ? 
_struct_conn.details                       ? 
_struct_conn.pdbx_dist_value               2.109 
_struct_conn.pdbx_value_order              ? 
_struct_conn.pdbx_role                     ? 
# 
_struct_conn_type.id          disulf 
_struct_conn_type.criteria    ? 
_struct_conn_type.reference   ? 
# 
_pdbx_modification_feature.ordinal                            1 
_pdbx_modification_feature.label_comp_id                      CYS 
_pdbx_modification_feature.label_asym_id                      A 
_pdbx_modification_feature.label_seq_id                       65 
_pdbx_modification_feature.label_alt_id                       ? 
_pdbx_modification_feature.modified_residue_label_comp_id     CYS 
_pdbx_modification_feature.modified_residue_label_asym_id     A 
_pdbx_modification_feature.modified_residue_label_seq_id      65 
_pdbx_modification_feature.modified_residue_label_alt_id      ? 
_pdbx_modification_feature.auth_comp_id                       CYS 
_pdbx_modification_feature.auth_asym_id                       A 
_pdbx_modification_feature.auth_seq_id                        48 
_pdbx_modification_feature.PDB_ins_code                       ? 
_pdbx_modification_feature.symmetry                           1_555 
_pdbx_modification_feature.modified_residue_auth_comp_id      CYS 
_pdbx_modification_feature.modified_residue_auth_asym_id      A 
_pdbx_modification_feature.modified_residue_auth_seq_id       48 
_pdbx_modification_feature.modified_residue_PDB_ins_code      ? 
_pdbx_modification_feature.modified_residue_symmetry          10_664 
_pdbx_modification_feature.comp_id_linking_atom               SG 
_pdbx_modification_feature.modified_residue_id_linking_atom   SG 
_pdbx_modification_feature.modified_residue_id                . 
_pdbx_modification_feature.ref_pcm_id                         . 
_pdbx_modification_feature.ref_comp_id                        . 
_pdbx_modification_feature.type                               None 
_pdbx_modification_feature.category                           'Disulfide bridge' 
# 
_struct_sheet.id               A 
_struct_sheet.type             ? 
_struct_sheet.number_strands   5 
_struct_sheet.details          ? 
# 
loop_
_struct_sheet_order.sheet_id 
_struct_sheet_order.range_id_1 
_struct_sheet_order.range_id_2 
_struct_sheet_order.offset 
_struct_sheet_order.sense 
A 1 2 ? anti-parallel 
A 2 3 ? anti-parallel 
A 3 4 ? anti-parallel 
A 4 5 ? anti-parallel 
# 
loop_
_struct_sheet_range.sheet_id 
_struct_sheet_range.id 
_struct_sheet_range.beg_label_comp_id 
_struct_sheet_range.beg_label_asym_id 
_struct_sheet_range.beg_label_seq_id 
_struct_sheet_range.pdbx_beg_PDB_ins_code 
_struct_sheet_range.end_label_comp_id 
_struct_sheet_range.end_label_asym_id 
_struct_sheet_range.end_label_seq_id 
_struct_sheet_range.pdbx_end_PDB_ins_code 
_struct_sheet_range.beg_auth_comp_id 
_struct_sheet_range.beg_auth_asym_id 
_struct_sheet_range.beg_auth_seq_id 
_struct_sheet_range.end_auth_comp_id 
_struct_sheet_range.end_auth_asym_id 
_struct_sheet_range.end_auth_seq_id 
A 1 THR A 55 ? PRO A 58 ? THR A 38 PRO A 41 
A 2 TRP A 40 ? TRP A 46 ? TRP A 23 TRP A 29 
A 3 LEU A 23 ? LYS A 34 ? LEU A 6  LYS A 17 
A 4 LEU A 14 ? GLN A 17 ? LEU A -3 GLN A 0  
A 5 LEU A 62 ? HIS A 64 ? LEU A 45 HIS A 47 
# 
loop_
_pdbx_struct_sheet_hbond.sheet_id 
_pdbx_struct_sheet_hbond.range_id_1 
_pdbx_struct_sheet_hbond.range_id_2 
_pdbx_struct_sheet_hbond.range_1_label_atom_id 
_pdbx_struct_sheet_hbond.range_1_label_comp_id 
_pdbx_struct_sheet_hbond.range_1_label_asym_id 
_pdbx_struct_sheet_hbond.range_1_label_seq_id 
_pdbx_struct_sheet_hbond.range_1_PDB_ins_code 
_pdbx_struct_sheet_hbond.range_1_auth_atom_id 
_pdbx_struct_sheet_hbond.range_1_auth_comp_id 
_pdbx_struct_sheet_hbond.range_1_auth_asym_id 
_pdbx_struct_sheet_hbond.range_1_auth_seq_id 
_pdbx_struct_sheet_hbond.range_2_label_atom_id 
_pdbx_struct_sheet_hbond.range_2_label_comp_id 
_pdbx_struct_sheet_hbond.range_2_label_asym_id 
_pdbx_struct_sheet_hbond.range_2_label_seq_id 
_pdbx_struct_sheet_hbond.range_2_PDB_ins_code 
_pdbx_struct_sheet_hbond.range_2_auth_atom_id 
_pdbx_struct_sheet_hbond.range_2_auth_comp_id 
_pdbx_struct_sheet_hbond.range_2_auth_asym_id 
_pdbx_struct_sheet_hbond.range_2_auth_seq_id 
A 1 2 O GLU A 57 ? O GLU A 40 N TYR A 42 ? N TYR A 25 
A 2 3 O LEU A 43 ? O LEU A 26 N VAL A 30 ? N VAL A 13 
A 3 4 O TYR A 24 ? O TYR A 7  N PHE A 16 ? N PHE A -1 
A 4 5 N TYR A 15 ? N TYR A -2 O LEU A 63 ? O LEU A 46 
# 
_struct_site.id                   AC1 
_struct_site.pdbx_evidence_code   Software 
_struct_site.pdbx_auth_asym_id    A 
_struct_site.pdbx_auth_comp_id    SO4 
_struct_site.pdbx_auth_seq_id     101 
_struct_site.pdbx_auth_ins_code   ? 
_struct_site.pdbx_num_residues    4 
_struct_site.details              'BINDING SITE FOR RESIDUE SO4 A 101' 
# 
loop_
_struct_site_gen.id 
_struct_site_gen.site_id 
_struct_site_gen.pdbx_num_res 
_struct_site_gen.label_comp_id 
_struct_site_gen.label_asym_id 
_struct_site_gen.label_seq_id 
_struct_site_gen.pdbx_auth_ins_code 
_struct_site_gen.auth_comp_id 
_struct_site_gen.auth_asym_id 
_struct_site_gen.auth_seq_id 
_struct_site_gen.label_atom_id 
_struct_site_gen.label_alt_id 
_struct_site_gen.symmetry 
_struct_site_gen.details 
1 AC1 4 ARG A 28 ? ARG A 11 . ? 9_554 ? 
2 AC1 4 ARG A 28 ? ARG A 11 . ? 1_555 ? 
3 AC1 4 ARG A 45 ? ARG A 28 . ? 1_555 ? 
4 AC1 4 ARG A 45 ? ARG A 28 . ? 9_554 ? 
# 
_pdbx_entry_details.entry_id                   4HAE 
_pdbx_entry_details.compound_details           ? 
_pdbx_entry_details.source_details             ? 
_pdbx_entry_details.nonpolymer_details         ? 
_pdbx_entry_details.sequence_details           ? 
_pdbx_entry_details.has_ligand_of_interest     ? 
_pdbx_entry_details.has_protein_modification   Y 
# 
_pdbx_validate_close_contact.id               1 
_pdbx_validate_close_contact.PDB_model_num    1 
_pdbx_validate_close_contact.auth_atom_id_1   OH 
_pdbx_validate_close_contact.auth_asym_id_1   A 
_pdbx_validate_close_contact.auth_comp_id_1   TYR 
_pdbx_validate_close_contact.auth_seq_id_1    7 
_pdbx_validate_close_contact.PDB_ins_code_1   ? 
_pdbx_validate_close_contact.label_alt_id_1   ? 
_pdbx_validate_close_contact.auth_atom_id_2   UNK 
_pdbx_validate_close_contact.auth_asym_id_2   A 
_pdbx_validate_close_contact.auth_comp_id_2   UNX 
_pdbx_validate_close_contact.auth_seq_id_2    108 
_pdbx_validate_close_contact.PDB_ins_code_2   ? 
_pdbx_validate_close_contact.label_alt_id_2   ? 
_pdbx_validate_close_contact.dist             2.19 
# 
_pdbx_SG_project.id                    1 
_pdbx_SG_project.project_name          ? 
_pdbx_SG_project.full_name_of_center   'Structural Genomics Consortium' 
_pdbx_SG_project.initial_of_center     SGC 
# 
loop_
_pdbx_struct_special_symmetry.id 
_pdbx_struct_special_symmetry.PDB_model_num 
_pdbx_struct_special_symmetry.auth_asym_id 
_pdbx_struct_special_symmetry.auth_comp_id 
_pdbx_struct_special_symmetry.auth_seq_id 
_pdbx_struct_special_symmetry.PDB_ins_code 
_pdbx_struct_special_symmetry.label_asym_id 
_pdbx_struct_special_symmetry.label_comp_id 
_pdbx_struct_special_symmetry.label_seq_id 
1 1 A SO4 101 ? B SO4 . 
2 1 A HOH 209 ? J HOH . 
# 
_pdbx_refine_tls.pdbx_refine_id   'X-RAY DIFFRACTION' 
_pdbx_refine_tls.id               1 
_pdbx_refine_tls.details          ? 
_pdbx_refine_tls.method           refined 
_pdbx_refine_tls.origin_x         -0.1268 
_pdbx_refine_tls.origin_y         -0.4913 
_pdbx_refine_tls.origin_z         1.1139 
_pdbx_refine_tls.T[1][1]          0.1770 
_pdbx_refine_tls.T[2][2]          0.0667 
_pdbx_refine_tls.T[3][3]          0.0965 
_pdbx_refine_tls.T[1][2]          -0.0416 
_pdbx_refine_tls.T[1][3]          -0.0236 
_pdbx_refine_tls.T[2][3]          0.0390 
_pdbx_refine_tls.L[1][1]          3.1021 
_pdbx_refine_tls.L[2][2]          4.3369 
_pdbx_refine_tls.L[3][3]          5.3399 
_pdbx_refine_tls.L[1][2]          1.1524 
_pdbx_refine_tls.L[1][3]          -0.4713 
_pdbx_refine_tls.L[2][3]          -2.3947 
_pdbx_refine_tls.S[1][1]          -0.2232 
_pdbx_refine_tls.S[2][2]          0.2774 
_pdbx_refine_tls.S[3][3]          -0.0542 
_pdbx_refine_tls.S[1][2]          0.4126 
_pdbx_refine_tls.S[1][3]          0.1436 
_pdbx_refine_tls.S[2][3]          0.1524 
_pdbx_refine_tls.S[2][1]          -0.8145 
_pdbx_refine_tls.S[3][1]          0.1426 
_pdbx_refine_tls.S[3][2]          -0.2619 
# 
_pdbx_refine_tls_group.pdbx_refine_id      'X-RAY DIFFRACTION' 
_pdbx_refine_tls_group.id                  1 
_pdbx_refine_tls_group.refine_tls_id       1 
_pdbx_refine_tls_group.beg_auth_asym_id    A 
_pdbx_refine_tls_group.beg_auth_seq_id     -5 
_pdbx_refine_tls_group.end_auth_asym_id    A 
_pdbx_refine_tls_group.end_auth_seq_id     60 
_pdbx_refine_tls_group.selection_details   ? 
_pdbx_refine_tls_group.beg_label_asym_id   . 
_pdbx_refine_tls_group.beg_label_seq_id    . 
_pdbx_refine_tls_group.end_label_asym_id   . 
_pdbx_refine_tls_group.end_label_seq_id    . 
_pdbx_refine_tls_group.selection           ? 
# 
_phasing.method   MR 
# 
loop_
_pdbx_unobs_or_zero_occ_residues.id 
_pdbx_unobs_or_zero_occ_residues.PDB_model_num 
_pdbx_unobs_or_zero_occ_residues.polymer_flag 
_pdbx_unobs_or_zero_occ_residues.occupancy_flag 
_pdbx_unobs_or_zero_occ_residues.auth_asym_id 
_pdbx_unobs_or_zero_occ_residues.auth_comp_id 
_pdbx_unobs_or_zero_occ_residues.auth_seq_id 
_pdbx_unobs_or_zero_occ_residues.PDB_ins_code 
_pdbx_unobs_or_zero_occ_residues.label_asym_id 
_pdbx_unobs_or_zero_occ_residues.label_comp_id 
_pdbx_unobs_or_zero_occ_residues.label_seq_id 
1  1 Y 1 A MET -16 ? A MET 1  
2  1 Y 1 A HIS -15 ? A HIS 2  
3  1 Y 1 A HIS -14 ? A HIS 3  
4  1 Y 1 A HIS -13 ? A HIS 4  
5  1 Y 1 A HIS -12 ? A HIS 5  
6  1 Y 1 A HIS -11 ? A HIS 6  
7  1 Y 1 A HIS -10 ? A HIS 7  
8  1 Y 1 A SER -9  ? A SER 8  
9  1 Y 1 A SER -8  ? A SER 9  
10 1 Y 1 A GLY -7  ? A GLY 10 
11 1 Y 1 A ARG -6  ? A ARG 11 
12 1 Y 1 A SER 61  ? A SER 78 
13 1 Y 1 A LYS 62  ? A LYS 79 
14 1 Y 1 A ASP 63  ? A ASP 80 
15 1 Y 1 A LYS 64  ? A LYS 81 
# 
loop_
_chem_comp_atom.comp_id 
_chem_comp_atom.atom_id 
_chem_comp_atom.type_symbol 
_chem_comp_atom.pdbx_aromatic_flag 
_chem_comp_atom.pdbx_stereo_config 
_chem_comp_atom.pdbx_ordinal 
ALA N    N N N 1   
ALA CA   C N S 2   
ALA C    C N N 3   
ALA O    O N N 4   
ALA CB   C N N 5   
ALA OXT  O N N 6   
ALA H    H N N 7   
ALA H2   H N N 8   
ALA HA   H N N 9   
ALA HB1  H N N 10  
ALA HB2  H N N 11  
ALA HB3  H N N 12  
ALA HXT  H N N 13  
ARG N    N N N 14  
ARG CA   C N S 15  
ARG C    C N N 16  
ARG O    O N N 17  
ARG CB   C N N 18  
ARG CG   C N N 19  
ARG CD   C N N 20  
ARG NE   N N N 21  
ARG CZ   C N N 22  
ARG NH1  N N N 23  
ARG NH2  N N N 24  
ARG OXT  O N N 25  
ARG H    H N N 26  
ARG H2   H N N 27  
ARG HA   H N N 28  
ARG HB2  H N N 29  
ARG HB3  H N N 30  
ARG HG2  H N N 31  
ARG HG3  H N N 32  
ARG HD2  H N N 33  
ARG HD3  H N N 34  
ARG HE   H N N 35  
ARG HH11 H N N 36  
ARG HH12 H N N 37  
ARG HH21 H N N 38  
ARG HH22 H N N 39  
ARG HXT  H N N 40  
ASN N    N N N 41  
ASN CA   C N S 42  
ASN C    C N N 43  
ASN O    O N N 44  
ASN CB   C N N 45  
ASN CG   C N N 46  
ASN OD1  O N N 47  
ASN ND2  N N N 48  
ASN OXT  O N N 49  
ASN H    H N N 50  
ASN H2   H N N 51  
ASN HA   H N N 52  
ASN HB2  H N N 53  
ASN HB3  H N N 54  
ASN HD21 H N N 55  
ASN HD22 H N N 56  
ASN HXT  H N N 57  
ASP N    N N N 58  
ASP CA   C N S 59  
ASP C    C N N 60  
ASP O    O N N 61  
ASP CB   C N N 62  
ASP CG   C N N 63  
ASP OD1  O N N 64  
ASP OD2  O N N 65  
ASP OXT  O N N 66  
ASP H    H N N 67  
ASP H2   H N N 68  
ASP HA   H N N 69  
ASP HB2  H N N 70  
ASP HB3  H N N 71  
ASP HD2  H N N 72  
ASP HXT  H N N 73  
CYS N    N N N 74  
CYS CA   C N R 75  
CYS C    C N N 76  
CYS O    O N N 77  
CYS CB   C N N 78  
CYS SG   S N N 79  
CYS OXT  O N N 80  
CYS H    H N N 81  
CYS H2   H N N 82  
CYS HA   H N N 83  
CYS HB2  H N N 84  
CYS HB3  H N N 85  
CYS HG   H N N 86  
CYS HXT  H N N 87  
GLN N    N N N 88  
GLN CA   C N S 89  
GLN C    C N N 90  
GLN O    O N N 91  
GLN CB   C N N 92  
GLN CG   C N N 93  
GLN CD   C N N 94  
GLN OE1  O N N 95  
GLN NE2  N N N 96  
GLN OXT  O N N 97  
GLN H    H N N 98  
GLN H2   H N N 99  
GLN HA   H N N 100 
GLN HB2  H N N 101 
GLN HB3  H N N 102 
GLN HG2  H N N 103 
GLN HG3  H N N 104 
GLN HE21 H N N 105 
GLN HE22 H N N 106 
GLN HXT  H N N 107 
GLU N    N N N 108 
GLU CA   C N S 109 
GLU C    C N N 110 
GLU O    O N N 111 
GLU CB   C N N 112 
GLU CG   C N N 113 
GLU CD   C N N 114 
GLU OE1  O N N 115 
GLU OE2  O N N 116 
GLU OXT  O N N 117 
GLU H    H N N 118 
GLU H2   H N N 119 
GLU HA   H N N 120 
GLU HB2  H N N 121 
GLU HB3  H N N 122 
GLU HG2  H N N 123 
GLU HG3  H N N 124 
GLU HE2  H N N 125 
GLU HXT  H N N 126 
GLY N    N N N 127 
GLY CA   C N N 128 
GLY C    C N N 129 
GLY O    O N N 130 
GLY OXT  O N N 131 
GLY H    H N N 132 
GLY H2   H N N 133 
GLY HA2  H N N 134 
GLY HA3  H N N 135 
GLY HXT  H N N 136 
HIS N    N N N 137 
HIS CA   C N S 138 
HIS C    C N N 139 
HIS O    O N N 140 
HIS CB   C N N 141 
HIS CG   C Y N 142 
HIS ND1  N Y N 143 
HIS CD2  C Y N 144 
HIS CE1  C Y N 145 
HIS NE2  N Y N 146 
HIS OXT  O N N 147 
HIS H    H N N 148 
HIS H2   H N N 149 
HIS HA   H N N 150 
HIS HB2  H N N 151 
HIS HB3  H N N 152 
HIS HD1  H N N 153 
HIS HD2  H N N 154 
HIS HE1  H N N 155 
HIS HE2  H N N 156 
HIS HXT  H N N 157 
HOH O    O N N 158 
HOH H1   H N N 159 
HOH H2   H N N 160 
ILE N    N N N 161 
ILE CA   C N S 162 
ILE C    C N N 163 
ILE O    O N N 164 
ILE CB   C N S 165 
ILE CG1  C N N 166 
ILE CG2  C N N 167 
ILE CD1  C N N 168 
ILE OXT  O N N 169 
ILE H    H N N 170 
ILE H2   H N N 171 
ILE HA   H N N 172 
ILE HB   H N N 173 
ILE HG12 H N N 174 
ILE HG13 H N N 175 
ILE HG21 H N N 176 
ILE HG22 H N N 177 
ILE HG23 H N N 178 
ILE HD11 H N N 179 
ILE HD12 H N N 180 
ILE HD13 H N N 181 
ILE HXT  H N N 182 
LEU N    N N N 183 
LEU CA   C N S 184 
LEU C    C N N 185 
LEU O    O N N 186 
LEU CB   C N N 187 
LEU CG   C N N 188 
LEU CD1  C N N 189 
LEU CD2  C N N 190 
LEU OXT  O N N 191 
LEU H    H N N 192 
LEU H2   H N N 193 
LEU HA   H N N 194 
LEU HB2  H N N 195 
LEU HB3  H N N 196 
LEU HG   H N N 197 
LEU HD11 H N N 198 
LEU HD12 H N N 199 
LEU HD13 H N N 200 
LEU HD21 H N N 201 
LEU HD22 H N N 202 
LEU HD23 H N N 203 
LEU HXT  H N N 204 
LYS N    N N N 205 
LYS CA   C N S 206 
LYS C    C N N 207 
LYS O    O N N 208 
LYS CB   C N N 209 
LYS CG   C N N 210 
LYS CD   C N N 211 
LYS CE   C N N 212 
LYS NZ   N N N 213 
LYS OXT  O N N 214 
LYS H    H N N 215 
LYS H2   H N N 216 
LYS HA   H N N 217 
LYS HB2  H N N 218 
LYS HB3  H N N 219 
LYS HG2  H N N 220 
LYS HG3  H N N 221 
LYS HD2  H N N 222 
LYS HD3  H N N 223 
LYS HE2  H N N 224 
LYS HE3  H N N 225 
LYS HZ1  H N N 226 
LYS HZ2  H N N 227 
LYS HZ3  H N N 228 
LYS HXT  H N N 229 
MET N    N N N 230 
MET CA   C N S 231 
MET C    C N N 232 
MET O    O N N 233 
MET CB   C N N 234 
MET CG   C N N 235 
MET SD   S N N 236 
MET CE   C N N 237 
MET OXT  O N N 238 
MET H    H N N 239 
MET H2   H N N 240 
MET HA   H N N 241 
MET HB2  H N N 242 
MET HB3  H N N 243 
MET HG2  H N N 244 
MET HG3  H N N 245 
MET HE1  H N N 246 
MET HE2  H N N 247 
MET HE3  H N N 248 
MET HXT  H N N 249 
PHE N    N N N 250 
PHE CA   C N S 251 
PHE C    C N N 252 
PHE O    O N N 253 
PHE CB   C N N 254 
PHE CG   C Y N 255 
PHE CD1  C Y N 256 
PHE CD2  C Y N 257 
PHE CE1  C Y N 258 
PHE CE2  C Y N 259 
PHE CZ   C Y N 260 
PHE OXT  O N N 261 
PHE H    H N N 262 
PHE H2   H N N 263 
PHE HA   H N N 264 
PHE HB2  H N N 265 
PHE HB3  H N N 266 
PHE HD1  H N N 267 
PHE HD2  H N N 268 
PHE HE1  H N N 269 
PHE HE2  H N N 270 
PHE HZ   H N N 271 
PHE HXT  H N N 272 
PRO N    N N N 273 
PRO CA   C N S 274 
PRO C    C N N 275 
PRO O    O N N 276 
PRO CB   C N N 277 
PRO CG   C N N 278 
PRO CD   C N N 279 
PRO OXT  O N N 280 
PRO H    H N N 281 
PRO HA   H N N 282 
PRO HB2  H N N 283 
PRO HB3  H N N 284 
PRO HG2  H N N 285 
PRO HG3  H N N 286 
PRO HD2  H N N 287 
PRO HD3  H N N 288 
PRO HXT  H N N 289 
SER N    N N N 290 
SER CA   C N S 291 
SER C    C N N 292 
SER O    O N N 293 
SER CB   C N N 294 
SER OG   O N N 295 
SER OXT  O N N 296 
SER H    H N N 297 
SER H2   H N N 298 
SER HA   H N N 299 
SER HB2  H N N 300 
SER HB3  H N N 301 
SER HG   H N N 302 
SER HXT  H N N 303 
SO4 S    S N N 304 
SO4 O1   O N N 305 
SO4 O2   O N N 306 
SO4 O3   O N N 307 
SO4 O4   O N N 308 
THR N    N N N 309 
THR CA   C N S 310 
THR C    C N N 311 
THR O    O N N 312 
THR CB   C N R 313 
THR OG1  O N N 314 
THR CG2  C N N 315 
THR OXT  O N N 316 
THR H    H N N 317 
THR H2   H N N 318 
THR HA   H N N 319 
THR HB   H N N 320 
THR HG1  H N N 321 
THR HG21 H N N 322 
THR HG22 H N N 323 
THR HG23 H N N 324 
THR HXT  H N N 325 
TRP N    N N N 326 
TRP CA   C N S 327 
TRP C    C N N 328 
TRP O    O N N 329 
TRP CB   C N N 330 
TRP CG   C Y N 331 
TRP CD1  C Y N 332 
TRP CD2  C Y N 333 
TRP NE1  N Y N 334 
TRP CE2  C Y N 335 
TRP CE3  C Y N 336 
TRP CZ2  C Y N 337 
TRP CZ3  C Y N 338 
TRP CH2  C Y N 339 
TRP OXT  O N N 340 
TRP H    H N N 341 
TRP H2   H N N 342 
TRP HA   H N N 343 
TRP HB2  H N N 344 
TRP HB3  H N N 345 
TRP HD1  H N N 346 
TRP HE1  H N N 347 
TRP HE3  H N N 348 
TRP HZ2  H N N 349 
TRP HZ3  H N N 350 
TRP HH2  H N N 351 
TRP HXT  H N N 352 
TYR N    N N N 353 
TYR CA   C N S 354 
TYR C    C N N 355 
TYR O    O N N 356 
TYR CB   C N N 357 
TYR CG   C Y N 358 
TYR CD1  C Y N 359 
TYR CD2  C Y N 360 
TYR CE1  C Y N 361 
TYR CE2  C Y N 362 
TYR CZ   C Y N 363 
TYR OH   O N N 364 
TYR OXT  O N N 365 
TYR H    H N N 366 
TYR H2   H N N 367 
TYR HA   H N N 368 
TYR HB2  H N N 369 
TYR HB3  H N N 370 
TYR HD1  H N N 371 
TYR HD2  H N N 372 
TYR HE1  H N N 373 
TYR HE2  H N N 374 
TYR HH   H N N 375 
TYR HXT  H N N 376 
VAL N    N N N 377 
VAL CA   C N S 378 
VAL C    C N N 379 
VAL O    O N N 380 
VAL CB   C N N 381 
VAL CG1  C N N 382 
VAL CG2  C N N 383 
VAL OXT  O N N 384 
VAL H    H N N 385 
VAL H2   H N N 386 
VAL HA   H N N 387 
VAL HB   H N N 388 
VAL HG11 H N N 389 
VAL HG12 H N N 390 
VAL HG13 H N N 391 
VAL HG21 H N N 392 
VAL HG22 H N N 393 
VAL HG23 H N N 394 
VAL HXT  H N N 395 
# 
loop_
_chem_comp_bond.comp_id 
_chem_comp_bond.atom_id_1 
_chem_comp_bond.atom_id_2 
_chem_comp_bond.value_order 
_chem_comp_bond.pdbx_aromatic_flag 
_chem_comp_bond.pdbx_stereo_config 
_chem_comp_bond.pdbx_ordinal 
ALA N   CA   sing N N 1   
ALA N   H    sing N N 2   
ALA N   H2   sing N N 3   
ALA CA  C    sing N N 4   
ALA CA  CB   sing N N 5   
ALA CA  HA   sing N N 6   
ALA C   O    doub N N 7   
ALA C   OXT  sing N N 8   
ALA CB  HB1  sing N N 9   
ALA CB  HB2  sing N N 10  
ALA CB  HB3  sing N N 11  
ALA OXT HXT  sing N N 12  
ARG N   CA   sing N N 13  
ARG N   H    sing N N 14  
ARG N   H2   sing N N 15  
ARG CA  C    sing N N 16  
ARG CA  CB   sing N N 17  
ARG CA  HA   sing N N 18  
ARG C   O    doub N N 19  
ARG C   OXT  sing N N 20  
ARG CB  CG   sing N N 21  
ARG CB  HB2  sing N N 22  
ARG CB  HB3  sing N N 23  
ARG CG  CD   sing N N 24  
ARG CG  HG2  sing N N 25  
ARG CG  HG3  sing N N 26  
ARG CD  NE   sing N N 27  
ARG CD  HD2  sing N N 28  
ARG CD  HD3  sing N N 29  
ARG NE  CZ   sing N N 30  
ARG NE  HE   sing N N 31  
ARG CZ  NH1  sing N N 32  
ARG CZ  NH2  doub N N 33  
ARG NH1 HH11 sing N N 34  
ARG NH1 HH12 sing N N 35  
ARG NH2 HH21 sing N N 36  
ARG NH2 HH22 sing N N 37  
ARG OXT HXT  sing N N 38  
ASN N   CA   sing N N 39  
ASN N   H    sing N N 40  
ASN N   H2   sing N N 41  
ASN CA  C    sing N N 42  
ASN CA  CB   sing N N 43  
ASN CA  HA   sing N N 44  
ASN C   O    doub N N 45  
ASN C   OXT  sing N N 46  
ASN CB  CG   sing N N 47  
ASN CB  HB2  sing N N 48  
ASN CB  HB3  sing N N 49  
ASN CG  OD1  doub N N 50  
ASN CG  ND2  sing N N 51  
ASN ND2 HD21 sing N N 52  
ASN ND2 HD22 sing N N 53  
ASN OXT HXT  sing N N 54  
ASP N   CA   sing N N 55  
ASP N   H    sing N N 56  
ASP N   H2   sing N N 57  
ASP CA  C    sing N N 58  
ASP CA  CB   sing N N 59  
ASP CA  HA   sing N N 60  
ASP C   O    doub N N 61  
ASP C   OXT  sing N N 62  
ASP CB  CG   sing N N 63  
ASP CB  HB2  sing N N 64  
ASP CB  HB3  sing N N 65  
ASP CG  OD1  doub N N 66  
ASP CG  OD2  sing N N 67  
ASP OD2 HD2  sing N N 68  
ASP OXT HXT  sing N N 69  
CYS N   CA   sing N N 70  
CYS N   H    sing N N 71  
CYS N   H2   sing N N 72  
CYS CA  C    sing N N 73  
CYS CA  CB   sing N N 74  
CYS CA  HA   sing N N 75  
CYS C   O    doub N N 76  
CYS C   OXT  sing N N 77  
CYS CB  SG   sing N N 78  
CYS CB  HB2  sing N N 79  
CYS CB  HB3  sing N N 80  
CYS SG  HG   sing N N 81  
CYS OXT HXT  sing N N 82  
GLN N   CA   sing N N 83  
GLN N   H    sing N N 84  
GLN N   H2   sing N N 85  
GLN CA  C    sing N N 86  
GLN CA  CB   sing N N 87  
GLN CA  HA   sing N N 88  
GLN C   O    doub N N 89  
GLN C   OXT  sing N N 90  
GLN CB  CG   sing N N 91  
GLN CB  HB2  sing N N 92  
GLN CB  HB3  sing N N 93  
GLN CG  CD   sing N N 94  
GLN CG  HG2  sing N N 95  
GLN CG  HG3  sing N N 96  
GLN CD  OE1  doub N N 97  
GLN CD  NE2  sing N N 98  
GLN NE2 HE21 sing N N 99  
GLN NE2 HE22 sing N N 100 
GLN OXT HXT  sing N N 101 
GLU N   CA   sing N N 102 
GLU N   H    sing N N 103 
GLU N   H2   sing N N 104 
GLU CA  C    sing N N 105 
GLU CA  CB   sing N N 106 
GLU CA  HA   sing N N 107 
GLU C   O    doub N N 108 
GLU C   OXT  sing N N 109 
GLU CB  CG   sing N N 110 
GLU CB  HB2  sing N N 111 
GLU CB  HB3  sing N N 112 
GLU CG  CD   sing N N 113 
GLU CG  HG2  sing N N 114 
GLU CG  HG3  sing N N 115 
GLU CD  OE1  doub N N 116 
GLU CD  OE2  sing N N 117 
GLU OE2 HE2  sing N N 118 
GLU OXT HXT  sing N N 119 
GLY N   CA   sing N N 120 
GLY N   H    sing N N 121 
GLY N   H2   sing N N 122 
GLY CA  C    sing N N 123 
GLY CA  HA2  sing N N 124 
GLY CA  HA3  sing N N 125 
GLY C   O    doub N N 126 
GLY C   OXT  sing N N 127 
GLY OXT HXT  sing N N 128 
HIS N   CA   sing N N 129 
HIS N   H    sing N N 130 
HIS N   H2   sing N N 131 
HIS CA  C    sing N N 132 
HIS CA  CB   sing N N 133 
HIS CA  HA   sing N N 134 
HIS C   O    doub N N 135 
HIS C   OXT  sing N N 136 
HIS CB  CG   sing N N 137 
HIS CB  HB2  sing N N 138 
HIS CB  HB3  sing N N 139 
HIS CG  ND1  sing Y N 140 
HIS CG  CD2  doub Y N 141 
HIS ND1 CE1  doub Y N 142 
HIS ND1 HD1  sing N N 143 
HIS CD2 NE2  sing Y N 144 
HIS CD2 HD2  sing N N 145 
HIS CE1 NE2  sing Y N 146 
HIS CE1 HE1  sing N N 147 
HIS NE2 HE2  sing N N 148 
HIS OXT HXT  sing N N 149 
HOH O   H1   sing N N 150 
HOH O   H2   sing N N 151 
ILE N   CA   sing N N 152 
ILE N   H    sing N N 153 
ILE N   H2   sing N N 154 
ILE CA  C    sing N N 155 
ILE CA  CB   sing N N 156 
ILE CA  HA   sing N N 157 
ILE C   O    doub N N 158 
ILE C   OXT  sing N N 159 
ILE CB  CG1  sing N N 160 
ILE CB  CG2  sing N N 161 
ILE CB  HB   sing N N 162 
ILE CG1 CD1  sing N N 163 
ILE CG1 HG12 sing N N 164 
ILE CG1 HG13 sing N N 165 
ILE CG2 HG21 sing N N 166 
ILE CG2 HG22 sing N N 167 
ILE CG2 HG23 sing N N 168 
ILE CD1 HD11 sing N N 169 
ILE CD1 HD12 sing N N 170 
ILE CD1 HD13 sing N N 171 
ILE OXT HXT  sing N N 172 
LEU N   CA   sing N N 173 
LEU N   H    sing N N 174 
LEU N   H2   sing N N 175 
LEU CA  C    sing N N 176 
LEU CA  CB   sing N N 177 
LEU CA  HA   sing N N 178 
LEU C   O    doub N N 179 
LEU C   OXT  sing N N 180 
LEU CB  CG   sing N N 181 
LEU CB  HB2  sing N N 182 
LEU CB  HB3  sing N N 183 
LEU CG  CD1  sing N N 184 
LEU CG  CD2  sing N N 185 
LEU CG  HG   sing N N 186 
LEU CD1 HD11 sing N N 187 
LEU CD1 HD12 sing N N 188 
LEU CD1 HD13 sing N N 189 
LEU CD2 HD21 sing N N 190 
LEU CD2 HD22 sing N N 191 
LEU CD2 HD23 sing N N 192 
LEU OXT HXT  sing N N 193 
LYS N   CA   sing N N 194 
LYS N   H    sing N N 195 
LYS N   H2   sing N N 196 
LYS CA  C    sing N N 197 
LYS CA  CB   sing N N 198 
LYS CA  HA   sing N N 199 
LYS C   O    doub N N 200 
LYS C   OXT  sing N N 201 
LYS CB  CG   sing N N 202 
LYS CB  HB2  sing N N 203 
LYS CB  HB3  sing N N 204 
LYS CG  CD   sing N N 205 
LYS CG  HG2  sing N N 206 
LYS CG  HG3  sing N N 207 
LYS CD  CE   sing N N 208 
LYS CD  HD2  sing N N 209 
LYS CD  HD3  sing N N 210 
LYS CE  NZ   sing N N 211 
LYS CE  HE2  sing N N 212 
LYS CE  HE3  sing N N 213 
LYS NZ  HZ1  sing N N 214 
LYS NZ  HZ2  sing N N 215 
LYS NZ  HZ3  sing N N 216 
LYS OXT HXT  sing N N 217 
MET N   CA   sing N N 218 
MET N   H    sing N N 219 
MET N   H2   sing N N 220 
MET CA  C    sing N N 221 
MET CA  CB   sing N N 222 
MET CA  HA   sing N N 223 
MET C   O    doub N N 224 
MET C   OXT  sing N N 225 
MET CB  CG   sing N N 226 
MET CB  HB2  sing N N 227 
MET CB  HB3  sing N N 228 
MET CG  SD   sing N N 229 
MET CG  HG2  sing N N 230 
MET CG  HG3  sing N N 231 
MET SD  CE   sing N N 232 
MET CE  HE1  sing N N 233 
MET CE  HE2  sing N N 234 
MET CE  HE3  sing N N 235 
MET OXT HXT  sing N N 236 
PHE N   CA   sing N N 237 
PHE N   H    sing N N 238 
PHE N   H2   sing N N 239 
PHE CA  C    sing N N 240 
PHE CA  CB   sing N N 241 
PHE CA  HA   sing N N 242 
PHE C   O    doub N N 243 
PHE C   OXT  sing N N 244 
PHE CB  CG   sing N N 245 
PHE CB  HB2  sing N N 246 
PHE CB  HB3  sing N N 247 
PHE CG  CD1  doub Y N 248 
PHE CG  CD2  sing Y N 249 
PHE CD1 CE1  sing Y N 250 
PHE CD1 HD1  sing N N 251 
PHE CD2 CE2  doub Y N 252 
PHE CD2 HD2  sing N N 253 
PHE CE1 CZ   doub Y N 254 
PHE CE1 HE1  sing N N 255 
PHE CE2 CZ   sing Y N 256 
PHE CE2 HE2  sing N N 257 
PHE CZ  HZ   sing N N 258 
PHE OXT HXT  sing N N 259 
PRO N   CA   sing N N 260 
PRO N   CD   sing N N 261 
PRO N   H    sing N N 262 
PRO CA  C    sing N N 263 
PRO CA  CB   sing N N 264 
PRO CA  HA   sing N N 265 
PRO C   O    doub N N 266 
PRO C   OXT  sing N N 267 
PRO CB  CG   sing N N 268 
PRO CB  HB2  sing N N 269 
PRO CB  HB3  sing N N 270 
PRO CG  CD   sing N N 271 
PRO CG  HG2  sing N N 272 
PRO CG  HG3  sing N N 273 
PRO CD  HD2  sing N N 274 
PRO CD  HD3  sing N N 275 
PRO OXT HXT  sing N N 276 
SER N   CA   sing N N 277 
SER N   H    sing N N 278 
SER N   H2   sing N N 279 
SER CA  C    sing N N 280 
SER CA  CB   sing N N 281 
SER CA  HA   sing N N 282 
SER C   O    doub N N 283 
SER C   OXT  sing N N 284 
SER CB  OG   sing N N 285 
SER CB  HB2  sing N N 286 
SER CB  HB3  sing N N 287 
SER OG  HG   sing N N 288 
SER OXT HXT  sing N N 289 
SO4 S   O1   doub N N 290 
SO4 S   O2   doub N N 291 
SO4 S   O3   sing N N 292 
SO4 S   O4   sing N N 293 
THR N   CA   sing N N 294 
THR N   H    sing N N 295 
THR N   H2   sing N N 296 
THR CA  C    sing N N 297 
THR CA  CB   sing N N 298 
THR CA  HA   sing N N 299 
THR C   O    doub N N 300 
THR C   OXT  sing N N 301 
THR CB  OG1  sing N N 302 
THR CB  CG2  sing N N 303 
THR CB  HB   sing N N 304 
THR OG1 HG1  sing N N 305 
THR CG2 HG21 sing N N 306 
THR CG2 HG22 sing N N 307 
THR CG2 HG23 sing N N 308 
THR OXT HXT  sing N N 309 
TRP N   CA   sing N N 310 
TRP N   H    sing N N 311 
TRP N   H2   sing N N 312 
TRP CA  C    sing N N 313 
TRP CA  CB   sing N N 314 
TRP CA  HA   sing N N 315 
TRP C   O    doub N N 316 
TRP C   OXT  sing N N 317 
TRP CB  CG   sing N N 318 
TRP CB  HB2  sing N N 319 
TRP CB  HB3  sing N N 320 
TRP CG  CD1  doub Y N 321 
TRP CG  CD2  sing Y N 322 
TRP CD1 NE1  sing Y N 323 
TRP CD1 HD1  sing N N 324 
TRP CD2 CE2  doub Y N 325 
TRP CD2 CE3  sing Y N 326 
TRP NE1 CE2  sing Y N 327 
TRP NE1 HE1  sing N N 328 
TRP CE2 CZ2  sing Y N 329 
TRP CE3 CZ3  doub Y N 330 
TRP CE3 HE3  sing N N 331 
TRP CZ2 CH2  doub Y N 332 
TRP CZ2 HZ2  sing N N 333 
TRP CZ3 CH2  sing Y N 334 
TRP CZ3 HZ3  sing N N 335 
TRP CH2 HH2  sing N N 336 
TRP OXT HXT  sing N N 337 
TYR N   CA   sing N N 338 
TYR N   H    sing N N 339 
TYR N   H2   sing N N 340 
TYR CA  C    sing N N 341 
TYR CA  CB   sing N N 342 
TYR CA  HA   sing N N 343 
TYR C   O    doub N N 344 
TYR C   OXT  sing N N 345 
TYR CB  CG   sing N N 346 
TYR CB  HB2  sing N N 347 
TYR CB  HB3  sing N N 348 
TYR CG  CD1  doub Y N 349 
TYR CG  CD2  sing Y N 350 
TYR CD1 CE1  sing Y N 351 
TYR CD1 HD1  sing N N 352 
TYR CD2 CE2  doub Y N 353 
TYR CD2 HD2  sing N N 354 
TYR CE1 CZ   doub Y N 355 
TYR CE1 HE1  sing N N 356 
TYR CE2 CZ   sing Y N 357 
TYR CE2 HE2  sing N N 358 
TYR CZ  OH   sing N N 359 
TYR OH  HH   sing N N 360 
TYR OXT HXT  sing N N 361 
VAL N   CA   sing N N 362 
VAL N   H    sing N N 363 
VAL N   H2   sing N N 364 
VAL CA  C    sing N N 365 
VAL CA  CB   sing N N 366 
VAL CA  HA   sing N N 367 
VAL C   O    doub N N 368 
VAL C   OXT  sing N N 369 
VAL CB  CG1  sing N N 370 
VAL CB  CG2  sing N N 371 
VAL CB  HB   sing N N 372 
VAL CG1 HG11 sing N N 373 
VAL CG1 HG12 sing N N 374 
VAL CG1 HG13 sing N N 375 
VAL CG2 HG21 sing N N 376 
VAL CG2 HG22 sing N N 377 
VAL CG2 HG23 sing N N 378 
VAL OXT HXT  sing N N 379 
# 
_pdbx_initial_refinement_model.id               1 
_pdbx_initial_refinement_model.entity_id_list   ? 
_pdbx_initial_refinement_model.type             'experimental model' 
_pdbx_initial_refinement_model.source_name      PDB 
_pdbx_initial_refinement_model.accession_code   3LWE 
_pdbx_initial_refinement_model.details          
'model of protein in slightly different crystal form, itself based on molecular replacement with PDB entry 3LWE.' 
# 
_atom_sites.entry_id                    4HAE 
_atom_sites.fract_transf_matrix[1][1]   0.00232914 
_atom_sites.fract_transf_matrix[1][2]   0.01646950 
_atom_sites.fract_transf_matrix[1][3]   -0.00945085 
_atom_sites.fract_transf_matrix[2][1]   -0.00634113 
_atom_sites.fract_transf_matrix[2][2]   0.00169577 
_atom_sites.fract_transf_matrix[2][3]   -0.01796968 
_atom_sites.fract_transf_matrix[3][1]   -0.00982415 
_atom_sites.fract_transf_matrix[3][2]   0.00357214 
_atom_sites.fract_transf_matrix[3][3]   0.00380384 
_atom_sites.fract_transf_vector[1]      0.201110 
_atom_sites.fract_transf_vector[2]      0.526395 
_atom_sites.fract_transf_vector[3]      -0.060988 
# 
loop_
_atom_type.symbol 
C 
N 
O 
S 
X 
# 
loop_
_atom_site.group_PDB 
_atom_site.id 
_atom_site.type_symbol 
_atom_site.label_atom_id 
_atom_site.label_alt_id 
_atom_site.label_comp_id 
_atom_site.label_asym_id 
_atom_site.label_entity_id 
_atom_site.label_seq_id 
_atom_site.pdbx_PDB_ins_code 
_atom_site.Cartn_x 
_atom_site.Cartn_y 
_atom_site.Cartn_z 
_atom_site.occupancy 
_atom_site.B_iso_or_equiv 
_atom_site.pdbx_formal_charge 
_atom_site.auth_seq_id 
_atom_site.auth_comp_id 
_atom_site.auth_asym_id 
_atom_site.auth_atom_id 
_atom_site.pdbx_PDB_model_num 
ATOM   1   N N   . GLU A 1 12 ? 6.209   -5.738  -4.220  1.00 98.62  ? -5  GLU A N   1 
ATOM   2   C CA  . GLU A 1 12 ? 4.857   -5.601  -4.844  1.00 93.08  ? -5  GLU A CA  1 
ATOM   3   C C   . GLU A 1 12 ? 4.572   -4.162  -5.326  1.00 83.19  ? -5  GLU A C   1 
ATOM   4   O O   . GLU A 1 12 ? 3.452   -3.860  -5.730  1.00 91.31  ? -5  GLU A O   1 
ATOM   5   C CB  . GLU A 1 12 ? 3.769   -6.064  -3.850  1.00 83.57  ? -5  GLU A CB  1 
ATOM   6   N N   . ASN A 1 13 ? 5.593   -3.300  -5.319  1.00 72.75  ? -4  ASN A N   1 
ATOM   7   C CA  . ASN A 1 13 ? 5.440   -1.853  -5.546  1.00 68.38  ? -4  ASN A CA  1 
ATOM   8   C C   . ASN A 1 13 ? 4.197   -1.243  -4.830  1.00 57.56  ? -4  ASN A C   1 
ATOM   9   O O   . ASN A 1 13 ? 3.238   -0.749  -5.447  1.00 55.13  ? -4  ASN A O   1 
ATOM   10  C CB  . ASN A 1 13 ? 5.480   -1.537  -7.040  1.00 77.52  ? -4  ASN A CB  1 
ATOM   11  C CG  . ASN A 1 13 ? 6.292   -0.282  -7.353  1.00 82.49  ? -4  ASN A CG  1 
ATOM   12  O OD1 . ASN A 1 13 ? 7.152   0.133   -6.565  1.00 86.18  ? -4  ASN A OD1 1 
ATOM   13  N ND2 . ASN A 1 13 ? 6.026   0.324   -8.513  1.00 81.84  ? -4  ASN A ND2 1 
ATOM   14  N N   . LEU A 1 14 ? 4.253   -1.305  -3.505  1.00 47.00  ? -3  LEU A N   1 
ATOM   15  C CA  . LEU A 1 14 ? 3.154   -0.887  -2.646  1.00 47.13  ? -3  LEU A CA  1 
ATOM   16  C C   . LEU A 1 14 ? 3.423   0.496   -2.137  1.00 43.62  ? -3  LEU A C   1 
ATOM   17  O O   . LEU A 1 14 ? 4.579   0.843   -1.830  1.00 39.61  ? -3  LEU A O   1 
ATOM   18  C CB  . LEU A 1 14 ? 3.010   -1.821  -1.465  1.00 49.14  ? -3  LEU A CB  1 
ATOM   19  C CG  . LEU A 1 14 ? 2.665   -3.253  -1.829  1.00 57.54  ? -3  LEU A CG  1 
ATOM   20  C CD1 . LEU A 1 14 ? 2.755   -4.125  -0.576  1.00 62.41  ? -3  LEU A CD1 1 
ATOM   21  C CD2 . LEU A 1 14 ? 1.279   -3.339  -2.474  1.00 57.93  ? -3  LEU A CD2 1 
ATOM   22  N N   . TYR A 1 15 ? 2.365   1.287   -2.053  1.00 39.61  ? -2  TYR A N   1 
ATOM   23  C CA  . TYR A 1 15 ? 2.477   2.677   -1.625  1.00 40.30  ? -2  TYR A CA  1 
ATOM   24  C C   . TYR A 1 15 ? 1.288   2.966   -0.747  1.00 40.11  ? -2  TYR A C   1 
ATOM   25  O O   . TYR A 1 15 ? 0.239   2.420   -0.958  1.00 42.56  ? -2  TYR A O   1 
ATOM   26  C CB  . TYR A 1 15 ? 2.460   3.588   -2.816  1.00 43.14  ? -2  TYR A CB  1 
ATOM   27  C CG  . TYR A 1 15 ? 3.731   3.599   -3.622  1.00 44.20  ? -2  TYR A CG  1 
ATOM   28  C CD1 . TYR A 1 15 ? 3.945   2.676   -4.612  1.00 50.08  ? -2  TYR A CD1 1 
ATOM   29  C CD2 . TYR A 1 15 ? 4.708   4.553   -3.396  1.00 51.56  ? -2  TYR A CD2 1 
ATOM   30  C CE1 . TYR A 1 15 ? 5.108   2.682   -5.366  1.00 54.92  ? -2  TYR A CE1 1 
ATOM   31  C CE2 . TYR A 1 15 ? 5.886   4.575   -4.139  1.00 57.68  ? -2  TYR A CE2 1 
ATOM   32  C CZ  . TYR A 1 15 ? 6.071   3.626   -5.131  1.00 57.11  ? -2  TYR A CZ  1 
ATOM   33  O OH  . TYR A 1 15 ? 7.212   3.629   -5.888  1.00 65.09  ? -2  TYR A OH  1 
ATOM   34  N N   . PHE A 1 16 ? 1.483   3.780   0.282   1.00 38.62  ? -1  PHE A N   1 
ATOM   35  C CA  . PHE A 1 16 ? 0.404   4.184   1.146   1.00 39.39  ? -1  PHE A CA  1 
ATOM   36  C C   . PHE A 1 16 ? 0.045   5.643   0.858   1.00 38.56  ? -1  PHE A C   1 
ATOM   37  O O   . PHE A 1 16 ? 0.916   6.489   0.695   1.00 39.37  ? -1  PHE A O   1 
ATOM   38  C CB  . PHE A 1 16 ? 0.791   4.002   2.591   1.00 41.24  ? -1  PHE A CB  1 
ATOM   39  C CG  . PHE A 1 16 ? -0.343  4.162   3.521   1.00 45.05  ? -1  PHE A CG  1 
ATOM   40  C CD1 . PHE A 1 16 ? -1.229  3.114   3.722   1.00 50.15  ? -1  PHE A CD1 1 
ATOM   41  C CD2 . PHE A 1 16 ? -0.553  5.368   4.168   1.00 46.68  ? -1  PHE A CD2 1 
ATOM   42  C CE1 . PHE A 1 16 ? -2.305  3.263   4.572   1.00 58.13  ? -1  PHE A CE1 1 
ATOM   43  C CE2 . PHE A 1 16 ? -1.617  5.528   5.025   1.00 54.48  ? -1  PHE A CE2 1 
ATOM   44  C CZ  . PHE A 1 16 ? -2.508  4.479   5.219   1.00 54.97  ? -1  PHE A CZ  1 
ATOM   45  N N   . GLN A 1 17 ? -1.240  5.929   0.748   1.00 38.05  ? 0   GLN A N   1 
ATOM   46  C CA  . GLN A 1 17 ? -1.702  7.291   0.446   1.00 43.80  ? 0   GLN A CA  1 
ATOM   47  C C   . GLN A 1 17 ? -1.949  7.973   1.760   1.00 46.25  ? 0   GLN A C   1 
ATOM   48  O O   . GLN A 1 17 ? -2.881  7.597   2.495   1.00 48.27  ? 0   GLN A O   1 
ATOM   49  C CB  . GLN A 1 17 ? -2.983  7.279   -0.373  1.00 51.81  ? 0   GLN A CB  1 
ATOM   50  C CG  . GLN A 1 17 ? -3.528  8.669   -0.676  1.00 54.64  ? 0   GLN A CG  1 
ATOM   51  C CD  . GLN A 1 17 ? -4.354  8.706   -1.941  1.00 65.32  ? 0   GLN A CD  1 
ATOM   52  O OE1 . GLN A 1 17 ? -5.078  7.756   -2.263  1.00 64.36  ? 0   GLN A OE1 1 
ATOM   53  N NE2 . GLN A 1 17 ? -4.254  9.812   -2.671  1.00 74.13  ? 0   GLN A NE2 1 
ATOM   54  N N   . GLY A 1 18 ? -1.106  8.963   2.063   1.00 54.05  ? 1   GLY A N   1 
ATOM   55  C CA  . GLY A 1 18 ? -1.078  9.586   3.374   1.00 59.28  ? 1   GLY A CA  1 
ATOM   56  C C   . GLY A 1 18 ? -2.055  10.732  3.455   1.00 68.08  ? 1   GLY A C   1 
ATOM   57  O O   . GLY A 1 18 ? -2.653  11.099  2.442   1.00 68.41  ? 1   GLY A O   1 
ATOM   58  N N   . ALA A 1 19 ? -2.192  11.310  4.656   1.00 68.87  ? 2   ALA A N   1 
ATOM   59  C CA  . ALA A 1 19 ? -3.190  12.369  4.926   1.00 73.66  ? 2   ALA A CA  1 
ATOM   60  C C   . ALA A 1 19 ? -3.145  13.500  3.898   1.00 75.76  ? 2   ALA A C   1 
ATOM   61  O O   . ALA A 1 19 ? -4.177  14.075  3.545   1.00 73.24  ? 2   ALA A O   1 
ATOM   62  C CB  . ALA A 1 19 ? -3.016  12.919  6.340   1.00 73.67  ? 2   ALA A CB  1 
ATOM   63  N N   . SER A 1 20 ? -1.939  13.802  3.416   1.00 78.04  ? 3   SER A N   1 
ATOM   64  C CA  . SER A 1 20 ? -1.716  14.828  2.383   1.00 72.68  ? 3   SER A CA  1 
ATOM   65  C C   . SER A 1 20 ? -2.188  14.417  0.977   1.00 68.85  ? 3   SER A C   1 
ATOM   66  O O   . SER A 1 20 ? -2.222  15.238  0.076   1.00 64.87  ? 3   SER A O   1 
ATOM   67  C CB  . SER A 1 20 ? -0.207  15.126  2.317   1.00 73.29  ? 3   SER A CB  1 
ATOM   68  O OG  . SER A 1 20 ? 0.531   13.913  2.153   1.00 58.24  ? 3   SER A OG  1 
ATOM   69  N N   . GLY A 1 21 ? -2.496  13.133  0.786   1.00 72.82  ? 4   GLY A N   1 
ATOM   70  C CA  . GLY A 1 21 ? -2.716  12.584  -0.554  1.00 73.63  ? 4   GLY A CA  1 
ATOM   71  C C   . GLY A 1 21 ? -1.429  12.096  -1.222  1.00 72.83  ? 4   GLY A C   1 
ATOM   72  O O   . GLY A 1 21 ? -1.483  11.391  -2.221  1.00 76.91  ? 4   GLY A O   1 
ATOM   73  N N   . ASP A 1 22 ? -0.279  12.479  -0.662  1.00 66.64  ? 5   ASP A N   1 
ATOM   74  C CA  . ASP A 1 22 ? 1.056   12.091  -1.138  1.00 59.10  ? 5   ASP A CA  1 
ATOM   75  C C   . ASP A 1 22 ? 1.209   10.560  -0.896  1.00 50.10  ? 5   ASP A C   1 
ATOM   76  O O   . ASP A 1 22 ? 0.637   10.034  0.050   1.00 49.27  ? 5   ASP A O   1 
ATOM   77  C CB  . ASP A 1 22 ? 2.095   12.891  -0.286  1.00 62.80  ? 5   ASP A CB  1 
ATOM   78  C CG  . ASP A 1 22 ? 3.446   13.094  -0.971  1.00 71.98  ? 5   ASP A CG  1 
ATOM   79  O OD1 . ASP A 1 22 ? 3.489   12.950  -2.207  1.00 70.70  ? 5   ASP A OD1 1 
ATOM   80  O OD2 . ASP A 1 22 ? 4.453   13.449  -0.259  1.00 68.95  ? 5   ASP A OD2 1 
ATOM   81  N N   . LEU A 1 23 ? 1.970   9.877   -1.753  1.00 45.27  ? 6   LEU A N   1 
ATOM   82  C CA  . LEU A 1 23 ? 2.205   8.414   -1.630  1.00 45.20  ? 6   LEU A CA  1 
ATOM   83  C C   . LEU A 1 23 ? 3.533   8.141   -0.906  1.00 41.22  ? 6   LEU A C   1 
ATOM   84  O O   . LEU A 1 23 ? 4.560   8.824   -1.169  1.00 44.54  ? 6   LEU A O   1 
ATOM   85  C CB  . LEU A 1 23 ? 2.195   7.727   -3.018  1.00 47.06  ? 6   LEU A CB  1 
ATOM   86  C CG  . LEU A 1 23 ? 0.935   7.839   -3.875  1.00 49.85  ? 6   LEU A CG  1 
ATOM   87  C CD1 . LEU A 1 23 ? 1.024   6.951   -5.112  1.00 54.92  ? 6   LEU A CD1 1 
ATOM   88  C CD2 . LEU A 1 23 ? -0.309  7.520   -3.098  1.00 47.85  ? 6   LEU A CD2 1 
ATOM   89  N N   . TYR A 1 24 ? 3.495   7.190   0.026   1.00 39.12  ? 7   TYR A N   1 
ATOM   90  C CA  . TYR A 1 24 ? 4.650   6.821   0.826   1.00 38.90  ? 7   TYR A CA  1 
ATOM   91  C C   . TYR A 1 24 ? 4.967   5.390   0.525   1.00 39.01  ? 7   TYR A C   1 
ATOM   92  O O   . TYR A 1 24 ? 4.104   4.523   0.601   1.00 39.40  ? 7   TYR A O   1 
ATOM   93  C CB  . TYR A 1 24 ? 4.354   6.989   2.325   1.00 37.89  ? 7   TYR A CB  1 
ATOM   94  C CG  . TYR A 1 24 ? 4.247   8.427   2.722   1.00 42.86  ? 7   TYR A CG  1 
ATOM   95  C CD1 . TYR A 1 24 ? 3.119   9.186   2.396   1.00 44.90  ? 7   TYR A CD1 1 
ATOM   96  C CD2 . TYR A 1 24 ? 5.283   9.053   3.403   1.00 45.22  ? 7   TYR A CD2 1 
ATOM   97  C CE1 . TYR A 1 24 ? 3.036   10.530  2.742   1.00 50.38  ? 7   TYR A CE1 1 
ATOM   98  C CE2 . TYR A 1 24 ? 5.202   10.378  3.741   1.00 46.51  ? 7   TYR A CE2 1 
ATOM   99  C CZ  . TYR A 1 24 ? 4.074   11.108  3.422   1.00 51.65  ? 7   TYR A CZ  1 
ATOM   100 O OH  . TYR A 1 24 ? 4.039   12.430  3.781   1.00 58.34  ? 7   TYR A OH  1 
ATOM   101 N N   . GLU A 1 25 ? 6.222   5.140   0.207   1.00 41.61  ? 8   GLU A N   1 
ATOM   102 C CA  . GLU A 1 25 ? 6.648   3.813   -0.192  1.00 41.57  ? 8   GLU A CA  1 
ATOM   103 C C   . GLU A 1 25 ? 6.659   2.848   0.976   1.00 38.30  ? 8   GLU A C   1 
ATOM   104 O O   . GLU A 1 25 ? 7.202   3.142   2.048   1.00 41.08  ? 8   GLU A O   1 
ATOM   105 C CB  . GLU A 1 25 ? 8.033   3.886   -0.825  1.00 46.06  ? 8   GLU A CB  1 
ATOM   106 C CG  . GLU A 1 25 ? 8.371   2.656   -1.639  1.00 55.76  ? 8   GLU A CG  1 
ATOM   107 C CD  . GLU A 1 25 ? 9.750   2.733   -2.258  1.00 64.59  ? 8   GLU A CD  1 
ATOM   108 O OE1 . GLU A 1 25 ? 10.214  3.876   -2.515  1.00 58.39  ? 8   GLU A OE1 1 
ATOM   109 O OE2 . GLU A 1 25 ? 10.356  1.640   -2.459  1.00 74.39  ? 8   GLU A OE2 1 
ATOM   110 N N   . VAL A 1 26 ? 6.055   1.684   0.760   1.00 38.10  ? 9   VAL A N   1 
ATOM   111 C CA  . VAL A 1 26 ? 5.997   0.606   1.736   1.00 36.94  ? 9   VAL A CA  1 
ATOM   112 C C   . VAL A 1 26 ? 7.132   -0.370  1.415   1.00 40.23  ? 9   VAL A C   1 
ATOM   113 O O   . VAL A 1 26 ? 7.261   -0.768  0.269   1.00 37.99  ? 9   VAL A O   1 
ATOM   114 C CB  . VAL A 1 26 ? 4.615   -0.071  1.656   1.00 36.83  ? 9   VAL A CB  1 
ATOM   115 C CG1 . VAL A 1 26 ? 4.566   -1.395  2.423   1.00 37.36  ? 9   VAL A CG1 1 
ATOM   116 C CG2 . VAL A 1 26 ? 3.533   0.906   2.153   1.00 38.54  ? 9   VAL A CG2 1 
ATOM   117 N N   . GLU A 1 27 ? 7.961   -0.715  2.414   1.00 36.65  ? 10  GLU A N   1 
ATOM   118 C CA  . GLU A 1 27 ? 9.001   -1.732  2.265   1.00 39.34  ? 10  GLU A CA  1 
ATOM   119 C C   . GLU A 1 27 ? 8.366   -3.105  2.196   1.00 40.91  ? 10  GLU A C   1 
ATOM   120 O O   . GLU A 1 27 ? 8.631   -3.870  1.252   1.00 40.30  ? 10  GLU A O   1 
ATOM   121 C CB  . GLU A 1 27 ? 9.993   -1.663  3.426   1.00 39.86  ? 10  GLU A CB  1 
ATOM   122 C CG  . GLU A 1 27 ? 11.107  -2.688  3.409   1.00 48.18  ? 10  GLU A CG  1 
ATOM   123 C CD  . GLU A 1 27 ? 12.115  -2.458  2.311   1.00 59.19  ? 10  GLU A CD  1 
ATOM   124 O OE1 . GLU A 1 27 ? 12.335  -1.286  1.870   1.00 63.98  ? 10  GLU A OE1 1 
ATOM   125 O OE2 . GLU A 1 27 ? 12.709  -3.470  1.876   1.00 74.27  ? 10  GLU A OE2 1 
ATOM   126 N N   . ARG A 1 28 ? 7.529   -3.435  3.182   1.00 36.69  ? 11  ARG A N   1 
ATOM   127 C CA  . ARG A 1 28 ? 6.722   -4.645  3.104   1.00 36.16  ? 11  ARG A CA  1 
ATOM   128 C C   . ARG A 1 28 ? 5.586   -4.661  4.089   1.00 33.38  ? 11  ARG A C   1 
ATOM   129 O O   . ARG A 1 28 ? 5.527   -3.839  4.991   1.00 34.22  ? 11  ARG A O   1 
ATOM   130 C CB  . ARG A 1 28 ? 7.551   -5.854  3.337   1.00 39.37  ? 11  ARG A CB  1 
ATOM   131 C CG  . ARG A 1 28 ? 8.044   -6.023  4.734   1.00 40.36  ? 11  ARG A CG  1 
ATOM   132 C CD  . ARG A 1 28 ? 8.862   -7.321  4.819   1.00 46.85  ? 11  ARG A CD  1 
ATOM   133 N NE  . ARG A 1 28 ? 9.368   -7.449  6.170   1.00 49.89  ? 11  ARG A NE  1 
ATOM   134 C CZ  . ARG A 1 28 ? 8.832   -8.208  7.109   1.00 49.07  ? 11  ARG A CZ  1 
ATOM   135 N NH1 . ARG A 1 28 ? 7.815   -9.003  6.841   1.00 51.02  ? 11  ARG A NH1 1 
ATOM   136 N NH2 . ARG A 1 28 ? 9.355   -8.194  8.314   1.00 56.86  ? 11  ARG A NH2 1 
ATOM   137 N N   . ILE A 1 29 ? 4.668   -5.588  3.866   1.00 34.46  ? 12  ILE A N   1 
ATOM   138 C CA  . ILE A 1 29 ? 3.588   -5.861  4.799   1.00 37.37  ? 12  ILE A CA  1 
ATOM   139 C C   . ILE A 1 29 ? 4.096   -6.887  5.808   1.00 36.69  ? 12  ILE A C   1 
ATOM   140 O O   . ILE A 1 29 ? 4.533   -7.967  5.434   1.00 38.90  ? 12  ILE A O   1 
ATOM   141 C CB  A ILE A 1 29 ? 2.364   -6.463  4.093   0.50 37.95  ? 12  ILE A CB  1 
ATOM   142 C CB  B ILE A 1 29 ? 2.339   -6.401  4.090   0.50 35.88  ? 12  ILE A CB  1 
ATOM   143 C CG1 A ILE A 1 29 ? 1.833   -5.537  2.989   0.50 42.42  ? 12  ILE A CG1 1 
ATOM   144 C CG1 B ILE A 1 29 ? 1.752   -5.344  3.138   0.50 36.58  ? 12  ILE A CG1 1 
ATOM   145 C CG2 . ILE A 1 29 ? 1.282   -6.787  5.108   1.00 38.12  ? 12  ILE A CG2 1 
ATOM   146 C CD1 A ILE A 1 29 ? 1.506   -4.133  3.442   0.50 44.04  ? 12  ILE A CD1 1 
ATOM   147 C CD1 B ILE A 1 29 ? 0.934   -5.912  1.999   0.50 36.56  ? 12  ILE A CD1 1 
ATOM   148 N N   . VAL A 1 30 ? 4.026   -6.538  7.080   1.00 36.00  ? 13  VAL A N   1 
ATOM   149 C CA  . VAL A 1 30 ? 4.560   -7.366  8.135   1.00 36.46  ? 13  VAL A CA  1 
ATOM   150 C C   . VAL A 1 30 ? 3.495   -8.311  8.663   1.00 38.28  ? 13  VAL A C   1 
ATOM   151 O O   . VAL A 1 30 ? 3.817   -9.421  9.091   1.00 36.51  ? 13  VAL A O   1 
ATOM   152 C CB  . VAL A 1 30 ? 5.094   -6.507  9.292   1.00 35.57  ? 13  VAL A CB  1 
ATOM   153 C CG1 . VAL A 1 30 ? 5.665   -7.377  10.412  1.00 40.61  ? 13  VAL A CG1 1 
ATOM   154 C CG2 . VAL A 1 30 ? 6.202   -5.622  8.770   1.00 36.81  ? 13  VAL A CG2 1 
ATOM   155 N N   . ASP A 1 31 ? 2.240   -7.883  8.651   1.00 35.19  ? 14  ASP A N   1 
ATOM   156 C CA  . ASP A 1 31 ? 1.169   -8.688  9.259   1.00 35.35  ? 14  ASP A CA  1 
ATOM   157 C C   . ASP A 1 31 ? -0.160  -8.082  8.797   1.00 34.79  ? 14  ASP A C   1 
ATOM   158 O O   . ASP A 1 31 ? -0.167  -7.060  8.147   1.00 29.75  ? 14  ASP A O   1 
ATOM   159 C CB  . ASP A 1 31 ? 1.297   -8.628  10.777  1.00 35.40  ? 14  ASP A CB  1 
ATOM   160 C CG  . ASP A 1 31 ? 0.618   -9.819  11.502  1.00 41.19  ? 14  ASP A CG  1 
ATOM   161 O OD1 . ASP A 1 31 ? -0.015  -10.680 10.879  1.00 39.49  ? 14  ASP A OD1 1 
ATOM   162 O OD2 . ASP A 1 31 ? 0.696   -9.859  12.725  1.00 42.07  ? 14  ASP A OD2 1 
ATOM   163 N N   . LYS A 1 32 ? -1.264  -8.738  9.133   1.00 34.42  ? 15  LYS A N   1 
ATOM   164 C CA  . LYS A 1 32 ? -2.591  -8.369  8.724   1.00 34.31  ? 15  LYS A CA  1 
ATOM   165 C C   . LYS A 1 32 ? -3.524  -8.711  9.876   1.00 35.31  ? 15  LYS A C   1 
ATOM   166 O O   . LYS A 1 32 ? -3.320  -9.709  10.555  1.00 33.15  ? 15  LYS A O   1 
ATOM   167 C CB  . LYS A 1 32 ? -2.976  -9.198  7.513   1.00 40.69  ? 15  LYS A CB  1 
ATOM   168 C CG  . LYS A 1 32 ? -4.245  -8.771  6.828   1.00 42.11  ? 15  LYS A CG  1 
ATOM   169 C CD  . LYS A 1 32 ? -4.610  -9.813  5.792   1.00 49.59  ? 15  LYS A CD  1 
ATOM   170 C CE  . LYS A 1 32 ? -5.769  -9.348  4.921   1.00 58.08  ? 15  LYS A CE  1 
ATOM   171 N NZ  . LYS A 1 32 ? -6.035  -10.300 3.787   1.00 65.53  ? 15  LYS A NZ  1 
ATOM   172 N N   . ARG A 1 33 ? -4.539  -7.896  10.091  1.00 32.95  ? 16  ARG A N   1 
ATOM   173 C CA  . ARG A 1 33 ? -5.544  -8.199  11.104  1.00 37.21  ? 16  ARG A CA  1 
ATOM   174 C C   . ARG A 1 33 ? -6.880  -7.595  10.717  1.00 38.25  ? 16  ARG A C   1 
ATOM   175 O O   . ARG A 1 33 ? -6.952  -6.616  9.943   1.00 36.84  ? 16  ARG A O   1 
ATOM   176 C CB  . ARG A 1 33 ? -5.094  -7.656  12.472  1.00 37.66  ? 16  ARG A CB  1 
ATOM   177 C CG  . ARG A 1 33 ? -5.354  -6.152  12.672  1.00 34.27  ? 16  ARG A CG  1 
ATOM   178 C CD  . ARG A 1 33 ? -4.664  -5.628  13.915  1.00 35.29  ? 16  ARG A CD  1 
ATOM   179 N NE  . ARG A 1 33 ? -4.881  -4.185  14.062  1.00 35.91  ? 16  ARG A NE  1 
ATOM   180 C CZ  . ARG A 1 33 ? -4.368  -3.417  15.023  1.00 36.67  ? 16  ARG A CZ  1 
ATOM   181 N NH1 . ARG A 1 33 ? -3.615  -3.926  15.971  1.00 38.37  ? 16  ARG A NH1 1 
ATOM   182 N NH2 . ARG A 1 33 ? -4.625  -2.107  15.027  1.00 42.32  ? 16  ARG A NH2 1 
ATOM   183 N N   . LYS A 1 34 ? -7.950  -8.157  11.262  1.00 39.03  ? 17  LYS A N   1 
ATOM   184 C CA  . LYS A 1 34 ? -9.237  -7.511  11.167  1.00 40.22  ? 17  LYS A CA  1 
ATOM   185 C C   . LYS A 1 34 ? -9.400  -6.677  12.394  1.00 40.43  ? 17  LYS A C   1 
ATOM   186 O O   . LYS A 1 34 ? -9.263  -7.160  13.506  1.00 40.74  ? 17  LYS A O   1 
ATOM   187 C CB  . LYS A 1 34 ? -10.373 -8.507  11.093  1.00 43.69  ? 17  LYS A CB  1 
ATOM   188 C CG  . LYS A 1 34 ? -11.703 -7.848  10.782  1.00 45.59  ? 17  LYS A CG  1 
ATOM   189 C CD  . LYS A 1 34 ? -12.868 -8.727  11.173  1.00 54.54  ? 17  LYS A CD  1 
ATOM   190 C CE  . LYS A 1 34 ? -13.166 -9.788  10.135  1.00 57.08  ? 17  LYS A CE  1 
ATOM   191 N NZ  . LYS A 1 34 ? -14.223 -10.726 10.630  1.00 57.13  ? 17  LYS A NZ  1 
ATOM   192 N N   . ASN A 1 35 ? -9.724  -5.416  12.214  1.00 41.72  ? 18  ASN A N   1 
ATOM   193 C CA  . ASN A 1 35 ? -9.866  -4.528  13.356  1.00 42.01  ? 18  ASN A CA  1 
ATOM   194 C C   . ASN A 1 35 ? -11.216 -4.650  14.018  1.00 45.67  ? 18  ASN A C   1 
ATOM   195 O O   . ASN A 1 35 ? -12.101 -5.369  13.538  1.00 45.38  ? 18  ASN A O   1 
ATOM   196 C CB  . ASN A 1 35 ? -9.515  -3.062  12.980  1.00 42.64  ? 18  ASN A CB  1 
ATOM   197 C CG  . ASN A 1 35 ? -10.556 -2.378  12.141  1.00 43.88  ? 18  ASN A CG  1 
ATOM   198 O OD1 . ASN A 1 35 ? -11.722 -2.752  12.096  1.00 46.71  ? 18  ASN A OD1 1 
ATOM   199 N ND2 . ASN A 1 35 ? -10.134 -1.295  11.513  1.00 43.90  ? 18  ASN A ND2 1 
ATOM   200 N N   . LYS A 1 36 ? -11.387 -3.947  15.125  1.00 45.28  ? 19  LYS A N   1 
ATOM   201 C CA  . LYS A 1 36 ? -12.602 -4.064  15.906  1.00 48.31  ? 19  LYS A CA  1 
ATOM   202 C C   . LYS A 1 36 ? -13.774 -3.390  15.253  1.00 50.27  ? 19  LYS A C   1 
ATOM   203 O O   . LYS A 1 36 ? -14.937 -3.560  15.676  1.00 54.18  ? 19  LYS A O   1 
ATOM   204 C CB  . LYS A 1 36 ? -12.391 -3.489  17.294  1.00 54.00  ? 19  LYS A CB  1 
ATOM   205 C CG  . LYS A 1 36 ? -11.301 -4.211  18.092  1.00 50.89  ? 19  LYS A CG  1 
ATOM   206 C CD  . LYS A 1 36 ? -11.365 -3.822  19.566  1.00 56.37  ? 19  LYS A CD  1 
ATOM   207 C CE  . LYS A 1 36 ? -10.454 -4.678  20.453  1.00 52.78  ? 19  LYS A CE  1 
ATOM   208 N NZ  . LYS A 1 36 ? -10.522 -4.206  21.880  1.00 52.02  ? 19  LYS A NZ  1 
ATOM   209 N N   . LYS A 1 37 ? -13.513 -2.610  14.214  1.00 47.59  ? 20  LYS A N   1 
ATOM   210 C CA  . LYS A 1 37 ? -14.632 -2.064  13.415  1.00 50.67  ? 20  LYS A CA  1 
ATOM   211 C C   . LYS A 1 37 ? -14.993 -2.997  12.248  1.00 49.34  ? 20  LYS A C   1 
ATOM   212 O O   . LYS A 1 37 ? -15.942 -2.732  11.496  1.00 54.08  ? 20  LYS A O   1 
ATOM   213 C CB  . LYS A 1 37 ? -14.286 -0.656  12.928  1.00 56.36  ? 20  LYS A CB  1 
ATOM   214 C CG  . LYS A 1 37 ? -14.100 0.361   14.061  1.00 60.11  ? 20  LYS A CG  1 
ATOM   215 C CD  . LYS A 1 37 ? -14.511 1.781   13.658  1.00 71.75  ? 20  LYS A CD  1 
ATOM   216 N N   . GLY A 1 38 ? -14.222 -4.074  12.088  1.00 47.72  ? 21  GLY A N   1 
ATOM   217 C CA  . GLY A 1 38 ? -14.503 -5.122  11.092  1.00 49.51  ? 21  GLY A CA  1 
ATOM   218 C C   . GLY A 1 38 ? -13.740 -4.906  9.789   1.00 51.04  ? 21  GLY A C   1 
ATOM   219 O O   . GLY A 1 38 ? -14.035 -5.531  8.779   1.00 49.25  ? 21  GLY A O   1 
ATOM   220 N N   . LYS A 1 39 ? -12.767 -4.010  9.797   1.00 43.87  ? 22  LYS A N   1 
ATOM   221 C CA  . LYS A 1 39 ? -12.108 -3.643  8.568   1.00 43.07  ? 22  LYS A CA  1 
ATOM   222 C C   . LYS A 1 39 ? -10.700 -4.152  8.642   1.00 40.39  ? 22  LYS A C   1 
ATOM   223 O O   . LYS A 1 39 ? -10.152 -4.255  9.731   1.00 39.36  ? 22  LYS A O   1 
ATOM   224 C CB  . LYS A 1 39 ? -12.211 -2.130  8.349   1.00 44.59  ? 22  LYS A CB  1 
ATOM   225 C CG  . LYS A 1 39 ? -13.643 -1.708  7.970   1.00 52.48  ? 22  LYS A CG  1 
ATOM   226 C CD  . LYS A 1 39 ? -13.790 -0.245  7.607   1.00 62.80  ? 22  LYS A CD  1 
ATOM   227 N N   . TRP A 1 40 ? -10.111 -4.472  7.496   1.00 39.31  ? 23  TRP A N   1 
ATOM   228 C CA  . TRP A 1 40 ? -8.718  -4.998  7.458   1.00 38.72  ? 23  TRP A CA  1 
ATOM   229 C C   . TRP A 1 40 ? -7.673  -3.946  7.575   1.00 35.94  ? 23  TRP A C   1 
ATOM   230 O O   . TRP A 1 40 ? -7.789  -2.864  6.979   1.00 36.83  ? 23  TRP A O   1 
ATOM   231 C CB  . TRP A 1 40 ? -8.518  -5.802  6.189   1.00 45.43  ? 23  TRP A CB  1 
ATOM   232 C CG  . TRP A 1 40 ? -9.439  -6.983  6.210   1.00 43.88  ? 23  TRP A CG  1 
ATOM   233 C CD1 . TRP A 1 40 ? -10.712 -7.081  5.676   1.00 52.46  ? 23  TRP A CD1 1 
ATOM   234 C CD2 . TRP A 1 40 ? -9.210  -8.236  6.902   1.00 43.61  ? 23  TRP A CD2 1 
ATOM   235 N NE1 . TRP A 1 40 ? -11.270 -8.311  5.963   1.00 52.60  ? 23  TRP A NE1 1 
ATOM   236 C CE2 . TRP A 1 40 ? -10.408 -9.045  6.706   1.00 50.27  ? 23  TRP A CE2 1 
ATOM   237 C CE3 . TRP A 1 40 ? -8.170  -8.747  7.659   1.00 43.16  ? 23  TRP A CE3 1 
ATOM   238 C CZ2 . TRP A 1 40 ? -10.518 -10.320 7.214   1.00 49.70  ? 23  TRP A CZ2 1 
ATOM   239 C CZ3 . TRP A 1 40 ? -8.296  -10.041 8.185   1.00 43.92  ? 23  TRP A CZ3 1 
ATOM   240 C CH2 . TRP A 1 40 ? -9.437  -10.801 7.964   1.00 47.35  ? 23  TRP A CH2 1 
ATOM   241 N N   . GLU A 1 41 ? -6.643  -4.238  8.343   1.00 31.70  ? 24  GLU A N   1 
ATOM   242 C CA  . GLU A 1 41 ? -5.493  -3.372  8.472   1.00 34.21  ? 24  GLU A CA  1 
ATOM   243 C C   . GLU A 1 41 ? -4.254  -4.180  8.247   1.00 34.05  ? 24  GLU A C   1 
ATOM   244 O O   . GLU A 1 41 ? -4.249  -5.399  8.468   1.00 36.86  ? 24  GLU A O   1 
ATOM   245 C CB  . GLU A 1 41 ? -5.411  -2.803  9.851   1.00 34.26  ? 24  GLU A CB  1 
ATOM   246 C CG  . GLU A 1 41 ? -6.626  -2.034  10.228  1.00 36.23  ? 24  GLU A CG  1 
ATOM   247 C CD  . GLU A 1 41 ? -6.511  -1.485  11.620  1.00 38.22  ? 24  GLU A CD  1 
ATOM   248 O OE1 . GLU A 1 41 ? -5.756  -2.035  12.438  1.00 38.80  ? 24  GLU A OE1 1 
ATOM   249 O OE2 . GLU A 1 41 ? -7.188  -0.497  11.905  1.00 43.50  ? 24  GLU A OE2 1 
ATOM   250 N N   . TYR A 1 42 ? -3.217  -3.502  7.776   1.00 34.91  ? 25  TYR A N   1 
ATOM   251 C CA  . TYR A 1 42 ? -1.884  -4.094  7.590   1.00 33.81  ? 25  TYR A CA  1 
ATOM   252 C C   . TYR A 1 42 ? -0.851  -3.401  8.448   1.00 29.75  ? 25  TYR A C   1 
ATOM   253 O O   . TYR A 1 42 ? -0.848  -2.187  8.609   1.00 30.01  ? 25  TYR A O   1 
ATOM   254 C CB  . TYR A 1 42 ? -1.463  -3.989  6.123   1.00 36.65  ? 25  TYR A CB  1 
ATOM   255 C CG  . TYR A 1 42 ? -2.394  -4.737  5.213   1.00 41.64  ? 25  TYR A CG  1 
ATOM   256 C CD1 . TYR A 1 42 ? -3.568  -4.150  4.728   1.00 46.69  ? 25  TYR A CD1 1 
ATOM   257 C CD2 . TYR A 1 42 ? -2.132  -6.038  4.867   1.00 44.90  ? 25  TYR A CD2 1 
ATOM   258 C CE1 . TYR A 1 42 ? -4.437  -4.867  3.905   1.00 54.31  ? 25  TYR A CE1 1 
ATOM   259 C CE2 . TYR A 1 42 ? -2.978  -6.752  4.026   1.00 50.00  ? 25  TYR A CE2 1 
ATOM   260 C CZ  . TYR A 1 42 ? -4.132  -6.167  3.559   1.00 56.23  ? 25  TYR A CZ  1 
ATOM   261 O OH  . TYR A 1 42 ? -4.964  -6.901  2.741   1.00 63.69  ? 25  TYR A OH  1 
ATOM   262 N N   . LEU A 1 43 ? 0.093   -4.184  8.915   1.00 29.60  ? 26  LEU A N   1 
ATOM   263 C CA  . LEU A 1 43 ? 1.179   -3.676  9.696   1.00 28.15  ? 26  LEU A CA  1 
ATOM   264 C C   . LEU A 1 43 ? 2.270   -3.402  8.675   1.00 28.13  ? 26  LEU A C   1 
ATOM   265 O O   . LEU A 1 43 ? 2.733   -4.315  7.994   1.00 29.82  ? 26  LEU A O   1 
ATOM   266 C CB  . LEU A 1 43 ? 1.640   -4.717  10.736  1.00 30.01  ? 26  LEU A CB  1 
ATOM   267 C CG  . LEU A 1 43 ? 2.778   -4.301  11.652  1.00 30.65  ? 26  LEU A CG  1 
ATOM   268 C CD1 . LEU A 1 43 ? 2.401   -3.089  12.460  1.00 31.84  ? 26  LEU A CD1 1 
ATOM   269 C CD2 . LEU A 1 43 ? 3.137   -5.453  12.555  1.00 36.95  ? 26  LEU A CD2 1 
ATOM   270 N N   . ILE A 1 44 ? 2.661   -2.135  8.568   1.00 28.71  ? 27  ILE A N   1 
ATOM   271 C CA  . ILE A 1 44 ? 3.477   -1.671  7.475   1.00 28.97  ? 27  ILE A CA  1 
ATOM   272 C C   . ILE A 1 44 ? 4.883   -1.427  7.956   1.00 29.65  ? 27  ILE A C   1 
ATOM   273 O O   . ILE A 1 44 ? 5.089   -0.727  8.913   1.00 31.02  ? 27  ILE A O   1 
ATOM   274 C CB  . ILE A 1 44 ? 2.965   -0.321  6.936   1.00 29.72  ? 27  ILE A CB  1 
ATOM   275 C CG1 . ILE A 1 44 ? 1.554   -0.458  6.346   1.00 33.00  ? 27  ILE A CG1 1 
ATOM   276 C CG2 . ILE A 1 44 ? 3.935   0.260   5.926   1.00 30.91  ? 27  ILE A CG2 1 
ATOM   277 C CD1 . ILE A 1 44 ? 1.429   -1.536  5.321   1.00 33.17  ? 27  ILE A CD1 1 
ATOM   278 N N   . ARG A 1 45 ? 5.826   -2.024  7.269   1.00 29.89  ? 28  ARG A N   1 
ATOM   279 C CA  . ARG A 1 45 ? 7.233   -1.616  7.335   1.00 31.61  ? 28  ARG A CA  1 
ATOM   280 C C   . ARG A 1 45 ? 7.488   -0.473  6.347   1.00 32.12  ? 28  ARG A C   1 
ATOM   281 O O   . ARG A 1 45 ? 7.399   -0.660  5.126   1.00 34.82  ? 28  ARG A O   1 
ATOM   282 C CB  . ARG A 1 45 ? 8.143   -2.798  7.008   1.00 32.23  ? 28  ARG A CB  1 
ATOM   283 C CG  . ARG A 1 45 ? 9.658   -2.492  6.980   1.00 38.61  ? 28  ARG A CG  1 
ATOM   284 C CD  . ARG A 1 45 ? 10.226  -1.988  8.304   1.00 38.35  ? 28  ARG A CD  1 
ATOM   285 N NE  . ARG A 1 45 ? 9.769   -2.813  9.383   1.00 41.54  ? 28  ARG A NE  1 
ATOM   286 C CZ  . ARG A 1 45 ? 10.235  -4.023  9.628   1.00 42.61  ? 28  ARG A CZ  1 
ATOM   287 N NH1 . ARG A 1 45 ? 11.220  -4.524  8.884   1.00 43.98  ? 28  ARG A NH1 1 
ATOM   288 N NH2 . ARG A 1 45 ? 9.706   -4.733  10.598  1.00 40.16  ? 28  ARG A NH2 1 
ATOM   289 N N   . TRP A 1 46 ? 7.830   0.701   6.854   1.00 31.51  ? 29  TRP A N   1 
ATOM   290 C CA  . TRP A 1 46 ? 8.011   1.852   6.002   1.00 33.41  ? 29  TRP A CA  1 
ATOM   291 C C   . TRP A 1 46 ? 9.391   1.858   5.430   1.00 36.52  ? 29  TRP A C   1 
ATOM   292 O O   . TRP A 1 46 ? 10.336  1.536   6.131   1.00 35.56  ? 29  TRP A O   1 
ATOM   293 C CB  . TRP A 1 46 ? 7.780   3.121   6.792   1.00 34.45  ? 29  TRP A CB  1 
ATOM   294 C CG  . TRP A 1 46 ? 6.409   3.161   7.349   1.00 33.69  ? 29  TRP A CG  1 
ATOM   295 C CD1 . TRP A 1 46 ? 6.007   2.885   8.653   1.00 34.89  ? 29  TRP A CD1 1 
ATOM   296 C CD2 . TRP A 1 46 ? 5.200   3.436   6.621   1.00 34.87  ? 29  TRP A CD2 1 
ATOM   297 N NE1 . TRP A 1 46 ? 4.630   2.976   8.773   1.00 34.60  ? 29  TRP A NE1 1 
ATOM   298 C CE2 . TRP A 1 46 ? 4.094   3.317   7.585   1.00 32.30  ? 29  TRP A CE2 1 
ATOM   299 C CE3 . TRP A 1 46 ? 4.916   3.788   5.310   1.00 36.54  ? 29  TRP A CE3 1 
ATOM   300 C CZ2 . TRP A 1 46 ? 2.800   3.541   7.226   1.00 32.44  ? 29  TRP A CZ2 1 
ATOM   301 C CZ3 . TRP A 1 46 ? 3.590   4.016   4.954   1.00 38.43  ? 29  TRP A CZ3 1 
ATOM   302 C CH2 . TRP A 1 46 ? 2.550   3.898   5.905   1.00 36.75  ? 29  TRP A CH2 1 
ATOM   303 N N   . LYS A 1 47 ? 9.511   2.216   4.146   1.00 38.49  ? 30  LYS A N   1 
ATOM   304 C CA  . LYS A 1 47 ? 10.821  2.312   3.456   1.00 42.71  ? 30  LYS A CA  1 
ATOM   305 C C   . LYS A 1 47 ? 11.679  3.308   4.195   1.00 43.13  ? 30  LYS A C   1 
ATOM   306 O O   . LYS A 1 47 ? 11.261  4.432   4.474   1.00 41.98  ? 30  LYS A O   1 
ATOM   307 C CB  . LYS A 1 47 ? 10.660  2.706   1.985   1.00 42.90  ? 30  LYS A CB  1 
ATOM   308 C CG  . LYS A 1 47 ? 11.945  2.739   1.143   1.00 50.67  ? 30  LYS A CG  1 
ATOM   309 C CD  . LYS A 1 47 ? 12.295  1.349   0.615   1.00 57.23  ? 30  LYS A CD  1 
ATOM   310 N N   . GLY A 1 48 ? 12.886  2.861   4.555   1.00 44.75  ? 31  GLY A N   1 
ATOM   311 C CA  . GLY A 1 48 ? 13.846  3.685   5.261   1.00 42.23  ? 31  GLY A CA  1 
ATOM   312 C C   . GLY A 1 48 ? 13.794  3.616   6.762   1.00 39.70  ? 31  GLY A C   1 
ATOM   313 O O   . GLY A 1 48 ? 14.635  4.225   7.425   1.00 42.88  ? 31  GLY A O   1 
ATOM   314 N N   . TYR A 1 49 ? 12.812  2.883   7.289   1.00 36.10  ? 32  TYR A N   1 
ATOM   315 C CA  . TYR A 1 49 ? 12.565  2.752   8.706   1.00 38.05  ? 32  TYR A CA  1 
ATOM   316 C C   . TYR A 1 49 ? 12.732  1.307   9.186   1.00 40.24  ? 32  TYR A C   1 
ATOM   317 O O   . TYR A 1 49 ? 12.748  0.371   8.376   1.00 42.87  ? 32  TYR A O   1 
ATOM   318 C CB  . TYR A 1 49 ? 11.156  3.229   9.023   1.00 35.31  ? 32  TYR A CB  1 
ATOM   319 C CG  . TYR A 1 49 ? 11.013  4.723   8.969   1.00 38.11  ? 32  TYR A CG  1 
ATOM   320 C CD1 . TYR A 1 49 ? 11.265  5.486   10.071  1.00 41.96  ? 32  TYR A CD1 1 
ATOM   321 C CD2 . TYR A 1 49 ? 10.615  5.367   7.808   1.00 40.75  ? 32  TYR A CD2 1 
ATOM   322 C CE1 . TYR A 1 49 ? 11.163  6.887   10.024  1.00 44.17  ? 32  TYR A CE1 1 
ATOM   323 C CE2 . TYR A 1 49 ? 10.488  6.760   7.756   1.00 40.21  ? 32  TYR A CE2 1 
ATOM   324 C CZ  . TYR A 1 49 ? 10.760  7.503   8.878   1.00 41.55  ? 32  TYR A CZ  1 
ATOM   325 O OH  . TYR A 1 49 ? 10.642  8.880   8.865   1.00 44.19  ? 32  TYR A OH  1 
ATOM   326 N N   . GLY A 1 50 ? 12.816  1.148   10.497  1.00 42.55  ? 33  GLY A N   1 
ATOM   327 C CA  . GLY A 1 50 ? 12.911  -0.168  11.134  1.00 45.54  ? 33  GLY A CA  1 
ATOM   328 C C   . GLY A 1 50 ? 11.624  -0.591  11.773  1.00 42.66  ? 33  GLY A C   1 
ATOM   329 O O   . GLY A 1 50 ? 10.613  0.115   11.707  1.00 39.25  ? 33  GLY A O   1 
ATOM   330 N N   . SER A 1 51 ? 11.632  -1.776  12.383  1.00 40.10  ? 34  SER A N   1 
ATOM   331 C CA  . SER A 1 51 ? 10.429  -2.322  12.984  1.00 38.29  ? 34  SER A CA  1 
ATOM   332 C C   . SER A 1 51 ? 9.816   -1.438  14.091  1.00 38.18  ? 34  SER A C   1 
ATOM   333 O O   . SER A 1 51 ? 8.645   -1.529  14.368  1.00 38.49  ? 34  SER A O   1 
ATOM   334 C CB  . SER A 1 51 ? 10.734  -3.712  13.554  1.00 49.58  ? 34  SER A CB  1 
ATOM   335 O OG  . SER A 1 51 ? 11.657  -3.585  14.617  1.00 51.71  ? 34  SER A OG  1 
ATOM   336 N N   . THR A 1 52 ? 10.593  -0.579  14.717  1.00 41.74  ? 35  THR A N   1 
ATOM   337 C CA  . THR A 1 52 ? 10.046  0.304   15.751  1.00 47.25  ? 35  THR A CA  1 
ATOM   338 C C   . THR A 1 52 ? 9.006   1.274   15.194  1.00 47.24  ? 35  THR A C   1 
ATOM   339 O O   . THR A 1 52 ? 8.120   1.693   15.920  1.00 43.16  ? 35  THR A O   1 
ATOM   340 C CB  . THR A 1 52 ? 11.150  1.126   16.482  1.00 54.17  ? 35  THR A CB  1 
ATOM   341 O OG1 . THR A 1 52 ? 12.145  1.569   15.545  1.00 62.40  ? 35  THR A OG1 1 
ATOM   342 C CG2 . THR A 1 52 ? 11.820  0.276   17.507  1.00 61.57  ? 35  THR A CG2 1 
ATOM   343 N N   . GLU A 1 53 ? 9.104   1.608   13.906  1.00 41.41  ? 36  GLU A N   1 
ATOM   344 C CA  . GLU A 1 53 ? 8.166   2.523   13.279  1.00 41.52  ? 36  GLU A CA  1 
ATOM   345 C C   . GLU A 1 53 ? 7.009   1.841   12.538  1.00 39.82  ? 36  GLU A C   1 
ATOM   346 O O   . GLU A 1 53 ? 6.264   2.513   11.849  1.00 38.36  ? 36  GLU A O   1 
ATOM   347 C CB  . GLU A 1 53 ? 8.939   3.413   12.312  1.00 44.59  ? 36  GLU A CB  1 
ATOM   348 C CG  . GLU A 1 53 ? 10.049  4.178   13.016  1.00 58.71  ? 36  GLU A CG  1 
ATOM   349 C CD  . GLU A 1 53 ? 9.491   5.176   14.009  1.00 73.80  ? 36  GLU A CD  1 
ATOM   350 O OE1 . GLU A 1 53 ? 8.553   5.915   13.615  1.00 75.81  ? 36  GLU A OE1 1 
ATOM   351 O OE2 . GLU A 1 53 ? 9.969   5.209   15.174  1.00 84.36  ? 36  GLU A OE2 1 
ATOM   352 N N   . ASP A 1 54 ? 6.894   0.519   12.644  1.00 33.99  ? 37  ASP A N   1 
ATOM   353 C CA  . ASP A 1 54 ? 5.839   -0.232  11.961  1.00 34.85  ? 37  ASP A CA  1 
ATOM   354 C C   . ASP A 1 54 ? 4.495   0.220   12.488  1.00 35.92  ? 37  ASP A C   1 
ATOM   355 O O   . ASP A 1 54 ? 4.339   0.386   13.691  1.00 33.19  ? 37  ASP A O   1 
ATOM   356 C CB  . ASP A 1 54 ? 5.938   -1.730  12.240  1.00 35.88  ? 37  ASP A CB  1 
ATOM   357 C CG  . ASP A 1 54 ? 7.086   -2.379  11.552  1.00 34.27  ? 37  ASP A CG  1 
ATOM   358 O OD1 . ASP A 1 54 ? 7.774   -1.741  10.782  1.00 35.66  ? 37  ASP A OD1 1 
ATOM   359 O OD2 . ASP A 1 54 ? 7.293   -3.581  11.768  1.00 35.03  ? 37  ASP A OD2 1 
ATOM   360 N N   . THR A 1 55 ? 3.523   0.429   11.618  1.00 33.35  ? 38  THR A N   1 
ATOM   361 C CA  . THR A 1 55 ? 2.199   0.884   12.089  1.00 32.60  ? 38  THR A CA  1 
ATOM   362 C C   . THR A 1 55 ? 1.089   0.171   11.369  1.00 32.52  ? 38  THR A C   1 
ATOM   363 O O   . THR A 1 55 ? 1.268   -0.249  10.243  1.00 31.47  ? 38  THR A O   1 
ATOM   364 C CB  . THR A 1 55 ? 2.003   2.402   11.927  1.00 34.29  ? 38  THR A CB  1 
ATOM   365 O OG1 . THR A 1 55 ? 2.263   2.776   10.579  1.00 35.36  ? 38  THR A OG1 1 
ATOM   366 C CG2 . THR A 1 55 ? 2.899   3.143   12.823  1.00 43.87  ? 38  THR A CG2 1 
ATOM   367 N N   . TRP A 1 56 ? -0.050  0.008   12.048  1.00 34.86  ? 39  TRP A N   1 
ATOM   368 C CA  . TRP A 1 56 ? -1.222  -0.665  11.488  1.00 34.12  ? 39  TRP A CA  1 
ATOM   369 C C   . TRP A 1 56 ? -1.997  0.323   10.692  1.00 38.26  ? 39  TRP A C   1 
ATOM   370 O O   . TRP A 1 56 ? -2.338  1.346   11.214  1.00 33.12  ? 39  TRP A O   1 
ATOM   371 C CB  . TRP A 1 56 ? -2.111  -1.224  12.601  1.00 34.98  ? 39  TRP A CB  1 
ATOM   372 C CG  . TRP A 1 56 ? -1.538  -2.456  13.240  1.00 31.08  ? 39  TRP A CG  1 
ATOM   373 C CD1 . TRP A 1 56 ? -0.822  -2.545  14.427  1.00 31.98  ? 39  TRP A CD1 1 
ATOM   374 C CD2 . TRP A 1 56 ? -1.584  -3.805  12.723  1.00 31.62  ? 39  TRP A CD2 1 
ATOM   375 N NE1 . TRP A 1 56 ? -0.412  -3.817  14.644  1.00 33.28  ? 39  TRP A NE1 1 
ATOM   376 C CE2 . TRP A 1 56 ? -0.863  -4.632  13.672  1.00 32.30  ? 39  TRP A CE2 1 
ATOM   377 C CE3 . TRP A 1 56 ? -2.127  -4.394  11.598  1.00 33.14  ? 39  TRP A CE3 1 
ATOM   378 C CZ2 . TRP A 1 56 ? -0.731  -5.994  13.501  1.00 34.66  ? 39  TRP A CZ2 1 
ATOM   379 C CZ3 . TRP A 1 56 ? -1.974  -5.754  11.423  1.00 33.77  ? 39  TRP A CZ3 1 
ATOM   380 C CH2 . TRP A 1 56 ? -1.302  -6.544  12.363  1.00 33.90  ? 39  TRP A CH2 1 
ATOM   381 N N   . GLU A 1 57 ? -2.251  0.039   9.411   1.00 33.13  ? 40  GLU A N   1 
ATOM   382 C CA  . GLU A 1 57 ? -2.889  1.000   8.519   1.00 35.04  ? 40  GLU A CA  1 
ATOM   383 C C   . GLU A 1 57 ? -4.041  0.381   7.799   1.00 33.78  ? 40  GLU A C   1 
ATOM   384 O O   . GLU A 1 57 ? -4.019  -0.819  7.549   1.00 32.17  ? 40  GLU A O   1 
ATOM   385 C CB  . GLU A 1 57 ? -1.868  1.508   7.470   1.00 37.58  ? 40  GLU A CB  1 
ATOM   386 C CG  . GLU A 1 57 ? -0.590  2.134   8.045   1.00 34.79  ? 40  GLU A CG  1 
ATOM   387 C CD  . GLU A 1 57 ? -0.832  3.418   8.829   1.00 36.98  ? 40  GLU A CD  1 
ATOM   388 O OE1 . GLU A 1 57 ? -1.887  4.033   8.660   1.00 37.94  ? 40  GLU A OE1 1 
ATOM   389 O OE2 . GLU A 1 57 ? 0.028   3.797   9.651   1.00 39.34  ? 40  GLU A OE2 1 
ATOM   390 N N   . PRO A 1 58 ? -5.079  1.177   7.497   1.00 37.89  ? 41  PRO A N   1 
ATOM   391 C CA  . PRO A 1 58 ? -6.263  0.667   6.793   1.00 41.56  ? 41  PRO A CA  1 
ATOM   392 C C   . PRO A 1 58 ? -5.991  0.231   5.362   1.00 42.48  ? 41  PRO A C   1 
ATOM   393 O O   . PRO A 1 58 ? -5.273  0.909   4.625   1.00 38.10  ? 41  PRO A O   1 
ATOM   394 C CB  . PRO A 1 58 ? -7.216  1.875   6.781   1.00 43.82  ? 41  PRO A CB  1 
ATOM   395 C CG  . PRO A 1 58 ? -6.322  3.062   6.908   1.00 44.51  ? 41  PRO A CG  1 
ATOM   396 C CD  . PRO A 1 58 ? -5.222  2.611   7.817   1.00 42.23  ? 41  PRO A CD  1 
ATOM   397 N N   . GLU A 1 59 ? -6.591  -0.871  4.943   1.00 39.12  ? 42  GLU A N   1 
ATOM   398 C CA  . GLU A 1 59 ? -6.318  -1.393  3.605   1.00 43.88  ? 42  GLU A CA  1 
ATOM   399 C C   . GLU A 1 59 ? -6.753  -0.463  2.501   1.00 43.60  ? 42  GLU A C   1 
ATOM   400 O O   . GLU A 1 59 ? -6.199  -0.507  1.434   1.00 47.71  ? 42  GLU A O   1 
ATOM   401 C CB  . GLU A 1 59 ? -6.959  -2.760  3.378   1.00 50.38  ? 42  GLU A CB  1 
ATOM   402 C CG  . GLU A 1 59 ? -8.375  -2.726  2.925   1.00 56.10  ? 42  GLU A CG  1 
ATOM   403 C CD  . GLU A 1 59 ? -8.931  -4.123  2.732   1.00 62.06  ? 42  GLU A CD  1 
ATOM   404 O OE1 . GLU A 1 59 ? -8.172  -5.049  2.350   1.00 57.52  ? 42  GLU A OE1 1 
ATOM   405 O OE2 . GLU A 1 59 ? -10.122 -4.283  2.981   1.00 62.09  ? 42  GLU A OE2 1 
ATOM   406 N N   . HIS A 1 60 ? -7.752  0.374   2.747   1.00 48.02  ? 43  HIS A N   1 
ATOM   407 C CA  . HIS A 1 60 ? -8.263  1.215   1.676   1.00 53.11  ? 43  HIS A CA  1 
ATOM   408 C C   . HIS A 1 60 ? -7.274  2.265   1.255   1.00 51.35  ? 43  HIS A C   1 
ATOM   409 O O   . HIS A 1 60 ? -7.389  2.798   0.170   1.00 59.04  ? 43  HIS A O   1 
ATOM   410 C CB  . HIS A 1 60 ? -9.613  1.832   2.025   1.00 58.11  ? 43  HIS A CB  1 
ATOM   411 C CG  . HIS A 1 60 ? -9.664  2.524   3.363   1.00 59.50  ? 43  HIS A CG  1 
ATOM   412 N ND1 . HIS A 1 60 ? -9.192  3.764   3.552   1.00 68.18  ? 43  HIS A ND1 1 
ATOM   413 C CD2 . HIS A 1 60 ? -10.204 2.120   4.581   1.00 67.63  ? 43  HIS A CD2 1 
ATOM   414 C CE1 . HIS A 1 60 ? -9.388  4.129   4.838   1.00 69.24  ? 43  HIS A CE1 1 
ATOM   415 N NE2 . HIS A 1 60 ? -10.010 3.126   5.462   1.00 71.03  ? 43  HIS A NE2 1 
ATOM   416 N N   . HIS A 1 61 ? -6.268  2.543   2.080   1.00 48.40  ? 44  HIS A N   1 
ATOM   417 C CA  . HIS A 1 61 ? -5.216  3.494   1.720   1.00 51.10  ? 44  HIS A CA  1 
ATOM   418 C C   . HIS A 1 61 ? -3.973  2.879   1.143   1.00 46.81  ? 44  HIS A C   1 
ATOM   419 O O   . HIS A 1 61 ? -3.058  3.597   0.758   1.00 46.82  ? 44  HIS A O   1 
ATOM   420 C CB  . HIS A 1 61 ? -4.834  4.290   2.946   1.00 53.47  ? 44  HIS A CB  1 
ATOM   421 C CG  . HIS A 1 61 ? -5.851  5.310   3.350   1.00 66.26  ? 44  HIS A CG  1 
ATOM   422 N ND1 . HIS A 1 61 ? -6.578  6.017   2.452   1.00 78.00  ? 44  HIS A ND1 1 
ATOM   423 C CD2 . HIS A 1 61 ? -6.221  5.774   4.615   1.00 71.65  ? 44  HIS A CD2 1 
ATOM   424 C CE1 . HIS A 1 61 ? -7.387  6.871   3.106   1.00 86.75  ? 44  HIS A CE1 1 
ATOM   425 N NE2 . HIS A 1 61 ? -7.168  6.719   4.434   1.00 86.73  ? 44  HIS A NE2 1 
ATOM   426 N N   . LEU A 1 62 ? -3.885  1.557   1.104   1.00 44.54  ? 45  LEU A N   1 
ATOM   427 C CA  . LEU A 1 62 ? -2.695  0.894   0.564   1.00 43.89  ? 45  LEU A CA  1 
ATOM   428 C C   . LEU A 1 62 ? -2.909  0.697   -0.938  1.00 48.48  ? 45  LEU A C   1 
ATOM   429 O O   . LEU A 1 62 ? -3.952  0.183   -1.346  1.00 51.85  ? 45  LEU A O   1 
ATOM   430 C CB  . LEU A 1 62 ? -2.429  -0.429  1.261   1.00 44.89  ? 45  LEU A CB  1 
ATOM   431 C CG  . LEU A 1 62 ? -1.026  -1.029  1.098   1.00 49.15  ? 45  LEU A CG  1 
ATOM   432 N N   . LEU A 1 63 ? -1.933  1.128   -1.745  1.00 46.23  ? 46  LEU A N   1 
ATOM   433 C CA  . LEU A 1 63 ? -2.035  1.059   -3.208  1.00 49.42  ? 46  LEU A CA  1 
ATOM   434 C C   . LEU A 1 63 ? -0.968  0.164   -3.793  1.00 46.98  ? 46  LEU A C   1 
ATOM   435 O O   . LEU A 1 63 ? 0.132   0.043   -3.248  1.00 43.37  ? 46  LEU A O   1 
ATOM   436 C CB  . LEU A 1 63 ? -1.898  2.456   -3.827  1.00 54.76  ? 46  LEU A CB  1 
ATOM   437 C CG  . LEU A 1 63 ? -2.738  3.590   -3.248  1.00 55.61  ? 46  LEU A CG  1 
ATOM   438 C CD1 . LEU A 1 63 ? -2.501  4.856   -4.049  1.00 60.80  ? 46  LEU A CD1 1 
ATOM   439 C CD2 . LEU A 1 63 ? -4.224  3.256   -3.226  1.00 61.79  ? 46  LEU A CD2 1 
ATOM   440 N N   . HIS A 1 64 ? -1.298  -0.466  -4.907  1.00 47.98  ? 47  HIS A N   1 
ATOM   441 C CA  . HIS A 1 64 ? -0.324  -1.179  -5.693  1.00 49.62  ? 47  HIS A CA  1 
ATOM   442 C C   . HIS A 1 64 ? -0.164  -0.394  -6.972  1.00 49.73  ? 47  HIS A C   1 
ATOM   443 O O   . HIS A 1 64 ? -1.140  -0.183  -7.681  1.00 49.92  ? 47  HIS A O   1 
ATOM   444 C CB  . HIS A 1 64 ? -0.808  -2.615  -5.938  1.00 57.15  ? 47  HIS A CB  1 
ATOM   445 C CG  . HIS A 1 64 ? -0.100  -3.301  -7.073  1.00 64.61  ? 47  HIS A CG  1 
ATOM   446 N ND1 . HIS A 1 64 ? 1.151   -3.784  -6.957  1.00 67.08  ? 47  HIS A ND1 1 
ATOM   447 C CD2 . HIS A 1 64 ? -0.490  -3.528  -8.388  1.00 74.43  ? 47  HIS A CD2 1 
ATOM   448 C CE1 . HIS A 1 64 ? 1.541   -4.309  -8.132  1.00 72.50  ? 47  HIS A CE1 1 
ATOM   449 N NE2 . HIS A 1 64 ? 0.537   -4.154  -9.010  1.00 77.73  ? 47  HIS A NE2 1 
ATOM   450 N N   . CYS A 1 65 ? 1.051   0.085   -7.263  1.00 51.16  ? 48  CYS A N   1 
ATOM   451 C CA  . CYS A 1 65 ? 1.287   0.852   -8.489  1.00 55.93  ? 48  CYS A CA  1 
ATOM   452 C C   . CYS A 1 65 ? 2.021   0.014   -9.519  1.00 60.04  ? 48  CYS A C   1 
ATOM   453 O O   . CYS A 1 65 ? 3.099   -0.518  -9.243  1.00 62.00  ? 48  CYS A O   1 
ATOM   454 C CB  . CYS A 1 65 ? 2.089   2.092   -8.181  1.00 55.28  ? 48  CYS A CB  1 
ATOM   455 S SG  . CYS A 1 65 ? 1.295   3.128   -6.934  1.00 56.16  ? 48  CYS A SG  1 
ATOM   456 N N   . GLU A 1 66 ? 1.429   -0.119  -10.703 1.00 61.92  ? 49  GLU A N   1 
ATOM   457 C CA  . GLU A 1 66 ? 2.045   -0.858  -11.808 1.00 63.02  ? 49  GLU A CA  1 
ATOM   458 C C   . GLU A 1 66 ? 2.251   0.081   -12.988 1.00 64.36  ? 49  GLU A C   1 
ATOM   459 O O   . GLU A 1 66 ? 1.531   1.057   -13.130 1.00 59.49  ? 49  GLU A O   1 
ATOM   460 C CB  . GLU A 1 66 ? 1.156   -2.053  -12.236 1.00 64.93  ? 49  GLU A CB  1 
ATOM   461 N N   . GLU A 1 67 ? 3.213   -0.248  -13.848 1.00 67.46  ? 50  GLU A N   1 
ATOM   462 C CA  . GLU A 1 67 ? 3.423   0.487   -15.076 1.00 70.81  ? 50  GLU A CA  1 
ATOM   463 C C   . GLU A 1 67 ? 2.063   0.646   -15.763 1.00 70.09  ? 50  GLU A C   1 
ATOM   464 O O   . GLU A 1 67 ? 1.239   -0.269  -15.761 1.00 67.62  ? 50  GLU A O   1 
ATOM   465 C CB  . GLU A 1 67 ? 4.439   -0.219  -15.987 1.00 79.05  ? 50  GLU A CB  1 
ATOM   466 C CG  . GLU A 1 67 ? 4.959   0.656   -17.147 1.00 86.70  ? 50  GLU A CG  1 
ATOM   467 C CD  . GLU A 1 67 ? 5.441   -0.142  -18.364 1.00 95.92  ? 50  GLU A CD  1 
ATOM   468 O OE1 . GLU A 1 67 ? 5.414   0.399   -19.508 1.00 94.69  ? 50  GLU A OE1 1 
ATOM   469 O OE2 . GLU A 1 67 ? 5.840   -1.319  -18.181 1.00 104.18 ? 50  GLU A OE2 1 
ATOM   470 N N   . PHE A 1 68 ? 1.831   1.831   -16.320 1.00 69.27  ? 51  PHE A N   1 
ATOM   471 C CA  . PHE A 1 68 ? 0.578   2.164   -17.000 1.00 70.44  ? 51  PHE A CA  1 
ATOM   472 C C   . PHE A 1 68 ? 0.473   1.393   -18.305 1.00 76.31  ? 51  PHE A C   1 
ATOM   473 O O   . PHE A 1 68 ? 1.449   1.288   -19.040 1.00 77.86  ? 51  PHE A O   1 
ATOM   474 C CB  . PHE A 1 68 ? 0.533   3.667   -17.277 1.00 70.84  ? 51  PHE A CB  1 
ATOM   475 C CG  . PHE A 1 68 ? -0.596  4.103   -18.164 1.00 74.06  ? 51  PHE A CG  1 
ATOM   476 C CD1 . PHE A 1 68 ? -1.911  4.004   -17.738 1.00 75.16  ? 51  PHE A CD1 1 
ATOM   477 C CD2 . PHE A 1 68 ? -0.340  4.645   -19.415 1.00 78.22  ? 51  PHE A CD2 1 
ATOM   478 C CE1 . PHE A 1 68 ? -2.958  4.432   -18.558 1.00 79.58  ? 51  PHE A CE1 1 
ATOM   479 C CE2 . PHE A 1 68 ? -1.376  5.066   -20.232 1.00 81.83  ? 51  PHE A CE2 1 
ATOM   480 C CZ  . PHE A 1 68 ? -2.688  4.953   -19.799 1.00 81.53  ? 51  PHE A CZ  1 
ATOM   481 N N   . ILE A 1 69 ? -0.709  0.840   -18.573 1.00 80.68  ? 52  ILE A N   1 
ATOM   482 C CA  . ILE A 1 69 ? -0.972  0.153   -19.829 1.00 90.44  ? 52  ILE A CA  1 
ATOM   483 C C   . ILE A 1 69 ? -2.174  0.794   -20.484 1.00 93.53  ? 52  ILE A C   1 
ATOM   484 O O   . ILE A 1 69 ? -3.274  0.825   -19.913 1.00 91.86  ? 52  ILE A O   1 
ATOM   485 C CB  . ILE A 1 69 ? -1.196  -1.357  -19.643 1.00 92.63  ? 52  ILE A CB  1 
ATOM   486 C CG1 . ILE A 1 69 ? 0.035   -2.003  -18.982 1.00 91.42  ? 52  ILE A CG1 1 
ATOM   487 C CG2 . ILE A 1 69 ? -1.470  -2.014  -20.991 1.00 100.96 ? 52  ILE A CG2 1 
ATOM   488 C CD1 . ILE A 1 69 ? 1.296   -1.977  -19.843 1.00 95.42  ? 52  ILE A CD1 1 
ATOM   489 N N   . ASP A 1 70 ? -1.928  1.305   -21.684 1.00 97.78  ? 53  ASP A N   1 
ATOM   490 C CA  . ASP A 1 70 ? -2.859  2.129   -22.413 1.00 103.03 ? 53  ASP A CA  1 
ATOM   491 C C   . ASP A 1 70 ? -3.972  1.251   -22.956 1.00 110.12 ? 53  ASP A C   1 
ATOM   492 O O   . ASP A 1 70 ? -3.696  0.206   -23.541 1.00 112.72 ? 53  ASP A O   1 
ATOM   493 C CB  . ASP A 1 70 ? -2.104  2.812   -23.550 1.00 105.99 ? 53  ASP A CB  1 
ATOM   494 C CG  . ASP A 1 70 ? -2.793  4.070   -24.063 1.00 109.25 ? 53  ASP A CG  1 
ATOM   495 O OD1 . ASP A 1 70 ? -3.910  4.397   -23.616 1.00 115.40 ? 53  ASP A OD1 1 
ATOM   496 O OD2 . ASP A 1 70 ? -2.197  4.741   -24.918 1.00 104.38 ? 53  ASP A OD2 1 
ATOM   497 N N   . GLU A 1 71 ? -5.222  1.662   -22.741 1.00 115.17 ? 54  GLU A N   1 
ATOM   498 C CA  . GLU A 1 71 ? -6.388  0.927   -23.260 1.00 122.63 ? 54  GLU A CA  1 
ATOM   499 C C   . GLU A 1 71 ? -6.162  0.498   -24.706 1.00 127.63 ? 54  GLU A C   1 
ATOM   500 O O   . GLU A 1 71 ? -6.354  -0.669  -25.053 1.00 132.26 ? 54  GLU A O   1 
ATOM   501 C CB  . GLU A 1 71 ? -7.652  1.788   -23.180 1.00 126.15 ? 54  GLU A CB  1 
ATOM   502 N N   . PHE A 1 72 ? -5.745  1.455   -25.534 1.00 127.43 ? 55  PHE A N   1 
ATOM   503 C CA  . PHE A 1 72 ? -5.385  1.200   -26.917 1.00 129.50 ? 55  PHE A CA  1 
ATOM   504 C C   . PHE A 1 72 ? -3.858  1.019   -27.062 1.00 125.77 ? 55  PHE A C   1 
ATOM   505 O O   . PHE A 1 72 ? -3.189  1.813   -27.724 1.00 128.05 ? 55  PHE A O   1 
ATOM   506 C CB  . PHE A 1 72 ? -5.890  2.348   -27.800 1.00 134.26 ? 55  PHE A CB  1 
ATOM   507 C CG  . PHE A 1 72 ? -7.383  2.528   -27.767 1.00 135.95 ? 55  PHE A CG  1 
ATOM   508 N N   . ASN A 1 73 ? -3.324  -0.030  -26.429 1.00 120.07 ? 56  ASN A N   1 
ATOM   509 C CA  . ASN A 1 73 ? -1.915  -0.431  -26.581 1.00 117.36 ? 56  ASN A CA  1 
ATOM   510 C C   . ASN A 1 73 ? -1.785  -1.687  -27.445 1.00 121.69 ? 56  ASN A C   1 
ATOM   511 O O   . ASN A 1 73 ? -2.583  -2.641  -27.301 1.00 125.17 ? 56  ASN A O   1 
ATOM   512 C CB  . ASN A 1 73 ? -1.302  -0.723  -25.208 1.00 109.93 ? 56  ASN A CB  1 
ATOM   513 N N   . GLY A 1 74 ? -0.791  -1.693  -28.348 1.00 124.24 ? 57  GLY A N   1 
ATOM   514 C CA  . GLY A 1 74 ? -0.460  -2.908  -29.090 1.00 127.43 ? 57  GLY A CA  1 
ATOM   515 C C   . GLY A 1 74 ? -1.286  -3.203  -30.336 1.00 133.72 ? 57  GLY A C   1 
ATOM   516 O O   . GLY A 1 74 ? -1.843  -2.300  -30.985 1.00 135.41 ? 57  GLY A O   1 
ATOM   517 N N   . LEU A 1 75 ? -1.348  -4.489  -30.672 1.00 137.13 ? 58  LEU A N   1 
ATOM   518 C CA  . LEU A 1 75 ? -1.944  -4.945  -31.916 1.00 145.36 ? 58  LEU A CA  1 
ATOM   519 C C   . LEU A 1 75 ? -3.449  -5.213  -31.819 1.00 148.48 ? 58  LEU A C   1 
ATOM   520 O O   . LEU A 1 75 ? -4.216  -4.711  -32.655 1.00 154.07 ? 58  LEU A O   1 
ATOM   521 C CB  . LEU A 1 75 ? -1.215  -6.208  -32.399 1.00 149.12 ? 58  LEU A CB  1 
ATOM   522 C CG  . LEU A 1 75 ? -1.743  -6.961  -33.623 1.00 156.21 ? 58  LEU A CG  1 
ATOM   523 C CD1 . LEU A 1 75 ? -1.756  -6.072  -34.848 1.00 161.78 ? 58  LEU A CD1 1 
ATOM   524 C CD2 . LEU A 1 75 ? -0.905  -8.204  -33.875 1.00 159.11 ? 58  LEU A CD2 1 
ATOM   525 N N   . HIS A 1 76 ? -3.857  -6.032  -30.841 1.00 146.63 ? 59  HIS A N   1 
ATOM   526 C CA  . HIS A 1 76 ? -5.270  -6.417  -30.677 1.00 149.41 ? 59  HIS A CA  1 
ATOM   527 C C   . HIS A 1 76 ? -5.907  -5.650  -29.543 1.00 145.24 ? 59  HIS A C   1 
ATOM   528 O O   . HIS A 1 76 ? -5.234  -5.242  -28.597 1.00 139.54 ? 59  HIS A O   1 
ATOM   529 C CB  . HIS A 1 76 ? -5.416  -7.923  -30.406 1.00 150.37 ? 59  HIS A CB  1 
ATOM   530 C CG  . HIS A 1 76 ? -4.780  -8.823  -31.456 1.00 154.83 ? 59  HIS A CG  1 
ATOM   531 N ND1 . HIS A 1 76 ? -4.750  -8.517  -32.774 1.00 161.45 ? 59  HIS A ND1 1 
ATOM   532 C CD2 . HIS A 1 76 ? -4.181  -10.082 -31.338 1.00 155.43 ? 59  HIS A CD2 1 
ATOM   533 C CE1 . HIS A 1 76 ? -4.140  -9.509  -33.452 1.00 165.27 ? 59  HIS A CE1 1 
ATOM   534 N NE2 . HIS A 1 76 ? -3.796  -10.463 -32.580 1.00 163.17 ? 59  HIS A NE2 1 
ATOM   535 N N   . MET A 1 77 ? -7.222  -5.458  -29.632 1.00 150.67 ? 60  MET A N   1 
ATOM   536 C CA  . MET A 1 77 ? -7.984  -4.740  -28.608 1.00 145.99 ? 60  MET A CA  1 
ATOM   537 C C   . MET A 1 77 ? -8.635  -5.729  -27.648 1.00 142.35 ? 60  MET A C   1 
ATOM   538 O O   . MET A 1 77 ? -8.219  -5.848  -26.496 1.00 137.47 ? 60  MET A O   1 
ATOM   539 C CB  . MET A 1 77 ? -9.054  -3.868  -29.278 1.00 151.14 ? 60  MET A CB  1 
HETATM 540 S S   . SO4 B 2 .  ? 12.084  -7.767  10.659  0.50 56.61  ? 101 SO4 A S   1 
HETATM 541 O O1  . SO4 B 2 .  ? 13.518  -8.199  10.511  0.50 51.73  ? 101 SO4 A O1  1 
HETATM 542 O O2  . SO4 B 2 .  ? 11.193  -8.773  11.194  0.50 56.51  ? 101 SO4 A O2  1 
HETATM 543 O O3  . SO4 B 2 .  ? 12.114  -6.580  11.548  0.50 54.10  ? 101 SO4 A O3  1 
HETATM 544 O O4  . SO4 B 2 .  ? 11.648  -7.434  9.245   0.50 45.65  ? 101 SO4 A O4  1 
HETATM 545 X UNK . UNX C 3 .  ? 8.510   0.925   9.874   1.00 28.54  ? 102 UNX A UNK 1 
HETATM 546 X UNK . UNX D 3 .  ? 0.746   -10.662 5.862   1.00 47.99  ? 103 UNX A UNK 1 
HETATM 547 X UNK . UNX E 3 .  ? -11.021 -0.570  15.341  1.00 47.71  ? 104 UNX A UNK 1 
HETATM 548 X UNK . UNX F 3 .  ? 11.396  -6.781  2.244   1.00 53.38  ? 105 UNX A UNK 1 
HETATM 549 X UNK . UNX G 3 .  ? 1.647   -9.866  1.688   1.00 54.20  ? 106 UNX A UNK 1 
HETATM 550 X UNK . UNX H 3 .  ? 14.055  -0.178  14.530  1.00 61.13  ? 107 UNX A UNK 1 
HETATM 551 X UNK . UNX I 3 .  ? 3.459   14.115  2.512   1.00 46.15  ? 108 UNX A UNK 1 
HETATM 552 O O   . HOH J 4 .  ? 6.380   -10.605 8.460   1.00 47.38  ? 201 HOH A O   1 
HETATM 553 O O   . HOH J 4 .  ? 13.073  -3.408  6.790   1.00 41.93  ? 202 HOH A O   1 
HETATM 554 O O   . HOH J 4 .  ? 8.450   5.074   3.614   1.00 52.11  ? 203 HOH A O   1 
HETATM 555 O O   . HOH J 4 .  ? -0.072  1.161   14.721  1.00 35.98  ? 204 HOH A O   1 
HETATM 556 O O   . HOH J 4 .  ? -2.321  -2.652  18.303  1.00 49.91  ? 205 HOH A O   1 
HETATM 557 O O   . HOH J 4 .  ? 6.814   -4.956  13.814  1.00 41.43  ? 206 HOH A O   1 
HETATM 558 O O   . HOH J 4 .  ? 8.194   7.286   0.337   1.00 39.94  ? 207 HOH A O   1 
HETATM 559 O O   . HOH J 4 .  ? -7.374  -10.513 12.779  1.00 42.13  ? 208 HOH A O   1 
HETATM 560 O O   . HOH J 4 .  ? 4.763   10.653  -3.577  0.50 40.24  ? 209 HOH A O   1 
HETATM 561 O O   . HOH J 4 .  ? 4.955   -7.294  1.478   1.00 45.37  ? 210 HOH A O   1 
HETATM 562 O O   . HOH J 4 .  ? 13.038  3.080   12.672  1.00 57.96  ? 211 HOH A O   1 
HETATM 563 O O   . HOH J 4 .  ? 13.929  -3.437  12.056  1.00 51.55  ? 212 HOH A O   1 
HETATM 564 O O   . HOH J 4 .  ? -0.820  4.730   12.089  1.00 57.59  ? 213 HOH A O   1 
HETATM 565 O O   . HOH J 4 .  ? -9.665  -0.800  6.283   1.00 55.68  ? 214 HOH A O   1 
HETATM 566 O O   . HOH J 4 .  ? -11.591 -3.631  5.277   1.00 51.31  ? 215 HOH A O   1 
HETATM 567 O O   . HOH J 4 .  ? 3.113   16.732  3.486   1.00 59.06  ? 216 HOH A O   1 
HETATM 568 O O   . HOH J 4 .  ? 11.169  10.095  11.064  1.00 44.61  ? 217 HOH A O   1 
HETATM 569 O O   . HOH J 4 .  ? 13.238  -7.918  6.565   1.00 57.52  ? 218 HOH A O   1 
HETATM 570 O O   . HOH J 4 .  ? 11.793  -5.855  5.847   1.00 46.29  ? 219 HOH A O   1 
HETATM 571 O O   . HOH J 4 .  ? 12.833  -0.514  6.018   1.00 55.99  ? 220 HOH A O   1 
HETATM 572 O O   . HOH J 4 .  ? 13.539  0.295   3.611   1.00 61.37  ? 221 HOH A O   1 
HETATM 573 O O   . HOH J 4 .  ? 6.521   15.559  0.308   1.00 56.75  ? 222 HOH A O   1 
# 
loop_
_atom_site_anisotrop.id 
_atom_site_anisotrop.type_symbol 
_atom_site_anisotrop.pdbx_label_atom_id 
_atom_site_anisotrop.pdbx_label_alt_id 
_atom_site_anisotrop.pdbx_label_comp_id 
_atom_site_anisotrop.pdbx_label_asym_id 
_atom_site_anisotrop.pdbx_label_seq_id 
_atom_site_anisotrop.pdbx_PDB_ins_code 
_atom_site_anisotrop.U[1][1] 
_atom_site_anisotrop.U[2][2] 
_atom_site_anisotrop.U[3][3] 
_atom_site_anisotrop.U[1][2] 
_atom_site_anisotrop.U[1][3] 
_atom_site_anisotrop.U[2][3] 
_atom_site_anisotrop.pdbx_auth_seq_id 
_atom_site_anisotrop.pdbx_auth_comp_id 
_atom_site_anisotrop.pdbx_auth_asym_id 
_atom_site_anisotrop.pdbx_auth_atom_id 
1   N N   . GLU A 12 ? 1.4653 1.1555 1.1263 -0.0318 0.1504  -0.0263 -5 GLU A N   
2   C CA  . GLU A 12 ? 1.4184 1.0852 1.0326 -0.0583 0.1187  -0.0291 -5 GLU A CA  
3   C C   . GLU A 12 ? 1.2832 0.9765 0.9009 -0.0708 0.0997  -0.0128 -5 GLU A C   
4   O O   . GLU A 12 ? 1.3955 1.0838 0.9899 -0.0902 0.0699  -0.0081 -5 GLU A O   
5   C CB  . GLU A 12 ? 1.2853 0.9611 0.9286 -0.0640 0.0906  -0.0300 -5 GLU A CB  
6   N N   . ASN A 13 ? 1.1323 0.8534 0.7785 -0.0606 0.1167  -0.0019 -4 ASN A N   
7   C CA  . ASN A 13 ? 1.0641 0.8097 0.7243 -0.0697 0.0998  0.0159  -4 ASN A CA  
8   C C   . ASN A 13 ? 0.9094 0.6747 0.6029 -0.0752 0.0622  0.0244  -4 ASN A C   
9   O O   . ASN A 13 ? 0.8889 0.6478 0.5577 -0.0895 0.0379  0.0332  -4 ASN A O   
10  C CB  . ASN A 13 ? 1.2119 0.9294 0.8039 -0.0853 0.1053  0.0191  -4 ASN A CB  
11  C CG  . ASN A 13 ? 1.2619 1.0022 0.8700 -0.0861 0.1147  0.0370  -4 ASN A CG  
12  O OD1 . ASN A 13 ? 1.2791 1.0518 0.9434 -0.0743 0.1265  0.0436  -4 ASN A OD1 
13  N ND2 . ASN A 13 ? 1.2769 0.9993 0.8331 -0.1030 0.1077  0.0469  -4 ASN A ND2 
14  N N   . LEU A 14 ? 0.7479 0.5395 0.4984 -0.0622 0.0595  0.0232  -3 LEU A N   
15  C CA  . LEU A 14 ? 0.7313 0.5425 0.5167 -0.0621 0.0320  0.0289  -3 LEU A CA  
16  C C   . LEU A 14 ? 0.6674 0.5003 0.4898 -0.0571 0.0269  0.0414  -3 LEU A C   
17  O O   . LEU A 14 ? 0.6063 0.4499 0.4484 -0.0520 0.0441  0.0429  -3 LEU A O   
18  C CB  . LEU A 14 ? 0.7426 0.5643 0.5599 -0.0525 0.0332  0.0195  -3 LEU A CB  
19  C CG  . LEU A 14 ? 0.8711 0.6631 0.6518 -0.0587 0.0368  0.0066  -3 LEU A CG  
20  C CD1 . LEU A 14 ? 0.9175 0.7197 0.7339 -0.0471 0.0416  0.0005  -3 LEU A CD1 
21  C CD2 . LEU A 14 ? 0.8900 0.6713 0.6396 -0.0783 0.0096  0.0100  -3 LEU A CD2 
22  N N   . TYR A 15 ? 0.6114 0.4499 0.4434 -0.0590 0.0038  0.0518  -2 TYR A N   
23  C CA  . TYR A 15 ? 0.6090 0.4547 0.4675 -0.0541 -0.0015 0.0631  -2 TYR A CA  
24  C C   . TYR A 15 ? 0.5917 0.4507 0.4813 -0.0448 -0.0193 0.0663  -2 TYR A C   
25  O O   . TYR A 15 ? 0.6225 0.4875 0.5068 -0.0472 -0.0332 0.0684  -2 TYR A O   
26  C CB  . TYR A 15 ? 0.6606 0.4902 0.4884 -0.0637 -0.0068 0.0782  -2 TYR A CB  
27  C CG  . TYR A 15 ? 0.6862 0.5060 0.4871 -0.0720 0.0148  0.0785  -2 TYR A CG  
28  C CD1 . TYR A 15 ? 0.7804 0.5863 0.5362 -0.0798 0.0261  0.0719  -2 TYR A CD1 
29  C CD2 . TYR A 15 ? 0.7723 0.5956 0.5911 -0.0735 0.0249  0.0860  -2 TYR A CD2 
30  C CE1 . TYR A 15 ? 0.8519 0.6513 0.5833 -0.0846 0.0511  0.0729  -2 TYR A CE1 
31  C CE2 . TYR A 15 ? 0.8562 0.6789 0.6562 -0.0817 0.0468  0.0899  -2 TYR A CE2 
32  C CZ  . TYR A 15 ? 0.8666 0.6791 0.6240 -0.0852 0.0617  0.0835  -2 TYR A CZ  
33  O OH  . TYR A 15 ? 0.9737 0.7874 0.7120 -0.0904 0.0880  0.0879  -2 TYR A OH  
34  N N   . PHE A 16 ? 0.5612 0.4248 0.4815 -0.0352 -0.0174 0.0663  -1 PHE A N   
35  C CA  . PHE A 16 ? 0.5585 0.4317 0.5062 -0.0227 -0.0283 0.0693  -1 PHE A CA  
36  C C   . PHE A 16 ? 0.5535 0.4096 0.5019 -0.0168 -0.0358 0.0842  -1 PHE A C   
37  O O   . PHE A 16 ? 0.5738 0.4094 0.5126 -0.0220 -0.0292 0.0867  -1 PHE A O   
38  C CB  . PHE A 16 ? 0.5703 0.4531 0.5436 -0.0153 -0.0194 0.0565  -1 PHE A CB  
39  C CG  . PHE A 16 ? 0.6065 0.5013 0.6039 -0.0014 -0.0255 0.0572  -1 PHE A CG  
40  C CD1 . PHE A 16 ? 0.6597 0.5778 0.6680 -0.0003 -0.0311 0.0564  -1 PHE A CD1 
41  C CD2 . PHE A 16 ? 0.6288 0.5088 0.6360 0.0099  -0.0240 0.0591  -1 PHE A CD2 
42  C CE1 . PHE A 16 ? 0.7460 0.6820 0.7806 0.0131  -0.0339 0.0597  -1 PHE A CE1 
43  C CE2 . PHE A 16 ? 0.7167 0.6078 0.7453 0.0265  -0.0244 0.0598  -1 PHE A CE2 
44  C CZ  . PHE A 16 ? 0.7063 0.6302 0.7518 0.0286  -0.0289 0.0614  -1 PHE A CZ  
45  N N   . GLN A 17 ? 0.5398 0.4050 0.5007 -0.0066 -0.0495 0.0969  0  GLN A N   
46  C CA  . GLN A 17 ? 0.6177 0.4645 0.5819 0.0040  -0.0563 0.1147  0  GLN A CA  
47  C C   . GLN A 17 ? 0.6430 0.4810 0.6329 0.0232  -0.0477 0.1079  0  GLN A C   
48  O O   . GLN A 17 ? 0.6517 0.5141 0.6681 0.0373  -0.0483 0.1066  0  GLN A O   
49  C CB  . GLN A 17 ? 0.7110 0.5771 0.6802 0.0077  -0.0759 0.1368  0  GLN A CB  
50  C CG  . GLN A 17 ? 0.7499 0.5981 0.7277 0.0236  -0.0827 0.1597  0  GLN A CG  
51  C CD  . GLN A 17 ? 0.8830 0.7469 0.8519 0.0178  -0.1054 0.1870  0  GLN A CD  
52  O OE1 . GLN A 17 ? 0.8579 0.7569 0.8303 0.0085  -0.1196 0.1914  0  GLN A OE1 
53  N NE2 . GLN A 17 ? 1.0084 0.8450 0.9631 0.0205  -0.1108 0.2075  0  GLN A NE2 
54  N N   . GLY A 18 ? 0.7578 0.5593 0.7365 0.0216  -0.0389 0.1036  1  GLY A N   
55  C CA  . GLY A 18 ? 0.8277 0.6086 0.8159 0.0339  -0.0284 0.0912  1  GLY A CA  
56  C C   . GLY A 18 ? 0.9446 0.7002 0.9418 0.0581  -0.0288 0.1046  1  GLY A C   
57  O O   . GLY A 18 ? 0.9476 0.7046 0.9467 0.0639  -0.0397 0.1269  1  GLY A O   
58  N N   . ALA A 19 ? 0.9626 0.6922 0.9619 0.0727  -0.0162 0.0917  2  ALA A N   
59  C CA  . ALA A 19 ? 1.0294 0.7306 1.0387 0.1033  -0.0098 0.1019  2  ALA A CA  
60  C C   . ALA A 19 ? 1.0741 0.7344 1.0698 0.1056  -0.0167 0.1232  2  ALA A C   
61  O O   . ALA A 19 ? 1.0367 0.6949 1.0512 0.1321  -0.0187 0.1448  2  ALA A O   
62  C CB  . ALA A 19 ? 1.0480 0.7084 1.0427 0.1126  0.0083  0.0794  2  ALA A CB  
63  N N   . SER A 20 ? 1.1226 0.7542 1.0881 0.0779  -0.0201 0.1202  3  SER A N   
64  C CA  . SER A 20 ? 1.0744 0.6656 1.0213 0.0732  -0.0270 0.1416  3  SER A CA  
65  C C   . SER A 20 ? 1.0108 0.6401 0.9648 0.0703  -0.0440 0.1681  3  SER A C   
66  O O   . SER A 20 ? 0.9741 0.5755 0.9150 0.0700  -0.0516 0.1911  3  SER A O   
67  C CB  . SER A 20 ? 1.1029 0.6633 1.0183 0.0390  -0.0249 0.1313  3  SER A CB  
68  O OG  . SER A 20 ? 0.8943 0.5055 0.8129 0.0165  -0.0268 0.1214  3  SER A OG  
69  N N   . GLY A 21 ? 1.0365 0.7250 1.0053 0.0645  -0.0507 0.1649  4  GLY A N   
70  C CA  . GLY A 21 ? 1.0389 0.7588 0.9996 0.0512  -0.0675 0.1842  4  GLY A CA  
71  C C   . GLY A 21 ? 1.0405 0.7589 0.9677 0.0190  -0.0651 0.1755  4  GLY A C   
72  O O   . GLY A 21 ? 1.0894 0.8321 1.0006 0.0049  -0.0747 0.1835  4  GLY A O   
73  N N   . ASP A 22 ? 0.9755 0.6651 0.8910 0.0070  -0.0515 0.1599  5  ASP A N   
74  C CA  . ASP A 22 ? 0.8864 0.5798 0.7794 -0.0208 -0.0445 0.1531  5  ASP A CA  
75  C C   . ASP A 22 ? 0.7545 0.4931 0.6559 -0.0256 -0.0401 0.1351  5  ASP A C   
76  O O   . ASP A 22 ? 0.7301 0.4869 0.6549 -0.0122 -0.0394 0.1227  5  ASP A O   
77  C CB  . ASP A 22 ? 0.9457 0.6046 0.8356 -0.0312 -0.0337 0.1420  5  ASP A CB  
78  C CG  . ASP A 22 ? 1.0706 0.7241 0.9401 -0.0598 -0.0275 0.1479  5  ASP A CG  
79  O OD1 . ASP A 22 ? 1.0578 0.7198 0.9085 -0.0680 -0.0300 0.1637  5  ASP A OD1 
80  O OD2 . ASP A 22 ? 1.0356 0.6772 0.9069 -0.0757 -0.0203 0.1384  5  ASP A OD2 
81  N N   . LEU A 23 ? 0.6956 0.4485 0.5759 -0.0436 -0.0349 0.1348  6  LEU A N   
82  C CA  . LEU A 23 ? 0.6834 0.4683 0.5656 -0.0472 -0.0278 0.1183  6  LEU A CA  
83  C C   . LEU A 23 ? 0.6265 0.4196 0.5200 -0.0555 -0.0112 0.1041  6  LEU A C   
84  O O   . LEU A 23 ? 0.6748 0.4565 0.5610 -0.0692 -0.0033 0.1108  6  LEU A O   
85  C CB  . LEU A 23 ? 0.7170 0.5076 0.5634 -0.0595 -0.0292 0.1250  6  LEU A CB  
86  C CG  . LEU A 23 ? 0.7576 0.5477 0.5884 -0.0577 -0.0504 0.1423  6  LEU A CG  
87  C CD1 . LEU A 23 ? 0.8365 0.6283 0.6216 -0.0747 -0.0509 0.1425  6  LEU A CD1 
88  C CD2 . LEU A 23 ? 0.7146 0.5251 0.5783 -0.0417 -0.0636 0.1406  6  LEU A CD2 
89  N N   . TYR A 24 ? 0.5854 0.4009 0.4997 -0.0485 -0.0073 0.0882  7  TYR A N   
90  C CA  . TYR A 24 ? 0.5719 0.4030 0.5031 -0.0543 0.0052  0.0779  7  TYR A CA  
91  C C   . TYR A 24 ? 0.5664 0.4206 0.4951 -0.0533 0.0157  0.0702  7  TYR A C   
92  O O   . TYR A 24 ? 0.5697 0.4298 0.4973 -0.0452 0.0104  0.0636  7  TYR A O   
93  C CB  . TYR A 24 ? 0.5510 0.3832 0.5054 -0.0459 0.0008  0.0671  7  TYR A CB  
94  C CG  . TYR A 24 ? 0.6265 0.4251 0.5768 -0.0474 -0.0047 0.0712  7  TYR A CG  
95  C CD1 . TYR A 24 ? 0.6632 0.4366 0.6062 -0.0346 -0.0132 0.0796  7  TYR A CD1 
96  C CD2 . TYR A 24 ? 0.6588 0.4478 0.6115 -0.0624 -0.0021 0.0683  7  TYR A CD2 
97  C CE1 . TYR A 24 ? 0.7491 0.4806 0.6844 -0.0331 -0.0153 0.0832  7  TYR A CE1 
98  C CE2 . TYR A 24 ? 0.6938 0.4396 0.6338 -0.0667 -0.0067 0.0702  7  TYR A CE2 
99  C CZ  . TYR A 24 ? 0.7731 0.4861 0.7030 -0.0499 -0.0115 0.0764  7  TYR A CZ  
100 O OH  . TYR A 24 ? 0.8808 0.5411 0.7946 -0.0520 -0.0132 0.0775  7  TYR A OH  
101 N N   . GLU A 25 ? 0.5951 0.4615 0.5243 -0.0614 0.0318  0.0722  8  GLU A N   
102 C CA  . GLU A 25 ? 0.5920 0.4725 0.5149 -0.0572 0.0476  0.0656  8  GLU A CA  
103 C C   . GLU A 25 ? 0.5349 0.4343 0.4857 -0.0467 0.0488  0.0546  8  GLU A C   
104 O O   . GLU A 25 ? 0.5546 0.4710 0.5351 -0.0477 0.0469  0.0549  8  GLU A O   
105 C CB  . GLU A 25 ? 0.6449 0.5381 0.5669 -0.0648 0.0689  0.0741  8  GLU A CB  
106 C CG  . GLU A 25 ? 0.7750 0.6684 0.6750 -0.0579 0.0903  0.0682  8  GLU A CG  
107 C CD  . GLU A 25 ? 0.8795 0.7914 0.7831 -0.0616 0.1168  0.0787  8  GLU A CD  
108 O OE1 . GLU A 25 ? 0.7983 0.7145 0.7055 -0.0760 0.1146  0.0931  8  GLU A OE1 
109 O OE2 . GLU A 25 ? 1.0003 0.9215 0.9044 -0.0493 0.1408  0.0737  8  GLU A OE2 
110 N N   . VAL A 26 ? 0.5388 0.4328 0.4760 -0.0395 0.0503  0.0458  9  VAL A N   
111 C CA  . VAL A 26 ? 0.5128 0.4197 0.4710 -0.0298 0.0523  0.0371  9  VAL A CA  
112 C C   . VAL A 26 ? 0.5515 0.4658 0.5110 -0.0233 0.0764  0.0362  9  VAL A C   
113 O O   . VAL A 26 ? 0.5409 0.4360 0.4665 -0.0242 0.0897  0.0341  9  VAL A O   
114 C CB  . VAL A 26 ? 0.5217 0.4144 0.4632 -0.0283 0.0392  0.0301  9  VAL A CB  
115 C CG1 . VAL A 26 ? 0.5225 0.4206 0.4763 -0.0207 0.0439  0.0221  9  VAL A CG1 
116 C CG2 . VAL A 26 ? 0.5388 0.4338 0.4916 -0.0286 0.0191  0.0342  9  VAL A CG2 
117 N N   . GLU A 27 ? 0.4845 0.4264 0.4816 -0.0164 0.0827  0.0393  10 GLU A N   
118 C CA  . GLU A 27 ? 0.5107 0.4646 0.5194 -0.0039 0.1070  0.0418  10 GLU A CA  
119 C C   . GLU A 27 ? 0.5465 0.4734 0.5343 0.0064  0.1118  0.0301  10 GLU A C   
120 O O   . GLU A 27 ? 0.5569 0.4589 0.5150 0.0133  0.1327  0.0248  10 GLU A O   
121 C CB  . GLU A 27 ? 0.4861 0.4828 0.5454 -0.0008 0.1068  0.0534  10 GLU A CB  
122 C CG  . GLU A 27 ? 0.5759 0.5943 0.6602 0.0166  0.1315  0.0619  10 GLU A CG  
123 C CD  . GLU A 27 ? 0.7123 0.7416 0.7949 0.0187  0.1573  0.0711  10 GLU A CD  
124 O OE1 . GLU A 27 ? 0.7715 0.8089 0.8502 0.0016  0.1525  0.0778  10 GLU A OE1 
125 O OE2 . GLU A 27 ? 0.9033 0.9309 0.9874 0.0386  0.1851  0.0726  10 GLU A OE2 
126 N N   . ARG A 28 ? 0.4893 0.4165 0.4881 0.0065  0.0941  0.0257  11 ARG A N   
127 C CA  . ARG A 28 ? 0.5005 0.3976 0.4758 0.0100  0.0936  0.0154  11 ARG A CA  
128 C C   . ARG A 28 ? 0.4595 0.3626 0.4461 0.0045  0.0708  0.0134  11 ARG A C   
129 O O   . ARG A 28 ? 0.4525 0.3817 0.4657 0.0024  0.0588  0.0185  11 ARG A O   
130 C CB  . ARG A 28 ? 0.5385 0.4322 0.5250 0.0269  0.1147  0.0166  11 ARG A CB  
131 C CG  . ARG A 28 ? 0.5228 0.4528 0.5576 0.0353  0.1097  0.0273  11 ARG A CG  
132 C CD  . ARG A 28 ? 0.6039 0.5264 0.6497 0.0563  0.1327  0.0319  11 ARG A CD  
133 N NE  . ARG A 28 ? 0.6132 0.5758 0.7065 0.0629  0.1247  0.0466  11 ARG A NE  
134 C CZ  . ARG A 28 ? 0.6028 0.5594 0.7021 0.0651  0.1142  0.0477  11 ARG A CZ  
135 N NH1 . ARG A 28 ? 0.6541 0.5658 0.7184 0.0616  0.1121  0.0352  11 ARG A NH1 
136 N NH2 . ARG A 28 ? 0.6749 0.6713 0.8138 0.0685  0.1052  0.0631  11 ARG A NH2 
137 N N   . ILE A 29 ? 0.4907 0.3663 0.4523 0.0006  0.0661  0.0059  12 ILE A N   
138 C CA  . ILE A 29 ? 0.5204 0.4044 0.4948 -0.0042 0.0485  0.0061  12 ILE A CA  
139 C C   . ILE A 29 ? 0.5029 0.3919 0.4989 0.0067  0.0566  0.0090  12 ILE A C   
140 O O   . ILE A 29 ? 0.5455 0.4064 0.5260 0.0136  0.0716  0.0059  12 ILE A O   
141 C CB  A ILE A 29 ? 0.5486 0.4045 0.4886 -0.0185 0.0373  0.0003  12 ILE A CB  
142 C CB  B ILE A 29 ? 0.5219 0.3789 0.4623 -0.0187 0.0366  0.0005  12 ILE A CB  
143 C CG1 A ILE A 29 ? 0.6147 0.4662 0.5306 -0.0299 0.0268  0.0011  12 ILE A CG1 
144 C CG1 B ILE A 29 ? 0.5363 0.3945 0.4588 -0.0295 0.0244  0.0027  12 ILE A CG1 
145 C CG2 . ILE A 29 ? 0.5385 0.4111 0.4987 -0.0236 0.0215  0.0040  12 ILE A CG2 
146 C CD1 A ILE A 29 ? 0.6150 0.4986 0.5596 -0.0276 0.0147  0.0097  12 ILE A CD1 
147 C CD1 B ILE A 29 ? 0.5621 0.3886 0.4384 -0.0469 0.0153  -0.0018 12 ILE A CD1 
148 N N   . VAL A 30 ? 0.4732 0.3935 0.5009 0.0087  0.0473  0.0155  13 VAL A N   
149 C CA  . VAL A 30 ? 0.4678 0.3992 0.5181 0.0180  0.0518  0.0227  13 VAL A CA  
150 C C   . VAL A 30 ? 0.4976 0.4157 0.5409 0.0122  0.0436  0.0219  13 VAL A C   
151 O O   . VAL A 30 ? 0.4780 0.3839 0.5251 0.0193  0.0506  0.0267  13 VAL A O   
152 C CB  . VAL A 30 ? 0.4331 0.4042 0.5139 0.0189  0.0446  0.0308  13 VAL A CB  
153 C CG1 . VAL A 30 ? 0.4843 0.4710 0.5877 0.0270  0.0461  0.0423  13 VAL A CG1 
154 C CG2 . VAL A 30 ? 0.4412 0.4264 0.5309 0.0201  0.0516  0.0343  13 VAL A CG2 
155 N N   . ASP A 31 ? 0.4595 0.3819 0.4956 -0.0002 0.0294  0.0187  14 ASP A N   
156 C CA  . ASP A 31 ? 0.4623 0.3826 0.4982 -0.0088 0.0207  0.0216  14 ASP A CA  
157 C C   . ASP A 31 ? 0.4544 0.3833 0.4841 -0.0218 0.0068  0.0202  14 ASP A C   
158 O O   . ASP A 31 ? 0.3897 0.3243 0.4162 -0.0212 0.0042  0.0179  14 ASP A O   
159 C CB  . ASP A 31 ? 0.4438 0.3948 0.5062 -0.0036 0.0186  0.0302  14 ASP A CB  
160 C CG  . ASP A 31 ? 0.5192 0.4638 0.5820 -0.0099 0.0155  0.0372  14 ASP A CG  
161 O OD1 . ASP A 31 ? 0.5136 0.4292 0.5575 -0.0206 0.0134  0.0351  14 ASP A OD1 
162 O OD2 . ASP A 31 ? 0.5174 0.4848 0.5960 -0.0071 0.0141  0.0455  14 ASP A OD2 
163 N N   . LYS A 32 ? 0.4478 0.3805 0.4792 -0.0337 -0.0023 0.0250  15 LYS A N   
164 C CA  . LYS A 32 ? 0.4404 0.3894 0.4737 -0.0468 -0.0166 0.0292  15 LYS A CA  
165 C C   . LYS A 32 ? 0.4349 0.4141 0.4926 -0.0513 -0.0210 0.0396  15 LYS A C   
166 O O   . LYS A 32 ? 0.4113 0.3799 0.4682 -0.0539 -0.0166 0.0423  15 LYS A O   
167 C CB  . LYS A 32 ? 0.5450 0.4576 0.5433 -0.0660 -0.0241 0.0254  15 LYS A CB  
168 C CG  . LYS A 32 ? 0.5563 0.4886 0.5550 -0.0827 -0.0431 0.0329  15 LYS A CG  
169 C CD  . LYS A 32 ? 0.6792 0.5697 0.6350 -0.1085 -0.0530 0.0287  15 LYS A CD  
170 C CE  . LYS A 32 ? 0.7805 0.6927 0.7332 -0.1286 -0.0761 0.0388  15 LYS A CE  
171 N NZ  . LYS A 32 ? 0.9096 0.7732 0.8071 -0.1592 -0.0883 0.0323  15 LYS A NZ  
172 N N   . ARG A 33 ? 0.3850 0.4019 0.4651 -0.0510 -0.0275 0.0471  16 ARG A N   
173 C CA  . ARG A 33 ? 0.4192 0.4706 0.5240 -0.0554 -0.0287 0.0590  16 ARG A CA  
174 C C   . ARG A 33 ? 0.4123 0.5013 0.5395 -0.0603 -0.0391 0.0709  16 ARG A C   
175 O O   . ARG A 33 ? 0.3931 0.4856 0.5211 -0.0530 -0.0435 0.0701  16 ARG A O   
176 C CB  . ARG A 33 ? 0.4144 0.4838 0.5326 -0.0377 -0.0155 0.0576  16 ARG A CB  
177 C CG  . ARG A 33 ? 0.3595 0.4510 0.4912 -0.0210 -0.0105 0.0558  16 ARG A CG  
178 C CD  . ARG A 33 ? 0.3729 0.4663 0.5014 -0.0081 0.0016  0.0496  16 ARG A CD  
179 N NE  . ARG A 33 ? 0.3772 0.4773 0.5097 0.0072  0.0079  0.0450  16 ARG A NE  
180 C CZ  . ARG A 33 ? 0.3927 0.4867 0.5139 0.0168  0.0176  0.0367  16 ARG A CZ  
181 N NH1 . ARG A 33 ? 0.4198 0.5098 0.5282 0.0120  0.0200  0.0344  16 ARG A NH1 
182 N NH2 . ARG A 33 ? 0.4666 0.5551 0.5862 0.0306  0.0242  0.0315  16 ARG A NH2 
183 N N   . LYS A 34 ? 0.4042 0.5255 0.5533 -0.0720 -0.0429 0.0853  17 LYS A N   
184 C CA  . LYS A 34 ? 0.3905 0.5630 0.5746 -0.0710 -0.0489 0.1019  17 LYS A CA  
185 C C   . LYS A 34 ? 0.3746 0.5780 0.5832 -0.0460 -0.0298 0.1035  17 LYS A C   
186 O O   . LYS A 34 ? 0.3772 0.5848 0.5858 -0.0450 -0.0183 0.1033  17 LYS A O   
187 C CB  . LYS A 34 ? 0.4201 0.6196 0.6200 -0.0990 -0.0627 0.1201  17 LYS A CB  
188 C CG  . LYS A 34 ? 0.4093 0.6703 0.6524 -0.0991 -0.0722 0.1422  17 LYS A CG  
189 C CD  . LYS A 34 ? 0.4978 0.8038 0.7704 -0.1238 -0.0802 0.1648  17 LYS A CD  
190 C CE  . LYS A 34 ? 0.5459 0.8291 0.7937 -0.1656 -0.1076 0.1695  17 LYS A CE  
191 N NZ  . LYS A 34 ? 0.5240 0.8475 0.7991 -0.1948 -0.1156 0.1922  17 LYS A NZ  
192 N N   . ASN A 35 ? 0.3791 0.6009 0.6049 -0.0255 -0.0254 0.1059  18 ASN A N   
193 C CA  . ASN A 35 ? 0.3723 0.6119 0.6119 0.0002  -0.0038 0.1040  18 ASN A CA  
194 C C   . ASN A 35 ? 0.3856 0.6835 0.6660 0.0032  0.0044  0.1245  18 ASN A C   
195 O O   . ASN A 35 ? 0.3628 0.6941 0.6671 -0.0171 -0.0103 0.1433  18 ASN A O   
196 C CB  . ASN A 35 ? 0.3880 0.6094 0.6225 0.0240  0.0019  0.0956  18 ASN A CB  
197 C CG  . ASN A 35 ? 0.3823 0.6354 0.6491 0.0324  -0.0062 0.1139  18 ASN A CG  
198 O OD1 . ASN A 35 ? 0.3893 0.6924 0.6927 0.0267  -0.0113 0.1354  18 ASN A OD1 
199 N ND2 . ASN A 35 ? 0.3952 0.6218 0.6510 0.0468  -0.0071 0.1083  18 ASN A ND2 
200 N N   . LYS A 36 ? 0.3745 0.6848 0.6609 0.0269  0.0286  0.1214  19 LYS A N   
201 C CA  . LYS A 36 ? 0.3811 0.7488 0.7054 0.0332  0.0436  0.1407  19 LYS A CA  
202 C C   . LYS A 36 ? 0.3732 0.7900 0.7465 0.0469  0.0415  0.1628  19 LYS A C   
203 O O   . LYS A 36 ? 0.3871 0.8662 0.8052 0.0501  0.0511  0.1861  19 LYS A O   
204 C CB  . LYS A 36 ? 0.4620 0.8213 0.7684 0.0556  0.0736  0.1285  19 LYS A CB  
205 C CG  . LYS A 36 ? 0.4500 0.7713 0.7121 0.0407  0.0738  0.1125  19 LYS A CG  
206 C CD  . LYS A 36 ? 0.5247 0.8488 0.7681 0.0562  0.1022  0.1058  19 LYS A CD  
207 C CE  . LYS A 36 ? 0.5002 0.7999 0.7052 0.0383  0.0998  0.0981  19 LYS A CE  
208 N NZ  . LYS A 36 ? 0.4999 0.7993 0.6772 0.0514  0.1267  0.0908  19 LYS A NZ  
209 N N   . LYS A 37 ? 0.3478 0.7430 0.7173 0.0554  0.0291  0.1596  20 LYS A N   
210 C CA  . LYS A 37 ? 0.3536 0.7988 0.7727 0.0654  0.0202  0.1867  20 LYS A CA  
211 C C   . LYS A 37 ? 0.3270 0.7921 0.7554 0.0279  -0.0153 0.2032  20 LYS A C   
212 O O   . LYS A 37 ? 0.3571 0.8707 0.8270 0.0272  -0.0305 0.2300  20 LYS A O   
213 C CB  . LYS A 37 ? 0.4394 0.8518 0.8501 0.0952  0.0256  0.1792  20 LYS A CB  
214 C CG  . LYS A 37 ? 0.4988 0.8875 0.8974 0.1316  0.0614  0.1637  20 LYS A CG  
215 C CD  . LYS A 37 ? 0.6411 1.0252 1.0597 0.1681  0.0716  0.1725  20 LYS A CD  
216 N N   . GLY A 38 ? 0.3337 0.7584 0.7209 -0.0031 -0.0287 0.1878  21 GLY A N   
217 C CA  . GLY A 38 ? 0.3573 0.7854 0.7382 -0.0433 -0.0599 0.1983  21 GLY A CA  
218 C C   . GLY A 38 ? 0.4072 0.7844 0.7474 -0.0523 -0.0795 0.1855  21 GLY A C   
219 O O   . GLY A 38 ? 0.3887 0.7650 0.7175 -0.0836 -0.1063 0.1941  21 GLY A O   
220 N N   . LYS A 39 ? 0.3393 0.6732 0.6541 -0.0276 -0.0662 0.1656  22 LYS A N   
221 C CA  . LYS A 39 ? 0.3541 0.6473 0.6350 -0.0331 -0.0811 0.1571  22 LYS A CA  
222 C C   . LYS A 39 ? 0.3583 0.5880 0.5881 -0.0397 -0.0739 0.1291  22 LYS A C   
223 O O   . LYS A 39 ? 0.3503 0.5688 0.5762 -0.0282 -0.0548 0.1165  22 LYS A O   
224 C CB  . LYS A 39 ? 0.3655 0.6646 0.6638 -0.0010 -0.0740 0.1632  22 LYS A CB  
225 C CG  . LYS A 39 ? 0.4249 0.7910 0.7779 0.0047  -0.0861 0.1975  22 LYS A CG  
226 C CD  . LYS A 39 ? 0.5496 0.9164 0.9197 0.0375  -0.0810 0.2076  22 LYS A CD  
227 N N   . TRP A 40 ? 0.3709 0.5613 0.5614 -0.0576 -0.0882 0.1208  23 TRP A N   
228 C CA  . TRP A 40 ? 0.3977 0.5304 0.5432 -0.0614 -0.0789 0.0966  23 TRP A CA  
229 C C   . TRP A 40 ? 0.3742 0.4823 0.5090 -0.0380 -0.0642 0.0834  23 TRP A C   
230 O O   . TRP A 40 ? 0.3830 0.4940 0.5221 -0.0271 -0.0679 0.0891  23 TRP A O   
231 C CB  . TRP A 40 ? 0.5086 0.6058 0.6117 -0.0890 -0.0954 0.0921  23 TRP A CB  
232 C CG  . TRP A 40 ? 0.4832 0.5946 0.5895 -0.1180 -0.1102 0.1025  23 TRP A CG  
233 C CD1 . TRP A 40 ? 0.5720 0.7235 0.6975 -0.1394 -0.1339 0.1246  23 TRP A CD1 
234 C CD2 . TRP A 40 ? 0.4907 0.5804 0.5855 -0.1304 -0.1034 0.0953  23 TRP A CD2 
235 N NE1 . TRP A 40 ? 0.5735 0.7276 0.6973 -0.1678 -0.1427 0.1300  23 TRP A NE1 
236 C CE2 . TRP A 40 ? 0.5639 0.6778 0.6680 -0.1626 -0.1241 0.1124  23 TRP A CE2 
237 C CE3 . TRP A 40 ? 0.5011 0.5570 0.5816 -0.1190 -0.0842 0.0799  23 TRP A CE3 
238 C CZ2 . TRP A 40 ? 0.5666 0.6617 0.6600 -0.1834 -0.1240 0.1117  23 TRP A CZ2 
239 C CZ3 . TRP A 40 ? 0.5190 0.5583 0.5912 -0.1364 -0.0839 0.0808  23 TRP A CZ3 
240 C CH2 . TRP A 40 ? 0.5559 0.6107 0.6323 -0.1679 -0.1025 0.0954  23 TRP A CH2 
241 N N   . GLU A 41 ? 0.3327 0.4171 0.4547 -0.0316 -0.0490 0.0682  24 GLU A N   
242 C CA  . GLU A 41 ? 0.3767 0.4369 0.4861 -0.0161 -0.0371 0.0558  24 GLU A CA  
243 C C   . GLU A 41 ? 0.3957 0.4212 0.4768 -0.0237 -0.0319 0.0432  24 GLU A C   
244 O O   . GLU A 41 ? 0.4359 0.4540 0.5104 -0.0346 -0.0321 0.0421  24 GLU A O   
245 C CB  . GLU A 41 ? 0.3674 0.4407 0.4935 0.0010  -0.0228 0.0526  24 GLU A CB  
246 C CG  . GLU A 41 ? 0.3715 0.4778 0.5271 0.0146  -0.0209 0.0645  24 GLU A CG  
247 C CD  . GLU A 41 ? 0.3941 0.5037 0.5544 0.0312  -0.0030 0.0576  24 GLU A CD  
248 O OE1 . GLU A 41 ? 0.4096 0.5086 0.5557 0.0262  0.0032  0.0480  24 GLU A OE1 
249 O OE2 . GLU A 41 ? 0.4520 0.5730 0.6277 0.0498  0.0054  0.0624  24 GLU A OE2 
250 N N   . TYR A 42 ? 0.4189 0.4227 0.4846 -0.0176 -0.0263 0.0359  25 TYR A N   
251 C CA  . TYR A 42 ? 0.4203 0.3978 0.4665 -0.0192 -0.0166 0.0264  25 TYR A CA  
252 C C   . TYR A 42 ? 0.3642 0.3454 0.4205 -0.0079 -0.0066 0.0222  25 TYR A C   
253 O O   . TYR A 42 ? 0.3645 0.3495 0.4261 -0.0015 -0.0067 0.0224  25 TYR A O   
254 C CB  . TYR A 42 ? 0.4745 0.4264 0.4916 -0.0261 -0.0179 0.0238  25 TYR A CB  
255 C CG  . TYR A 42 ? 0.5477 0.4899 0.5443 -0.0431 -0.0306 0.0268  25 TYR A CG  
256 C CD1 . TYR A 42 ? 0.6028 0.5646 0.6063 -0.0493 -0.0475 0.0385  25 TYR A CD1 
257 C CD2 . TYR A 42 ? 0.6079 0.5202 0.5775 -0.0537 -0.0267 0.0197  25 TYR A CD2 
258 C CE1 . TYR A 42 ? 0.7076 0.6644 0.6913 -0.0708 -0.0639 0.0436  25 TYR A CE1 
259 C CE2 . TYR A 42 ? 0.6874 0.5833 0.6292 -0.0751 -0.0407 0.0209  25 TYR A CE2 
260 C CZ  . TYR A 42 ? 0.7554 0.6766 0.7046 -0.0861 -0.0611 0.0333  25 TYR A CZ  
261 O OH  . TYR A 42 ? 0.8638 0.7718 0.7840 -0.1128 -0.0791 0.0365  25 TYR A OH  
262 N N   . LEU A 43 ? 0.3640 0.3403 0.4202 -0.0069 0.0013  0.0195  26 LEU A N   
263 C CA  . LEU A 43 ? 0.3400 0.3239 0.4055 -0.0012 0.0073  0.0186  26 LEU A CA  
264 C C   . LEU A 43 ? 0.3472 0.3181 0.4032 -0.0017 0.0139  0.0176  26 LEU A C   
265 O O   . LEU A 43 ? 0.3767 0.3336 0.4227 -0.0013 0.0215  0.0170  26 LEU A O   
266 C CB  . LEU A 43 ? 0.3572 0.3501 0.4329 0.0007  0.0109  0.0220  26 LEU A CB  
267 C CG  . LEU A 43 ? 0.3568 0.3644 0.4431 0.0028  0.0126  0.0248  26 LEU A CG  
268 C CD1 . LEU A 43 ? 0.3702 0.3852 0.4542 0.0008  0.0077  0.0207  26 LEU A CD1 
269 C CD2 . LEU A 43 ? 0.4301 0.4473 0.5264 0.0051  0.0140  0.0325  26 LEU A CD2 
270 N N   . ILE A 44 ? 0.3542 0.3261 0.4105 -0.0025 0.0127  0.0176  27 ILE A N   
271 C CA  . ILE A 44 ? 0.3645 0.3258 0.4105 -0.0053 0.0185  0.0189  27 ILE A CA  
272 C C   . ILE A 44 ? 0.3630 0.3391 0.4242 -0.0065 0.0246  0.0232  27 ILE A C   
273 O O   . ILE A 44 ? 0.3742 0.3600 0.4443 -0.0102 0.0185  0.0236  27 ILE A O   
274 C CB  . ILE A 44 ? 0.3807 0.3313 0.4170 -0.0083 0.0115  0.0200  27 ILE A CB  
275 C CG1 . ILE A 44 ? 0.4273 0.3719 0.4542 -0.0077 0.0025  0.0214  27 ILE A CG1 
276 C CG2 . ILE A 44 ? 0.4025 0.3437 0.4280 -0.0138 0.0180  0.0239  27 ILE A CG2 
277 C CD1 . ILE A 44 ? 0.4400 0.3731 0.4469 -0.0135 0.0040  0.0204  27 ILE A CD1 
278 N N   . ARG A 45 ? 0.3650 0.3428 0.4278 -0.0038 0.0372  0.0270  28 ARG A N   
279 C CA  . ARG A 45 ? 0.3736 0.3723 0.4550 -0.0065 0.0442  0.0361  28 ARG A CA  
280 C C   . ARG A 45 ? 0.3878 0.3766 0.4559 -0.0156 0.0457  0.0381  28 ARG A C   
281 O O   . ARG A 45 ? 0.4345 0.4064 0.4818 -0.0140 0.0553  0.0370  28 ARG A O   
282 C CB  . ARG A 45 ? 0.3739 0.3825 0.4680 0.0053  0.0619  0.0423  28 ARG A CB  
283 C CG  . ARG A 45 ? 0.4337 0.4761 0.5571 0.0044  0.0720  0.0572  28 ARG A CG  
284 C CD  . ARG A 45 ? 0.4093 0.4860 0.5615 -0.0055 0.0567  0.0671  28 ARG A CD  
285 N NE  . ARG A 45 ? 0.4467 0.5266 0.6049 0.0012  0.0486  0.0659  28 ARG A NE  
286 C CZ  . ARG A 45 ? 0.4492 0.5423 0.6274 0.0165  0.0582  0.0752  28 ARG A CZ  
287 N NH1 . ARG A 45 ? 0.4561 0.5621 0.6528 0.0296  0.0785  0.0859  28 ARG A NH1 
288 N NH2 . ARG A 45 ? 0.4185 0.5098 0.5975 0.0204  0.0496  0.0751  28 ARG A NH2 
289 N N   . TRP A 46 ? 0.3759 0.3706 0.4505 -0.0274 0.0366  0.0416  29 TRP A N   
290 C CA  . TRP A 46 ? 0.4096 0.3895 0.4702 -0.0379 0.0365  0.0453  29 TRP A CA  
291 C C   . TRP A 46 ? 0.4362 0.4394 0.5121 -0.0437 0.0500  0.0578  29 TRP A C   
292 O O   . TRP A 46 ? 0.4030 0.4395 0.5085 -0.0455 0.0519  0.0661  29 TRP A O   
293 C CB  . TRP A 46 ? 0.4288 0.3951 0.4848 -0.0492 0.0222  0.0429  29 TRP A CB  
294 C CG  . TRP A 46 ? 0.4294 0.3766 0.4738 -0.0396 0.0138  0.0324  29 TRP A CG  
295 C CD1 . TRP A 46 ? 0.4407 0.3942 0.4908 -0.0360 0.0081  0.0255  29 TRP A CD1 
296 C CD2 . TRP A 46 ? 0.4577 0.3819 0.4852 -0.0314 0.0110  0.0302  29 TRP A CD2 
297 N NE1 . TRP A 46 ? 0.4455 0.3832 0.4859 -0.0247 0.0051  0.0191  29 TRP A NE1 
298 C CE2 . TRP A 46 ? 0.4248 0.3473 0.4550 -0.0214 0.0053  0.0228  29 TRP A CE2 
299 C CE3 . TRP A 46 ? 0.4896 0.3980 0.5007 -0.0321 0.0119  0.0361  29 TRP A CE3 
300 C CZ2 . TRP A 46 ? 0.4322 0.3436 0.4568 -0.0114 0.0012  0.0233  29 TRP A CZ2 
301 C CZ3 . TRP A 46 ? 0.5212 0.4160 0.5230 -0.0236 0.0041  0.0367  29 TRP A CZ3 
302 C CH2 . TRP A 46 ? 0.4950 0.3940 0.5074 -0.0126 -0.0011 0.0313  29 TRP A CH2 
303 N N   . LYS A 47 ? 0.4720 0.4617 0.5288 -0.0468 0.0597  0.0616  30 LYS A N   
304 C CA  . LYS A 47 ? 0.5126 0.5270 0.5832 -0.0525 0.0771  0.0758  30 LYS A CA  
305 C C   . LYS A 47 ? 0.5021 0.5390 0.5976 -0.0724 0.0665  0.0873  30 LYS A C   
306 O O   . LYS A 47 ? 0.5012 0.5125 0.5812 -0.0867 0.0505  0.0845  30 LYS A O   
307 C CB  . LYS A 47 ? 0.5345 0.5245 0.5707 -0.0561 0.0874  0.0780  30 LYS A CB  
308 C CG  . LYS A 47 ? 0.6210 0.6368 0.6673 -0.0602 0.1111  0.0931  30 LYS A CG  
309 C CD  . LYS A 47 ? 0.7023 0.7255 0.7465 -0.0392 0.1378  0.0896  30 LYS A CD  
310 N N   . GLY A 48 ? 0.4938 0.5782 0.6283 -0.0732 0.0753  0.1013  31 GLY A N   
311 C CA  . GLY A 48 ? 0.4426 0.5575 0.6043 -0.0971 0.0632  0.1158  31 GLY A CA  
312 C C   . GLY A 48 ? 0.4022 0.5287 0.5775 -0.1036 0.0422  0.1127  31 GLY A C   
313 O O   . GLY A 48 ? 0.4269 0.5802 0.6221 -0.1276 0.0290  0.1252  31 GLY A O   
314 N N   . TYR A 49 ? 0.3676 0.4744 0.5295 -0.0856 0.0384  0.0972  32 TYR A N   
315 C CA  . TYR A 49 ? 0.3899 0.5011 0.5546 -0.0898 0.0203  0.0920  32 TYR A CA  
316 C C   . TYR A 49 ? 0.3985 0.5406 0.5897 -0.0691 0.0270  0.0973  32 TYR A C   
317 O O   . TYR A 49 ? 0.4288 0.5732 0.6267 -0.0478 0.0469  0.0987  32 TYR A O   
318 C CB  . TYR A 49 ? 0.3855 0.4452 0.5107 -0.0869 0.0106  0.0710  32 TYR A CB  
319 C CG  . TYR A 49 ? 0.4418 0.4654 0.5406 -0.1072 0.0006  0.0666  32 TYR A CG  
320 C CD1 . TYR A 49 ? 0.4970 0.5119 0.5853 -0.1286 -0.0161 0.0638  32 TYR A CD1 
321 C CD2 . TYR A 49 ? 0.4919 0.4848 0.5715 -0.1057 0.0074  0.0655  32 TYR A CD2 
322 C CE1 . TYR A 49 ? 0.5500 0.5199 0.6083 -0.1480 -0.0239 0.0586  32 TYR A CE1 
323 C CE2 . TYR A 49 ? 0.5066 0.4596 0.5612 -0.1230 -0.0012 0.0635  32 TYR A CE2 
324 C CZ  . TYR A 49 ? 0.5321 0.4707 0.5759 -0.1434 -0.0160 0.0591  32 TYR A CZ  
325 O OH  . TYR A 49 ? 0.5927 0.4804 0.6059 -0.1608 -0.0233 0.0555  32 TYR A OH  
326 N N   . GLY A 50 ? 0.4196 0.5781 0.6191 -0.0761 0.0104  0.0997  33 GLY A N   
327 C CA  . GLY A 50 ? 0.4413 0.6252 0.6636 -0.0579 0.0130  0.1070  33 GLY A CA  
328 C C   . GLY A 50 ? 0.4255 0.5760 0.6191 -0.0489 0.0072  0.0895  33 GLY A C   
329 O O   . GLY A 50 ? 0.4068 0.5180 0.5663 -0.0534 0.0027  0.0717  33 GLY A O   
330 N N   . SER A 51 ? 0.3820 0.5494 0.5919 -0.0342 0.0085  0.0967  34 SER A N   
331 C CA  . SER A 51 ? 0.3758 0.5167 0.5623 -0.0262 0.0049  0.0836  34 SER A CA  
332 C C   . SER A 51 ? 0.3885 0.5156 0.5466 -0.0439 -0.0127 0.0725  34 SER A C   
333 O O   . SER A 51 ? 0.4089 0.5100 0.5434 -0.0383 -0.0122 0.0588  34 SER A O   
334 C CB  . SER A 51 ? 0.5034 0.6663 0.7139 -0.0108 0.0078  0.0982  34 SER A CB  
335 O OG  . SER A 51 ? 0.5092 0.7136 0.7415 -0.0232 -0.0079 0.1165  34 SER A OG  
336 N N   . THR A 52 ? 0.4282 0.5712 0.5862 -0.0661 -0.0271 0.0785  35 THR A N   
337 C CA  . THR A 52 ? 0.5189 0.6373 0.6389 -0.0834 -0.0408 0.0648  35 THR A CA  
338 C C   . THR A 52 ? 0.5460 0.6152 0.6334 -0.0809 -0.0340 0.0439  35 THR A C   
339 O O   . THR A 52 ? 0.5145 0.5555 0.5698 -0.0816 -0.0358 0.0293  35 THR A O   
340 C CB  . THR A 52 ? 0.6010 0.7385 0.7186 -0.1144 -0.0603 0.0743  35 THR A CB  
341 O OG1 . THR A 52 ? 0.6896 0.8469 0.8343 -0.1232 -0.0582 0.0870  35 THR A OG1 
342 C CG2 . THR A 52 ? 0.6730 0.8552 0.8109 -0.1190 -0.0733 0.0939  35 THR A CG2 
343 N N   . GLU A 53 ? 0.4726 0.5323 0.5682 -0.0762 -0.0246 0.0441  36 GLU A N   
344 C CA  . GLU A 53 ? 0.4972 0.5135 0.5666 -0.0722 -0.0195 0.0297  36 GLU A CA  
345 C C   . GLU A 53 ? 0.4790 0.4847 0.5491 -0.0495 -0.0083 0.0241  36 GLU A C   
346 O O   . GLU A 53 ? 0.4746 0.4524 0.5302 -0.0445 -0.0050 0.0174  36 GLU A O   
347 C CB  . GLU A 53 ? 0.5371 0.5473 0.6094 -0.0852 -0.0188 0.0359  36 GLU A CB  
348 C CG  . GLU A 53 ? 0.7133 0.7334 0.7839 -0.1141 -0.0330 0.0427  36 GLU A CG  
349 C CD  . GLU A 53 ? 0.9337 0.9091 0.9609 -0.1270 -0.0426 0.0260  36 GLU A CD  
350 O OE1 . GLU A 53 ? 0.9832 0.9121 0.9851 -0.1173 -0.0357 0.0131  36 GLU A OE1 
351 O OE2 . GLU A 53 ? 1.0679 1.0531 1.0842 -0.1455 -0.0561 0.0266  36 GLU A OE2 
352 N N   . ASP A 54 ? 0.3925 0.4194 0.4793 -0.0376 -0.0040 0.0291  37 ASP A N   
353 C CA  . ASP A 54 ? 0.4074 0.4240 0.4925 -0.0221 0.0037  0.0250  37 ASP A CA  
354 C C   . ASP A 54 ? 0.4325 0.4315 0.5006 -0.0177 0.0013  0.0148  37 ASP A C   
355 O O   . ASP A 54 ? 0.3998 0.4012 0.4598 -0.0210 -0.0023 0.0112  37 ASP A O   
356 C CB  . ASP A 54 ? 0.4094 0.4437 0.5098 -0.0133 0.0076  0.0318  37 ASP A CB  
357 C CG  . ASP A 54 ? 0.3778 0.4267 0.4973 -0.0092 0.0164  0.0425  37 ASP A CG  
358 O OD1 . ASP A 54 ? 0.3941 0.4443 0.5163 -0.0139 0.0204  0.0452  37 ASP A OD1 
359 O OD2 . ASP A 54 ? 0.3802 0.4381 0.5125 0.0004  0.0214  0.0495  37 ASP A OD2 
360 N N   . THR A 55 ? 0.4068 0.3907 0.4694 -0.0100 0.0039  0.0118  38 THR A N   
361 C CA  . THR A 55 ? 0.4027 0.3778 0.4580 -0.0019 0.0042  0.0061  38 THR A CA  
362 C C   . THR A 55 ? 0.3968 0.3784 0.4603 0.0057  0.0044  0.0100  38 THR A C   
363 O O   . THR A 55 ? 0.3847 0.3632 0.4477 0.0033  0.0036  0.0136  38 THR A O   
364 C CB  . THR A 55 ? 0.4385 0.3855 0.4787 -0.0010 0.0042  0.0014  38 THR A CB  
365 O OG1 . THR A 55 ? 0.4556 0.3922 0.4954 -0.0032 0.0027  0.0068  38 THR A OG1 
366 C CG2 . THR A 55 ? 0.5691 0.5035 0.5939 -0.0131 0.0019  -0.0043 38 THR A CG2 
367 N N   . TRP A 56 ? 0.4213 0.4131 0.4900 0.0129  0.0060  0.0099  39 TRP A N   
368 C CA  . TRP A 56 ? 0.4036 0.4089 0.4840 0.0159  0.0033  0.0166  39 TRP A CA  
369 C C   . TRP A 56 ? 0.4574 0.4562 0.5399 0.0234  0.0006  0.0208  39 TRP A C   
370 O O   . TRP A 56 ? 0.3950 0.3864 0.4769 0.0339  0.0059  0.0185  39 TRP A O   
371 C CB  . TRP A 56 ? 0.4036 0.4307 0.4947 0.0197  0.0071  0.0191  39 TRP A CB  
372 C CG  . TRP A 56 ? 0.3520 0.3864 0.4426 0.0116  0.0072  0.0202  39 TRP A CG  
373 C CD1 . TRP A 56 ? 0.3648 0.4018 0.4484 0.0098  0.0102  0.0176  39 TRP A CD1 
374 C CD2 . TRP A 56 ? 0.3572 0.3927 0.4513 0.0038  0.0032  0.0258  39 TRP A CD2 
375 N NE1 . TRP A 56 ? 0.3776 0.4210 0.4657 0.0042  0.0084  0.0239  39 TRP A NE1 
376 C CE2 . TRP A 56 ? 0.3649 0.4037 0.4583 0.0013  0.0058  0.0278  39 TRP A CE2 
377 C CE3 . TRP A 56 ? 0.3788 0.4085 0.4718 -0.0029 -0.0027 0.0293  39 TRP A CE3 
378 C CZ2 . TRP A 56 ? 0.3967 0.4292 0.4908 -0.0040 0.0049  0.0334  39 TRP A CZ2 
379 C CZ3 . TRP A 56 ? 0.3922 0.4113 0.4794 -0.0116 -0.0039 0.0316  39 TRP A CZ3 
380 C CH2 . TRP A 56 ? 0.3934 0.4121 0.4825 -0.0104 0.0011  0.0337  39 TRP A CH2 
381 N N   . GLU A 57 ? 0.3932 0.3910 0.4744 0.0179  -0.0075 0.0274  40 GLU A N   
382 C CA  . GLU A 57 ? 0.4188 0.4112 0.5012 0.0238  -0.0133 0.0357  40 GLU A CA  
383 C C   . GLU A 57 ? 0.3917 0.4061 0.4853 0.0192  -0.0248 0.0481  40 GLU A C   
384 O O   . GLU A 57 ? 0.3721 0.3907 0.4594 0.0055  -0.0294 0.0471  40 GLU A O   
385 C CB  . GLU A 57 ? 0.4667 0.4331 0.5280 0.0164  -0.0151 0.0344  40 GLU A CB  
386 C CG  . GLU A 57 ? 0.4407 0.3886 0.4924 0.0147  -0.0069 0.0253  40 GLU A CG  
387 C CD  . GLU A 57 ? 0.4740 0.4059 0.5252 0.0251  -0.0026 0.0222  40 GLU A CD  
388 O OE1 . GLU A 57 ? 0.4836 0.4147 0.5429 0.0384  -0.0036 0.0294  40 GLU A OE1 
389 O OE2 . GLU A 57 ? 0.5113 0.4304 0.5528 0.0201  0.0019  0.0134  40 GLU A OE2 
390 N N   . PRO A 58 ? 0.4335 0.4617 0.5444 0.0302  -0.0300 0.0616  41 PRO A N   
391 C CA  . PRO A 58 ? 0.4645 0.5230 0.5913 0.0228  -0.0454 0.0786  41 PRO A CA  
392 C C   . PRO A 58 ? 0.4909 0.5340 0.5892 0.0026  -0.0606 0.0815  41 PRO A C   
393 O O   . PRO A 58 ? 0.4520 0.4678 0.5278 0.0026  -0.0604 0.0794  41 PRO A O   
394 C CB  . PRO A 58 ? 0.4785 0.5538 0.6327 0.0445  -0.0455 0.0952  41 PRO A CB  
395 C CG  . PRO A 58 ? 0.5070 0.5414 0.6429 0.0571  -0.0342 0.0851  41 PRO A CG  
396 C CD  . PRO A 58 ? 0.4906 0.5060 0.6078 0.0503  -0.0220 0.0636  41 PRO A CD  
397 N N   . GLU A 59 ? 0.4445 0.5023 0.5396 -0.0168 -0.0738 0.0869  42 GLU A N   
398 C CA  . GLU A 59 ? 0.5258 0.5600 0.5812 -0.0390 -0.0867 0.0859  42 GLU A CA  
399 C C   . GLU A 59 ? 0.5229 0.5607 0.5728 -0.0395 -0.1018 0.1029  42 GLU A C   
400 O O   . GLU A 59 ? 0.5982 0.6071 0.6074 -0.0527 -0.1065 0.0994  42 GLU A O   
401 C CB  . GLU A 59 ? 0.6092 0.6504 0.6546 -0.0642 -0.0999 0.0877  42 GLU A CB  
402 C CG  . GLU A 59 ? 0.6605 0.7428 0.7281 -0.0761 -0.1238 0.1117  42 GLU A CG  
403 C CD  . GLU A 59 ? 0.7410 0.8239 0.7930 -0.1076 -0.1383 0.1123  42 GLU A CD  
404 O OE1 . GLU A 59 ? 0.7159 0.7500 0.7195 -0.1237 -0.1338 0.0934  42 GLU A OE1 
405 O OE2 . GLU A 59 ? 0.7129 0.8440 0.8020 -0.1157 -0.1530 0.1325  42 GLU A OE2 
406 N N   . HIS A 60 ? 0.5536 0.6269 0.6440 -0.0237 -0.1083 0.1229  43 HIS A N   
407 C CA  . HIS A 60 ? 0.6160 0.6966 0.7051 -0.0234 -0.1258 0.1447  43 HIS A CA  
408 C C   . HIS A 60 ? 0.6152 0.6558 0.6798 -0.0128 -0.1161 0.1392  43 HIS A C   
409 O O   . HIS A 60 ? 0.7211 0.7546 0.7676 -0.0188 -0.1302 0.1543  43 HIS A O   
410 C CB  . HIS A 60 ? 0.6433 0.7758 0.7888 -0.0051 -0.1339 0.1721  43 HIS A CB  
411 C CG  . HIS A 60 ? 0.6468 0.7854 0.8285 0.0278  -0.1090 0.1667  43 HIS A CG  
412 N ND1 . HIS A 60 ? 0.7673 0.8758 0.9472 0.0519  -0.0949 0.1639  43 HIS A ND1 
413 C CD2 . HIS A 60 ? 0.7278 0.8975 0.9443 0.0384  -0.0958 0.1644  43 HIS A CD2 
414 C CE1 . HIS A 60 ? 0.7701 0.8843 0.9762 0.0765  -0.0731 0.1569  43 HIS A CE1 
415 N NE2 . HIS A 60 ? 0.7718 0.9261 1.0009 0.0689  -0.0730 0.1578  43 HIS A NE2 
416 N N   . HIS A 61 ? 0.5877 0.6022 0.6487 -0.0006 -0.0935 0.1193  44 HIS A N   
417 C CA  . HIS A 61 ? 0.6427 0.6190 0.6798 0.0041  -0.0841 0.1140  44 HIS A CA  
418 C C   . HIS A 61 ? 0.6119 0.5593 0.6071 -0.0144 -0.0769 0.0979  44 HIS A C   
419 O O   . HIS A 61 ? 0.6272 0.5482 0.6032 -0.0144 -0.0690 0.0961  44 HIS A O   
420 C CB  . HIS A 61 ? 0.6700 0.6347 0.7267 0.0250  -0.0655 0.1041  44 HIS A CB  
421 C CG  . HIS A 61 ? 0.8172 0.7936 0.9068 0.0500  -0.0656 0.1202  44 HIS A CG  
422 N ND1 . HIS A 61 ? 0.9611 0.9440 1.0584 0.0564  -0.0797 0.1450  44 HIS A ND1 
423 C CD2 . HIS A 61 ? 0.8759 0.8556 0.9908 0.0726  -0.0500 0.1150  44 HIS A CD2 
424 C CE1 . HIS A 61 ? 1.0576 1.0490 1.1894 0.0853  -0.0721 0.1562  44 HIS A CE1 
425 N NE2 . HIS A 61 ? 1.0561 1.0431 1.1958 0.0952  -0.0523 0.1360  44 HIS A NE2 
426 N N   . LEU A 62 ? 0.5871 0.5373 0.5679 -0.0292 -0.0769 0.0870  45 LEU A N   
427 C CA  . LEU A 62 ? 0.6014 0.5228 0.5434 -0.0417 -0.0649 0.0717  45 LEU A CA  
428 C C   . LEU A 62 ? 0.6794 0.5855 0.5767 -0.0609 -0.0779 0.0792  45 LEU A C   
429 O O   . LEU A 62 ? 0.7196 0.6390 0.6113 -0.0741 -0.0976 0.0880  45 LEU A O   
430 C CB  . LEU A 62 ? 0.6134 0.5350 0.5569 -0.0453 -0.0555 0.0561  45 LEU A CB  
431 C CG  . LEU A 62 ? 0.6843 0.5800 0.6032 -0.0471 -0.0352 0.0409  45 LEU A CG  
432 N N   . LEU A 63 ? 0.6706 0.5509 0.5350 -0.0648 -0.0675 0.0772  46 LEU A N   
433 C CA  . LEU A 63 ? 0.7347 0.5959 0.5471 -0.0837 -0.0776 0.0844  46 LEU A CA  
434 C C   . LEU A 63 ? 0.7303 0.5593 0.4952 -0.0936 -0.0567 0.0659  46 LEU A C   
435 O O   . LEU A 63 ? 0.6820 0.5063 0.4595 -0.0823 -0.0325 0.0541  46 LEU A O   
436 C CB  . LEU A 63 ? 0.8050 0.6618 0.6137 -0.0800 -0.0822 0.1027  46 LEU A CB  
437 C CG  . LEU A 63 ? 0.7927 0.6714 0.6488 -0.0626 -0.0955 0.1218  46 LEU A CG  
438 C CD1 . LEU A 63 ? 0.8691 0.7310 0.7097 -0.0618 -0.0994 0.1405  46 LEU A CD1 
439 C CD2 . LEU A 63 ? 0.8531 0.7641 0.7305 -0.0649 -0.1204 0.1366  46 LEU A CD2 
440 N N   . HIS A 64 ? 0.7691 0.5759 0.4780 -0.1147 -0.0657 0.0646  47 HIS A N   
441 C CA  . HIS A 64 ? 0.8218 0.5898 0.4735 -0.1228 -0.0427 0.0483  47 HIS A CA  
442 C C   . HIS A 64 ? 0.8434 0.5971 0.4490 -0.1349 -0.0467 0.0610  47 HIS A C   
443 O O   . HIS A 64 ? 0.8532 0.6092 0.4343 -0.1523 -0.0748 0.0756  47 HIS A O   
444 C CB  . HIS A 64 ? 0.9401 0.6808 0.5505 -0.1401 -0.0473 0.0330  47 HIS A CB  
445 C CG  . HIS A 64 ? 1.0782 0.7670 0.6093 -0.1524 -0.0272 0.0173  47 HIS A CG  
446 N ND1 . HIS A 64 ? 1.1194 0.7865 0.6426 -0.1362 0.0103  0.0011  47 HIS A ND1 
447 C CD2 . HIS A 64 ? 1.2402 0.8949 0.6928 -0.1795 -0.0390 0.0170  47 HIS A CD2 
448 C CE1 . HIS A 64 ? 1.2309 0.8493 0.6743 -0.1492 0.0263  -0.0107 47 HIS A CE1 
449 N NE2 . HIS A 64 ? 1.3168 0.9244 0.7120 -0.1775 -0.0047 -0.0025 47 HIS A NE2 
450 N N   . CYS A 65 ? 0.8678 0.6116 0.4641 -0.1271 -0.0200 0.0594  48 CYS A N   
451 C CA  . CYS A 65 ? 0.9487 0.6779 0.4982 -0.1395 -0.0208 0.0732  48 CYS A CA  
452 C C   . CYS A 65 ? 1.0391 0.7283 0.5137 -0.1508 0.0046  0.0571  48 CYS A C   
453 O O   . CYS A 65 ? 1.0649 0.7462 0.5443 -0.1373 0.0390  0.0417  48 CYS A O   
454 C CB  . CYS A 65 ? 0.9222 0.6679 0.5103 -0.1266 -0.0090 0.0864  48 CYS A CB  
455 S SG  . CYS A 65 ? 0.8962 0.6747 0.5626 -0.1103 -0.0325 0.1013  48 CYS A SG  
456 N N   . GLU A 66 ? 1.0951 0.7588 0.4987 -0.1751 -0.0117 0.0616  49 GLU A N   
457 C CA  . GLU A 66 ? 1.1540 0.7704 0.4701 -0.1883 0.0133  0.0454  49 GLU A CA  
458 C C   . GLU A 66 ? 1.1897 0.7987 0.4568 -0.2026 0.0115  0.0645  49 GLU A C   
459 O O   . GLU A 66 ? 1.1143 0.7463 0.3997 -0.2098 -0.0206 0.0905  49 GLU A O   
460 C CB  . GLU A 66 ? 1.2114 0.7906 0.4651 -0.2119 -0.0046 0.0296  49 GLU A CB  
461 N N   . GLU A 67 ? 1.2618 0.8370 0.4643 -0.2058 0.0474  0.0528  50 GLU A N   
462 C CA  . GLU A 67 ? 1.3294 0.8913 0.4698 -0.2232 0.0488  0.0696  50 GLU A CA  
463 C C   . GLU A 67 ? 1.3379 0.8923 0.4328 -0.2527 -0.0003 0.0851  50 GLU A C   
464 O O   . GLU A 67 ? 1.3222 0.8585 0.3885 -0.2677 -0.0209 0.0718  50 GLU A O   
465 C CB  . GLU A 67 ? 1.4757 0.9932 0.5344 -0.2255 0.0956  0.0494  50 GLU A CB  
466 C CG  . GLU A 67 ? 1.5930 1.1041 0.5970 -0.2390 0.1080  0.0688  50 GLU A CG  
467 C CD  . GLU A 67 ? 1.7676 1.2212 0.6555 -0.2526 0.1422  0.0488  50 GLU A CD  
468 O OE1 . GLU A 67 ? 1.7823 1.2190 0.5964 -0.2752 0.1387  0.0640  50 GLU A OE1 
469 O OE2 . GLU A 67 ? 1.8906 1.3113 0.7564 -0.2400 0.1738  0.0180  50 GLU A OE2 
470 N N   . PHE A 68 ? 1.3228 0.8939 0.4152 -0.2618 -0.0208 0.1165  51 PHE A N   
471 C CA  . PHE A 68 ? 1.3477 0.9224 0.4062 -0.2879 -0.0700 0.1405  51 PHE A CA  
472 C C   . PHE A 68 ? 1.4799 1.0040 0.4154 -0.3216 -0.0701 0.1284  51 PHE A C   
473 O O   . PHE A 68 ? 1.5323 1.0230 0.4031 -0.3244 -0.0324 0.1173  51 PHE A O   
474 C CB  . PHE A 68 ? 1.3351 0.9349 0.4214 -0.2850 -0.0858 0.1791  51 PHE A CB  
475 C CG  . PHE A 68 ? 1.3880 0.9924 0.4335 -0.3110 -0.1336 0.2105  51 PHE A CG  
476 C CD1 . PHE A 68 ? 1.3772 1.0130 0.4654 -0.3143 -0.1779 0.2243  51 PHE A CD1 
477 C CD2 . PHE A 68 ? 1.4736 1.0565 0.4419 -0.3322 -0.1347 0.2301  51 PHE A CD2 
478 C CE1 . PHE A 68 ? 1.4387 1.0880 0.4970 -0.3379 -0.2247 0.2591  51 PHE A CE1 
479 C CE2 . PHE A 68 ? 1.5287 1.1196 0.4605 -0.3568 -0.1819 0.2634  51 PHE A CE2 
480 C CZ  . PHE A 68 ? 1.4973 1.1235 0.4768 -0.3593 -0.2281 0.2786  51 PHE A CZ  
481 N N   . ILE A 69 ? 1.5481 1.0669 0.4503 -0.3483 -0.1118 0.1305  52 ILE A N   
482 C CA  . ILE A 69 ? 1.7309 1.1979 0.5072 -0.3878 -0.1209 0.1205  52 ILE A CA  
483 C C   . ILE A 69 ? 1.7667 1.2603 0.5265 -0.4172 -0.1801 0.1594  52 ILE A C   
484 O O   . ILE A 69 ? 1.7104 1.2466 0.5329 -0.4199 -0.2220 0.1766  52 ILE A O   
485 C CB  . ILE A 69 ? 1.7885 1.2111 0.5198 -0.4010 -0.1151 0.0825  52 ILE A CB  
486 C CG1 . ILE A 69 ? 1.7741 1.1720 0.5271 -0.3671 -0.0549 0.0478  52 ILE A CG1 
487 C CG2 . ILE A 69 ? 1.9631 1.3221 0.5507 -0.4463 -0.1255 0.0709  52 ILE A CG2 
488 C CD1 . ILE A 69 ? 1.8638 1.2195 0.5421 -0.3614 -0.0026 0.0345  52 ILE A CD1 
489 N N   . ASP A 70 ? 1.8559 1.3271 0.5321 -0.4383 -0.1809 0.1754  53 ASP A N   
490 C CA  . ASP A 70 ? 1.9185 1.4172 0.5788 -0.4626 -0.2332 0.2199  53 ASP A CA  
491 C C   . ASP A 70 ? 2.0361 1.5208 0.6271 -0.5075 -0.2791 0.2179  53 ASP A C   
492 O O   . ASP A 70 ? 2.1254 1.5470 0.6103 -0.5337 -0.2624 0.1833  53 ASP A O   
493 C CB  . ASP A 70 ? 1.9922 1.4630 0.5716 -0.4737 -0.2138 0.2339  53 ASP A CB  
494 C CG  . ASP A 70 ? 2.0147 1.5242 0.6120 -0.4825 -0.2591 0.2894  53 ASP A CG  
495 O OD1 . ASP A 70 ? 2.0519 1.6112 0.7214 -0.4802 -0.3067 0.3182  53 ASP A OD1 
496 O OD2 . ASP A 70 ? 1.9780 1.4691 0.5189 -0.4902 -0.2450 0.3062  53 ASP A OD2 
497 N N   . GLU A 71 ? 2.0604 1.6031 0.7122 -0.5160 -0.3358 0.2555  54 GLU A N   
498 C CA  . GLU A 71 ? 2.1732 1.7164 0.7694 -0.5642 -0.3886 0.2626  54 GLU A CA  
499 C C   . GLU A 71 ? 2.3125 1.7889 0.7481 -0.6120 -0.3914 0.2520  54 GLU A C   
500 O O   . GLU A 71 ? 2.4183 1.8423 0.7642 -0.6482 -0.3956 0.2203  54 GLU A O   
501 C CB  . GLU A 71 ? 2.1643 1.7883 0.8404 -0.5668 -0.4497 0.3202  54 GLU A CB  
502 N N   . PHE A 72 ? 2.3243 1.7978 0.7198 -0.6128 -0.3876 0.2784  55 PHE A N   
503 C CA  . PHE A 72 ? 2.4239 1.8330 0.6633 -0.6539 -0.3824 0.2698  55 PHE A CA  
504 C C   . PHE A 72 ? 2.4141 1.7627 0.6016 -0.6303 -0.3055 0.2301  55 PHE A C   
505 O O   . PHE A 72 ? 2.4579 1.7985 0.6088 -0.6259 -0.2848 0.2472  55 PHE A O   
506 C CB  . PHE A 72 ? 2.4781 1.9230 0.6998 -0.6722 -0.4267 0.3279  55 PHE A CB  
507 C CG  . PHE A 72 ? 2.4613 1.9716 0.7325 -0.6957 -0.5027 0.3726  55 PHE A CG  
508 N N   . ASN A 73 ? 2.3546 1.6641 0.5434 -0.6144 -0.2634 0.1804  56 ASN A N   
509 C CA  . ASN A 73 ? 2.3574 1.6084 0.4931 -0.5926 -0.1888 0.1405  56 ASN A CA  
510 C C   . ASN A 73 ? 2.4959 1.6532 0.4742 -0.6296 -0.1714 0.0977  56 ASN A C   
511 O O   . ASN A 73 ? 2.5583 1.6905 0.5068 -0.6575 -0.2018 0.0795  56 ASN A O   
512 C CB  . ASN A 73 ? 2.2176 1.4890 0.4700 -0.5427 -0.1486 0.1162  56 ASN A CB  
513 N N   . GLY A 74 ? 2.5814 1.6836 0.4555 -0.6315 -0.1217 0.0818  57 GLY A N   
514 C CA  . GLY A 74 ? 2.7062 1.7069 0.4285 -0.6567 -0.0890 0.0338  57 GLY A CA  
515 C C   . GLY A 74 ? 2.8544 1.8041 0.4223 -0.7228 -0.1352 0.0378  57 GLY A C   
516 O O   . GLY A 74 ? 2.8681 1.8571 0.4196 -0.7498 -0.1823 0.0826  57 GLY A O   
517 N N   . LEU A 75 ? 2.9678 1.8248 0.4176 -0.7497 -0.1216 -0.0090 58 LEU A N   
518 C CA  . LEU A 75 ? 3.1540 1.9400 0.4289 -0.8160 -0.1549 -0.0164 58 LEU A CA  
519 C C   . LEU A 75 ? 3.1821 1.9948 0.4644 -0.8675 -0.2427 0.0041  58 LEU A C   
520 O O   . LEU A 75 ? 3.2661 2.0993 0.4885 -0.9157 -0.3016 0.0405  58 LEU A O   
521 C CB  . LEU A 75 ? 3.2935 1.9517 0.4205 -0.8217 -0.0921 -0.0801 58 LEU A CB  
522 C CG  . LEU A 75 ? 3.4862 2.0414 0.4076 -0.8925 -0.1168 -0.1034 58 LEU A CG  
523 C CD1 . LEU A 75 ? 3.5864 2.1497 0.4108 -0.9257 -0.1351 -0.0701 58 LEU A CD1 
524 C CD2 . LEU A 75 ? 3.6078 2.0331 0.4046 -0.8826 -0.0421 -0.1702 58 LEU A CD2 
525 N N   . HIS A 76 ? 3.1360 1.9482 0.4870 -0.8599 -0.2513 -0.0174 59 HIS A N   
526 C CA  . HIS A 76 ? 3.1582 1.9971 0.5215 -0.9099 -0.3309 0.0001  59 HIS A CA  
527 C C   . HIS A 76 ? 2.9981 1.9624 0.5578 -0.8778 -0.3687 0.0451  59 HIS A C   
528 O O   . HIS A 76 ? 2.8700 1.8772 0.5545 -0.8159 -0.3267 0.0443  59 HIS A O   
529 C CB  . HIS A 76 ? 3.2240 1.9707 0.5186 -0.9321 -0.3195 -0.0529 59 HIS A CB  
530 C CG  . HIS A 76 ? 3.3955 2.0000 0.4872 -0.9608 -0.2751 -0.1054 59 HIS A CG  
531 N ND1 . HIS A 76 ? 3.5422 2.1050 0.4871 -1.0027 -0.2852 -0.0987 59 HIS A ND1 
532 C CD2 . HIS A 76 ? 3.4694 1.9578 0.4784 -0.9526 -0.2190 -0.1667 59 HIS A CD2 
533 C CE1 . HIS A 76 ? 3.6927 2.1187 0.4679 -1.0191 -0.2345 -0.1554 59 HIS A CE1 
534 N NE2 . HIS A 76 ? 3.6681 2.0473 0.4838 -0.9872 -0.1937 -0.1966 59 HIS A NE2 
535 N N   . MET A 77 ? 3.0378 2.0622 0.6247 -0.9207 -0.4484 0.0854  60 MET A N   
536 C CA  . MET A 77 ? 2.8780 2.0228 0.6462 -0.8932 -0.4878 0.1313  60 MET A CA  
537 C C   . MET A 77 ? 2.8101 1.9605 0.6380 -0.9010 -0.5046 0.1126  60 MET A C   
538 O O   . MET A 77 ? 2.7049 1.8759 0.6425 -0.8498 -0.4671 0.0968  60 MET A O   
539 C CB  . MET A 77 ? 2.9156 2.1356 0.6912 -0.9307 -0.5642 0.1947  60 MET A CB  
# 
